data_3WRU
# 
_entry.id   3WRU 
# 
_audit_conform.dict_name       mmcif_pdbx.dic 
_audit_conform.dict_version    5.388 
_audit_conform.dict_location   http://mmcif.pdb.org/dictionaries/ascii/mmcif_pdbx.dic 
# 
loop_
_database_2.database_id 
_database_2.database_code 
_database_2.pdbx_database_accession 
_database_2.pdbx_DOI 
PDB   3WRU         pdb_00003wru 10.2210/pdb3wru/pdb 
NDB   NA2943       ?            ?                   
RCSB  RCSB096712   ?            ?                   
WWPDB D_1000096712 ?            ?                   
# 
loop_
_pdbx_audit_revision_history.ordinal 
_pdbx_audit_revision_history.data_content_type 
_pdbx_audit_revision_history.major_revision 
_pdbx_audit_revision_history.minor_revision 
_pdbx_audit_revision_history.revision_date 
1 'Structure model' 1 0 2014-11-05 
2 'Structure model' 1 1 2024-03-20 
# 
_pdbx_audit_revision_details.ordinal             1 
_pdbx_audit_revision_details.revision_ordinal    1 
_pdbx_audit_revision_details.data_content_type   'Structure model' 
_pdbx_audit_revision_details.provider            repository 
_pdbx_audit_revision_details.type                'Initial release' 
_pdbx_audit_revision_details.description         ? 
_pdbx_audit_revision_details.details             ? 
# 
loop_
_pdbx_audit_revision_group.ordinal 
_pdbx_audit_revision_group.revision_ordinal 
_pdbx_audit_revision_group.data_content_type 
_pdbx_audit_revision_group.group 
1 2 'Structure model' 'Data collection'      
2 2 'Structure model' 'Database references'  
3 2 'Structure model' 'Derived calculations' 
# 
loop_
_pdbx_audit_revision_category.ordinal 
_pdbx_audit_revision_category.revision_ordinal 
_pdbx_audit_revision_category.data_content_type 
_pdbx_audit_revision_category.category 
1 2 'Structure model' chem_comp_atom         
2 2 'Structure model' chem_comp_bond         
3 2 'Structure model' database_2             
4 2 'Structure model' pdbx_struct_conn_angle 
5 2 'Structure model' struct_conn            
6 2 'Structure model' struct_site            
# 
loop_
_pdbx_audit_revision_item.ordinal 
_pdbx_audit_revision_item.revision_ordinal 
_pdbx_audit_revision_item.data_content_type 
_pdbx_audit_revision_item.item 
1  2 'Structure model' '_database_2.pdbx_DOI'                        
2  2 'Structure model' '_database_2.pdbx_database_accession'         
3  2 'Structure model' '_pdbx_struct_conn_angle.ptnr1_auth_asym_id'  
4  2 'Structure model' '_pdbx_struct_conn_angle.ptnr1_auth_comp_id'  
5  2 'Structure model' '_pdbx_struct_conn_angle.ptnr1_auth_seq_id'   
6  2 'Structure model' '_pdbx_struct_conn_angle.ptnr1_label_asym_id' 
7  2 'Structure model' '_pdbx_struct_conn_angle.ptnr1_label_atom_id' 
8  2 'Structure model' '_pdbx_struct_conn_angle.ptnr1_label_comp_id' 
9  2 'Structure model' '_pdbx_struct_conn_angle.ptnr1_label_seq_id'  
10 2 'Structure model' '_pdbx_struct_conn_angle.ptnr3_auth_asym_id'  
11 2 'Structure model' '_pdbx_struct_conn_angle.ptnr3_auth_comp_id'  
12 2 'Structure model' '_pdbx_struct_conn_angle.ptnr3_auth_seq_id'   
13 2 'Structure model' '_pdbx_struct_conn_angle.ptnr3_label_asym_id' 
14 2 'Structure model' '_pdbx_struct_conn_angle.ptnr3_label_atom_id' 
15 2 'Structure model' '_pdbx_struct_conn_angle.ptnr3_label_comp_id' 
16 2 'Structure model' '_pdbx_struct_conn_angle.ptnr3_label_seq_id'  
17 2 'Structure model' '_pdbx_struct_conn_angle.value'               
18 2 'Structure model' '_struct_conn.pdbx_dist_value'                
19 2 'Structure model' '_struct_conn.ptnr1_auth_asym_id'             
20 2 'Structure model' '_struct_conn.ptnr1_auth_comp_id'             
21 2 'Structure model' '_struct_conn.ptnr1_auth_seq_id'              
22 2 'Structure model' '_struct_conn.ptnr1_label_asym_id'            
23 2 'Structure model' '_struct_conn.ptnr1_label_atom_id'            
24 2 'Structure model' '_struct_conn.ptnr1_label_comp_id'            
25 2 'Structure model' '_struct_conn.ptnr1_label_seq_id'             
26 2 'Structure model' '_struct_conn.ptnr2_auth_asym_id'             
27 2 'Structure model' '_struct_conn.ptnr2_auth_comp_id'             
28 2 'Structure model' '_struct_conn.ptnr2_auth_seq_id'              
29 2 'Structure model' '_struct_conn.ptnr2_label_asym_id'            
30 2 'Structure model' '_struct_conn.ptnr2_label_atom_id'            
31 2 'Structure model' '_struct_conn.ptnr2_label_comp_id'            
32 2 'Structure model' '_struct_site.pdbx_auth_asym_id'              
33 2 'Structure model' '_struct_site.pdbx_auth_comp_id'              
34 2 'Structure model' '_struct_site.pdbx_auth_seq_id'               
# 
_pdbx_database_status.status_code                     REL 
_pdbx_database_status.entry_id                        3WRU 
_pdbx_database_status.recvd_initial_deposition_date   2014-02-27 
_pdbx_database_status.deposit_site                    PDBJ 
_pdbx_database_status.process_site                    PDBJ 
_pdbx_database_status.methods_development_category    ? 
_pdbx_database_status.status_code_sf                  REL 
_pdbx_database_status.status_code_mr                  ? 
_pdbx_database_status.SG_entry                        ? 
_pdbx_database_status.status_code_cs                  ? 
_pdbx_database_status.pdb_format_compatible           Y 
_pdbx_database_status.status_code_nmr_data            ? 
# 
loop_
_audit_author.name 
_audit_author.pdbx_ordinal 
'Maianti, J.P.'   1 
'Kanazawa, H.'    2 
'Dozzo, P.'       3 
'Feeney, L.A.'    4 
'Armstrong, E.S.' 5 
'Kondo, J.'       6 
'Hanessian, S.'   7 
# 
_citation.id                        primary 
_citation.title                     
'Toxicity Modulation, Resistance Enzyme Evasion, and A-Site X-ray Structure of Broad-Spectrum Antibacterial Neomycin Analogs' 
_citation.journal_abbrev            'Acs Chem.Biol.' 
_citation.journal_volume            9 
_citation.page_first                2067 
_citation.page_last                 2073 
_citation.year                      2014 
_citation.journal_id_ASTM           ? 
_citation.country                   US 
_citation.journal_id_ISSN           1554-8929 
_citation.journal_id_CSD            ? 
_citation.book_publisher            ? 
_citation.pdbx_database_id_PubMed   25019242 
_citation.pdbx_database_id_DOI      10.1021/cb5003416 
# 
loop_
_citation_author.citation_id 
_citation_author.name 
_citation_author.ordinal 
_citation_author.identifier_ORCID 
primary 'Maianti, J.P.'     1  ? 
primary 'Kanazawa, H.'      2  ? 
primary 'Dozzo, P.'         3  ? 
primary 'Matias, R.D.'      4  ? 
primary 'Feeney, L.A.'      5  ? 
primary 'Armstrong, E.S.'   6  ? 
primary 'Hildebrandt, D.J.' 7  ? 
primary 'Kane, T.R.'        8  ? 
primary 'Gliedt, M.J.'      9  ? 
primary 'Goldblum, A.A.'    10 ? 
primary 'Linsell, M.S.'     11 ? 
primary 'Aggen, J.B.'       12 ? 
primary 'Kondo, J.'         13 ? 
primary 'Hanessian, S.'     14 ? 
# 
loop_
_entity.id 
_entity.type 
_entity.src_method 
_entity.pdbx_description 
_entity.formula_weight 
_entity.pdbx_number_of_molecules 
_entity.pdbx_ec 
_entity.pdbx_mutation 
_entity.pdbx_fragment 
_entity.details 
1 polymer     syn 
;RNA (5'-R(*UP*UP*GP*CP*GP*UP*CP*AP*CP*GP*CP*CP*GP*GP*CP*GP*AP*AP*GP*UP*CP*GP*C)-3')
;
7370.424 2  ? ? ? ? 
2 non-polymer syn 
;(2R,3R)-4-amino-N-[(1R,2S,3R,4R,5S)-5-amino-4-[(2,6-diamino-2,3,4,6-tetradeoxy-alpha-D-erythro-hexopyranosyl)oxy]-3-{[3-O-(2,6-diamino-2,3,4,6-tetradeoxy-beta-L-threo-hexopyranosyl)-beta-D-ribofuranosyl]oxy}-2-hydroxycyclohexyl]-3-fluoro-2-hydroxybutanamide
;
669.740  2  ? ? ? ? 
3 non-polymer syn 'POTASSIUM ION' 39.098   1  ? ? ? ? 
4 water       nat water 18.015   54 ? ? ? ? 
# 
_entity_poly.entity_id                      1 
_entity_poly.type                           polyribonucleotide 
_entity_poly.nstd_linkage                   no 
_entity_poly.nstd_monomer                   no 
_entity_poly.pdbx_seq_one_letter_code       UUGCGUCACGCCGGCGAAGUCGC 
_entity_poly.pdbx_seq_one_letter_code_can   UUGCGUCACGCCGGCGAAGUCGC 
_entity_poly.pdbx_strand_id                 A,B 
_entity_poly.pdbx_target_identifier         ? 
# 
loop_
_pdbx_entity_nonpoly.entity_id 
_pdbx_entity_nonpoly.name 
_pdbx_entity_nonpoly.comp_id 
2 
;(2R,3R)-4-amino-N-[(1R,2S,3R,4R,5S)-5-amino-4-[(2,6-diamino-2,3,4,6-tetradeoxy-alpha-D-erythro-hexopyranosyl)oxy]-3-{[3-O-(2,6-diamino-2,3,4,6-tetradeoxy-beta-L-threo-hexopyranosyl)-beta-D-ribofuranosyl]oxy}-2-hydroxycyclohexyl]-3-fluoro-2-hydroxybutanamide
;
SJP 
3 'POTASSIUM ION' K   
4 water HOH 
# 
loop_
_entity_poly_seq.entity_id 
_entity_poly_seq.num 
_entity_poly_seq.mon_id 
_entity_poly_seq.hetero 
1 1  U n 
1 2  U n 
1 3  G n 
1 4  C n 
1 5  G n 
1 6  U n 
1 7  C n 
1 8  A n 
1 9  C n 
1 10 G n 
1 11 C n 
1 12 C n 
1 13 G n 
1 14 G n 
1 15 C n 
1 16 G n 
1 17 A n 
1 18 A n 
1 19 G n 
1 20 U n 
1 21 C n 
1 22 G n 
1 23 C n 
# 
loop_
_chem_comp.id 
_chem_comp.type 
_chem_comp.mon_nstd_flag 
_chem_comp.name 
_chem_comp.pdbx_synonyms 
_chem_comp.formula 
_chem_comp.formula_weight 
A   'RNA linking' y "ADENOSINE-5'-MONOPHOSPHATE" ? 'C10 H14 N5 O7 P'  347.221 
C   'RNA linking' y "CYTIDINE-5'-MONOPHOSPHATE" ? 'C9 H14 N3 O8 P'   323.197 
G   'RNA linking' y "GUANOSINE-5'-MONOPHOSPHATE" ? 'C10 H14 N5 O8 P'  363.221 
HOH non-polymer   . WATER ? 'H2 O'             18.015  
K   non-polymer   . 'POTASSIUM ION' ? 'K 1'              39.098  
SJP non-polymer   . 
;(2R,3R)-4-amino-N-[(1R,2S,3R,4R,5S)-5-amino-4-[(2,6-diamino-2,3,4,6-tetradeoxy-alpha-D-erythro-hexopyranosyl)oxy]-3-{[3-O-(2,6-diamino-2,3,4,6-tetradeoxy-beta-L-threo-hexopyranosyl)-beta-D-ribofuranosyl]oxy}-2-hydroxycyclohexyl]-3-fluoro-2-hydroxybutanamide
;
? 'C27 H52 F N7 O11' 669.740 
U   'RNA linking' y "URIDINE-5'-MONOPHOSPHATE" ? 'C9 H13 N2 O9 P'   324.181 
# 
loop_
_pdbx_poly_seq_scheme.asym_id 
_pdbx_poly_seq_scheme.entity_id 
_pdbx_poly_seq_scheme.seq_id 
_pdbx_poly_seq_scheme.mon_id 
_pdbx_poly_seq_scheme.ndb_seq_num 
_pdbx_poly_seq_scheme.pdb_seq_num 
_pdbx_poly_seq_scheme.auth_seq_num 
_pdbx_poly_seq_scheme.pdb_mon_id 
_pdbx_poly_seq_scheme.auth_mon_id 
_pdbx_poly_seq_scheme.pdb_strand_id 
_pdbx_poly_seq_scheme.pdb_ins_code 
_pdbx_poly_seq_scheme.hetero 
A 1 1  U 1  1  ?  ? ? A . n 
A 1 2  U 2  2  ?  ? ? A . n 
A 1 3  G 3  3  3  G G A . n 
A 1 4  C 4  4  4  C C A . n 
A 1 5  G 5  5  5  G G A . n 
A 1 6  U 6  6  6  U U A . n 
A 1 7  C 7  7  7  C C A . n 
A 1 8  A 8  8  8  A A A . n 
A 1 9  C 9  9  9  C C A . n 
A 1 10 G 10 10 10 G G A . n 
A 1 11 C 11 11 11 C C A . n 
A 1 12 C 12 12 12 C C A . n 
A 1 13 G 13 13 13 G G A . n 
A 1 14 G 14 14 14 G G A . n 
A 1 15 C 15 15 15 C C A . n 
A 1 16 G 16 16 16 G G A . n 
A 1 17 A 17 17 17 A A A . n 
A 1 18 A 18 18 18 A A A . n 
A 1 19 G 19 19 19 G G A . n 
A 1 20 U 20 20 20 U U A . n 
A 1 21 C 21 21 21 C C A . n 
A 1 22 G 22 22 22 G G A . n 
A 1 23 C 23 23 23 C C A . n 
B 1 1  U 1  24 ?  ? ? B . n 
B 1 2  U 2  25 ?  ? ? B . n 
B 1 3  G 3  26 26 G G B . n 
B 1 4  C 4  27 27 C C B . n 
B 1 5  G 5  28 28 G G B . n 
B 1 6  U 6  29 29 U U B . n 
B 1 7  C 7  30 30 C C B . n 
B 1 8  A 8  31 31 A A B . n 
B 1 9  C 9  32 32 C C B . n 
B 1 10 G 10 33 33 G G B . n 
B 1 11 C 11 34 34 C C B . n 
B 1 12 C 12 35 35 C C B . n 
B 1 13 G 13 36 36 G G B . n 
B 1 14 G 14 37 37 G G B . n 
B 1 15 C 15 38 38 C C B . n 
B 1 16 G 16 39 39 G G B . n 
B 1 17 A 17 40 40 A A B . n 
B 1 18 A 18 41 41 A A B . n 
B 1 19 G 19 42 42 G G B . n 
B 1 20 U 20 43 43 U U B . n 
B 1 21 C 21 44 44 C C B . n 
B 1 22 G 22 45 45 G G B . n 
B 1 23 C 23 46 46 C C B . n 
# 
loop_
_pdbx_nonpoly_scheme.asym_id 
_pdbx_nonpoly_scheme.entity_id 
_pdbx_nonpoly_scheme.mon_id 
_pdbx_nonpoly_scheme.ndb_seq_num 
_pdbx_nonpoly_scheme.pdb_seq_num 
_pdbx_nonpoly_scheme.auth_seq_num 
_pdbx_nonpoly_scheme.pdb_mon_id 
_pdbx_nonpoly_scheme.auth_mon_id 
_pdbx_nonpoly_scheme.pdb_strand_id 
_pdbx_nonpoly_scheme.pdb_ins_code 
C 2 SJP 1  101 51  SJP 177 A . 
D 2 SJP 1  101 50  SJP 177 B . 
E 3 K   1  102 61  K   K   B . 
F 4 HOH 1  201 101 HOH HOH A . 
F 4 HOH 2  202 102 HOH HOH A . 
F 4 HOH 3  203 107 HOH HOH A . 
F 4 HOH 4  204 111 HOH HOH A . 
F 4 HOH 5  205 115 HOH HOH A . 
F 4 HOH 6  206 116 HOH HOH A . 
F 4 HOH 7  207 120 HOH HOH A . 
F 4 HOH 8  208 123 HOH HOH A . 
F 4 HOH 9  209 124 HOH HOH A . 
F 4 HOH 10 210 125 HOH HOH A . 
F 4 HOH 11 211 131 HOH HOH A . 
F 4 HOH 12 212 132 HOH HOH A . 
F 4 HOH 13 213 133 HOH HOH A . 
F 4 HOH 14 214 134 HOH HOH A . 
F 4 HOH 15 215 135 HOH HOH A . 
F 4 HOH 16 216 138 HOH HOH A . 
F 4 HOH 17 217 139 HOH HOH A . 
F 4 HOH 18 218 141 HOH HOH A . 
F 4 HOH 19 219 142 HOH HOH A . 
F 4 HOH 20 220 145 HOH HOH A . 
F 4 HOH 21 221 146 HOH HOH A . 
F 4 HOH 22 222 147 HOH HOH A . 
F 4 HOH 23 223 148 HOH HOH A . 
F 4 HOH 24 224 150 HOH HOH A . 
F 4 HOH 25 225 154 HOH HOH A . 
G 4 HOH 1  201 103 HOH HOH B . 
G 4 HOH 2  202 104 HOH HOH B . 
G 4 HOH 3  203 105 HOH HOH B . 
G 4 HOH 4  204 106 HOH HOH B . 
G 4 HOH 5  205 108 HOH HOH B . 
G 4 HOH 6  206 109 HOH HOH B . 
G 4 HOH 7  207 110 HOH HOH B . 
G 4 HOH 8  208 112 HOH HOH B . 
G 4 HOH 9  209 113 HOH HOH B . 
G 4 HOH 10 210 114 HOH HOH B . 
G 4 HOH 11 211 117 HOH HOH B . 
G 4 HOH 12 212 118 HOH HOH B . 
G 4 HOH 13 213 119 HOH HOH B . 
G 4 HOH 14 214 121 HOH HOH B . 
G 4 HOH 15 215 122 HOH HOH B . 
G 4 HOH 16 216 126 HOH HOH B . 
G 4 HOH 17 217 127 HOH HOH B . 
G 4 HOH 18 218 128 HOH HOH B . 
G 4 HOH 19 219 129 HOH HOH B . 
G 4 HOH 20 220 130 HOH HOH B . 
G 4 HOH 21 221 136 HOH HOH B . 
G 4 HOH 22 222 137 HOH HOH B . 
G 4 HOH 23 223 140 HOH HOH B . 
G 4 HOH 24 224 143 HOH HOH B . 
G 4 HOH 25 225 144 HOH HOH B . 
G 4 HOH 26 226 149 HOH HOH B . 
G 4 HOH 27 227 151 HOH HOH B . 
G 4 HOH 28 228 152 HOH HOH B . 
G 4 HOH 29 229 153 HOH HOH B . 
# 
loop_
_software.name 
_software.classification 
_software.version 
_software.citation_id 
_software.pdbx_ordinal 
PHENIX       'model building' . ? 1 
CNS          refinement       . ? 2 
CrystalClear 'data reduction' . ? 3 
CrystalClear 'data scaling'   . ? 4 
PHENIX       phasing          . ? 5 
# 
_cell.entry_id           3WRU 
_cell.length_a           46.554 
_cell.length_b           32.602 
_cell.length_c           51.413 
_cell.angle_alpha        90.00 
_cell.angle_beta         108.50 
_cell.angle_gamma        90.00 
_cell.Z_PDB              4 
_cell.pdbx_unique_axis   ? 
_cell.length_a_esd       ? 
_cell.length_b_esd       ? 
_cell.length_c_esd       ? 
_cell.angle_alpha_esd    ? 
_cell.angle_beta_esd     ? 
_cell.angle_gamma_esd    ? 
# 
_symmetry.entry_id                         3WRU 
_symmetry.space_group_name_H-M             'P 1 21 1' 
_symmetry.pdbx_full_space_group_name_H-M   ? 
_symmetry.cell_setting                     ? 
_symmetry.Int_Tables_number                4 
_symmetry.space_group_name_Hall            ? 
# 
_exptl.entry_id          3WRU 
_exptl.method            'X-RAY DIFFRACTION' 
_exptl.crystals_number   1 
# 
_exptl_crystal.id                    1 
_exptl_crystal.density_meas          ? 
_exptl_crystal.density_Matthews      2.51 
_exptl_crystal.density_percent_sol   51.00 
_exptl_crystal.description           ? 
_exptl_crystal.F_000                 ? 
_exptl_crystal.preparation           ? 
# 
_exptl_crystal_grow.crystal_id      1 
_exptl_crystal_grow.method          'VAPOR DIFFUSION, HANGING DROP' 
_exptl_crystal_grow.temp            293 
_exptl_crystal_grow.temp_details    ? 
_exptl_crystal_grow.pH              7.0 
_exptl_crystal_grow.pdbx_details    'Na Cacodylate, Spermine, KCl, MPD, pH 7.0, VAPOR DIFFUSION, HANGING DROP, temperature 293K' 
_exptl_crystal_grow.pdbx_pH_range   ? 
# 
_diffrn.id                     1 
_diffrn.ambient_temp           100 
_diffrn.ambient_temp_details   ? 
_diffrn.crystal_id             1 
# 
_diffrn_detector.diffrn_id              1 
_diffrn_detector.detector               CCD 
_diffrn_detector.type                   'ADSC QUANTUM 315r' 
_diffrn_detector.pdbx_collection_date   2013-10-27 
_diffrn_detector.details                ? 
# 
_diffrn_radiation.diffrn_id                        1 
_diffrn_radiation.wavelength_id                    1 
_diffrn_radiation.pdbx_monochromatic_or_laue_m_l   M 
_diffrn_radiation.monochromator                    ? 
_diffrn_radiation.pdbx_diffrn_protocol             'SINGLE WAVELENGTH' 
_diffrn_radiation.pdbx_scattering_type             x-ray 
# 
_diffrn_radiation_wavelength.id           1 
_diffrn_radiation_wavelength.wavelength   . 
_diffrn_radiation_wavelength.wt           1.0 
# 
_diffrn_source.diffrn_id                   1 
_diffrn_source.source                      SYNCHROTRON 
_diffrn_source.type                        'PHOTON FACTORY BEAMLINE BL-5A' 
_diffrn_source.pdbx_synchrotron_site       'Photon Factory' 
_diffrn_source.pdbx_synchrotron_beamline   BL-5A 
_diffrn_source.pdbx_wavelength             ? 
_diffrn_source.pdbx_wavelength_list        ? 
# 
_reflns.entry_id                     3WRU 
_reflns.observed_criterion_sigma_I   ? 
_reflns.observed_criterion_sigma_F   ? 
_reflns.d_resolution_low             39.7 
_reflns.d_resolution_high            2.3 
_reflns.number_obs                   6668 
_reflns.number_all                   ? 
_reflns.percent_possible_obs         ? 
_reflns.pdbx_Rmerge_I_obs            ? 
_reflns.pdbx_Rsym_value              0.054 
_reflns.pdbx_netI_over_sigmaI        ? 
_reflns.B_iso_Wilson_estimate        ? 
_reflns.pdbx_redundancy              3.5 
_reflns.R_free_details               ? 
_reflns.limit_h_max                  ? 
_reflns.limit_h_min                  ? 
_reflns.limit_k_max                  ? 
_reflns.limit_k_min                  ? 
_reflns.limit_l_max                  ? 
_reflns.limit_l_min                  ? 
_reflns.observed_criterion_F_max     ? 
_reflns.observed_criterion_F_min     ? 
_reflns.pdbx_chi_squared             ? 
_reflns.pdbx_scaling_rejects         ? 
_reflns.pdbx_ordinal                 1 
_reflns.pdbx_diffrn_id               1 
# 
_refine.entry_id                                 3WRU 
_refine.ls_number_reflns_obs                     6668 
_refine.ls_number_reflns_all                     ? 
_refine.pdbx_ls_sigma_I                          ? 
_refine.pdbx_ls_sigma_F                          ? 
_refine.pdbx_data_cutoff_high_absF               ? 
_refine.pdbx_data_cutoff_low_absF                ? 
_refine.pdbx_data_cutoff_high_rms_absF           ? 
_refine.ls_d_res_low                             39.7 
_refine.ls_d_res_high                            2.3 
_refine.ls_percent_reflns_obs                    99.5000 
_refine.ls_R_factor_obs                          ? 
_refine.ls_R_factor_all                          ? 
_refine.ls_R_factor_R_work                       0.249 
_refine.ls_R_factor_R_free                       0.262 
_refine.ls_R_factor_R_free_error                 ? 
_refine.ls_R_factor_R_free_error_details         ? 
_refine.ls_percent_reflns_R_free                 10.8000 
_refine.ls_number_reflns_R_free                  725 
_refine.ls_number_parameters                     ? 
_refine.ls_number_restraints                     ? 
_refine.occupancy_min                            ? 
_refine.occupancy_max                            ? 
_refine.correlation_coeff_Fo_to_Fc               ? 
_refine.correlation_coeff_Fo_to_Fc_free          ? 
_refine.B_iso_mean                               45.5479 
_refine.solvent_model_param_bsol                 44.9182 
_refine.solvent_model_param_ksol                 ? 
_refine.aniso_B[1][1]                            -5.1360 
_refine.aniso_B[2][2]                            3.2680 
_refine.aniso_B[3][3]                            1.8690 
_refine.aniso_B[1][2]                            0.0000 
_refine.aniso_B[1][3]                            5.7770 
_refine.aniso_B[2][3]                            0.0000 
_refine.pdbx_solvent_vdw_probe_radii             ? 
_refine.pdbx_solvent_ion_probe_radii             ? 
_refine.pdbx_solvent_shrinkage_radii             ? 
_refine.pdbx_ls_cross_valid_method               ? 
_refine.details                                  ? 
_refine.pdbx_starting_model                      ? 
_refine.pdbx_method_to_determine_struct          'MOLECULAR REPLACEMENT' 
_refine.pdbx_isotropic_thermal_model             ? 
_refine.pdbx_stereochemistry_target_values       ? 
_refine.pdbx_stereochem_target_val_spec_case     ? 
_refine.pdbx_R_Free_selection_details            ? 
_refine.pdbx_overall_ESU_R                       ? 
_refine.pdbx_overall_ESU_R_Free                  ? 
_refine.overall_SU_ML                            ? 
_refine.pdbx_overall_phase_error                 ? 
_refine.overall_SU_B                             ? 
_refine.overall_SU_R_Cruickshank_DPI             ? 
_refine.ls_redundancy_reflns_obs                 ? 
_refine.B_iso_max                                80.510 
_refine.B_iso_min                                23.920 
_refine.overall_SU_R_free                        ? 
_refine.ls_wR_factor_R_free                      ? 
_refine.ls_wR_factor_R_work                      ? 
_refine.overall_FOM_free_R_set                   ? 
_refine.overall_FOM_work_R_set                   ? 
_refine.solvent_model_details                    ? 
_refine.pdbx_diffrn_id                           1 
_refine.pdbx_refine_id                           'X-RAY DIFFRACTION' 
_refine.pdbx_TLS_residual_ADP_flag               ? 
_refine.pdbx_overall_SU_R_free_Cruickshank_DPI   ? 
_refine.pdbx_overall_SU_R_Blow_DPI               ? 
_refine.pdbx_overall_SU_R_free_Blow_DPI          ? 
# 
_refine_hist.pdbx_refine_id                   'X-RAY DIFFRACTION' 
_refine_hist.cycle_id                         LAST 
_refine_hist.pdbx_number_atoms_protein        0 
_refine_hist.pdbx_number_atoms_nucleic_acid   900 
_refine_hist.pdbx_number_atoms_ligand         93 
_refine_hist.number_atoms_solvent             54 
_refine_hist.number_atoms_total               1047 
_refine_hist.d_res_high                       2.3 
_refine_hist.d_res_low                        39.7 
# 
loop_
_refine_ls_restr.pdbx_refine_id 
_refine_ls_restr.type 
_refine_ls_restr.number 
_refine_ls_restr.dev_ideal 
_refine_ls_restr.dev_ideal_target 
_refine_ls_restr.weight 
_refine_ls_restr.pdbx_restraint_function 
'X-RAY DIFFRACTION' c_bond_d     ? 0.005 ?     ? ? 
'X-RAY DIFFRACTION' c_angle_d    ? 0.921 ?     ? ? 
'X-RAY DIFFRACTION' c_mcbond_it  ? 0.000 1.500 ? ? 
'X-RAY DIFFRACTION' c_scbond_it  ? 1.489 2.000 ? ? 
'X-RAY DIFFRACTION' c_mcangle_it ? 0.000 2.000 ? ? 
'X-RAY DIFFRACTION' c_scangle_it ? 2.199 2.500 ? ? 
# 
loop_
_refine_ls_shell.d_res_high 
_refine_ls_shell.d_res_low 
_refine_ls_shell.pdbx_total_number_of_bins_used 
_refine_ls_shell.percent_reflns_obs 
_refine_ls_shell.number_reflns_R_work 
_refine_ls_shell.R_factor_all 
_refine_ls_shell.R_factor_R_work 
_refine_ls_shell.R_factor_R_free 
_refine_ls_shell.percent_reflns_R_free 
_refine_ls_shell.number_reflns_R_free 
_refine_ls_shell.R_factor_R_free_error 
_refine_ls_shell.number_reflns_all 
_refine_ls_shell.number_reflns_obs 
_refine_ls_shell.pdbx_refine_id 
_refine_ls_shell.redundancy_reflns_obs 
2.3000 2.3800   10 100.0000 568 . 0.3908 0.3731 . 69 . 637 . 'X-RAY DIFFRACTION' . 
2.3800 2.4800   10 100.0000 619 . 0.4354 0.5219 . 65 . 684 . 'X-RAY DIFFRACTION' . 
2.4800 2.5900   10 100.0000 608 . 0.4188 0.4526 . 49 . 657 . 'X-RAY DIFFRACTION' . 
2.5900 2.7300   10 100.0000 602 . 0.3535 0.3128 . 66 . 668 . 'X-RAY DIFFRACTION' . 
2.7300 2.9000   10 100.0000 585 . 0.3258 0.3661 . 77 . 662 . 'X-RAY DIFFRACTION' . 
2.9000 3.1200   10 100.0000 569 . 0.2901 0.3107 . 85 . 654 . 'X-RAY DIFFRACTION' . 
3.1200 3.4400   10 99.6000  583 . 0.2566 0.3152 . 85 . 668 . 'X-RAY DIFFRACTION' . 
3.4400 3.9300   10 100.0000 607 . 0.2226 0.2380 . 71 . 678 . 'X-RAY DIFFRACTION' . 
3.9300 4.9600   10 99.4000  594 . 0.1738 0.1663 . 76 . 670 . 'X-RAY DIFFRACTION' . 
4.9600 100.0000 10 96.4000  608 . 0.1919 0.2038 . 82 . 690 . 'X-RAY DIFFRACTION' . 
# 
_struct.entry_id                  3WRU 
_struct.title                     
'Crystal structure of the bacterial ribosomal decoding site in complex with synthetic aminoglycoside with F-HABA group' 
_struct.pdbx_model_details        ? 
_struct.pdbx_CASP_flag            ? 
_struct.pdbx_model_type_details   ? 
# 
_struct_keywords.entry_id        3WRU 
_struct_keywords.pdbx_keywords   RNA/antibiotic 
_struct_keywords.text            'ribosomal RNA, aminoglycoside, RNA-antibiotic complex' 
# 
loop_
_struct_asym.id 
_struct_asym.pdbx_blank_PDB_chainid_flag 
_struct_asym.pdbx_modified 
_struct_asym.entity_id 
_struct_asym.details 
A N N 1 ? 
B N N 1 ? 
C N N 2 ? 
D N N 2 ? 
E N N 3 ? 
F N N 4 ? 
G N N 4 ? 
# 
_struct_ref.id                         1 
_struct_ref.db_name                    PDB 
_struct_ref.db_code                    3WRU 
_struct_ref.pdbx_db_accession          3WRU 
_struct_ref.entity_id                  1 
_struct_ref.pdbx_align_begin           ? 
_struct_ref.pdbx_seq_one_letter_code   ? 
_struct_ref.pdbx_db_isoform            ? 
# 
loop_
_struct_ref_seq.align_id 
_struct_ref_seq.ref_id 
_struct_ref_seq.pdbx_PDB_id_code 
_struct_ref_seq.pdbx_strand_id 
_struct_ref_seq.seq_align_beg 
_struct_ref_seq.pdbx_seq_align_beg_ins_code 
_struct_ref_seq.seq_align_end 
_struct_ref_seq.pdbx_seq_align_end_ins_code 
_struct_ref_seq.pdbx_db_accession 
_struct_ref_seq.db_align_beg 
_struct_ref_seq.pdbx_db_align_beg_ins_code 
_struct_ref_seq.db_align_end 
_struct_ref_seq.pdbx_db_align_end_ins_code 
_struct_ref_seq.pdbx_auth_seq_align_beg 
_struct_ref_seq.pdbx_auth_seq_align_end 
1 1 3WRU A 1 ? 23 ? 3WRU 1  ? 23 ? 1  23 
2 1 3WRU B 1 ? 23 ? 3WRU 24 ? 46 ? 24 46 
# 
_pdbx_struct_assembly.id                   1 
_pdbx_struct_assembly.details              author_and_software_defined_assembly 
_pdbx_struct_assembly.method_details       PISA 
_pdbx_struct_assembly.oligomeric_details   dimeric 
_pdbx_struct_assembly.oligomeric_count     2 
# 
loop_
_pdbx_struct_assembly_prop.biol_id 
_pdbx_struct_assembly_prop.type 
_pdbx_struct_assembly_prop.value 
_pdbx_struct_assembly_prop.details 
1 'ABSA (A^2)' 2640 ? 
1 MORE         -14  ? 
1 'SSA (A^2)'  8150 ? 
# 
_pdbx_struct_assembly_gen.assembly_id       1 
_pdbx_struct_assembly_gen.oper_expression   1 
_pdbx_struct_assembly_gen.asym_id_list      A,B,C,D,E,F,G 
# 
_pdbx_struct_oper_list.id                   1 
_pdbx_struct_oper_list.type                 'identity operation' 
_pdbx_struct_oper_list.name                 1_555 
_pdbx_struct_oper_list.symmetry_operation   x,y,z 
_pdbx_struct_oper_list.matrix[1][1]         1.0000000000 
_pdbx_struct_oper_list.matrix[1][2]         0.0000000000 
_pdbx_struct_oper_list.matrix[1][3]         0.0000000000 
_pdbx_struct_oper_list.vector[1]            0.0000000000 
_pdbx_struct_oper_list.matrix[2][1]         0.0000000000 
_pdbx_struct_oper_list.matrix[2][2]         1.0000000000 
_pdbx_struct_oper_list.matrix[2][3]         0.0000000000 
_pdbx_struct_oper_list.vector[2]            0.0000000000 
_pdbx_struct_oper_list.matrix[3][1]         0.0000000000 
_pdbx_struct_oper_list.matrix[3][2]         0.0000000000 
_pdbx_struct_oper_list.matrix[3][3]         1.0000000000 
_pdbx_struct_oper_list.vector[3]            0.0000000000 
# 
_struct_biol.id        1 
_struct_biol.details   ? 
# 
loop_
_struct_conn.id 
_struct_conn.conn_type_id 
_struct_conn.pdbx_leaving_atom_flag 
_struct_conn.pdbx_PDB_id 
_struct_conn.ptnr1_label_asym_id 
_struct_conn.ptnr1_label_comp_id 
_struct_conn.ptnr1_label_seq_id 
_struct_conn.ptnr1_label_atom_id 
_struct_conn.pdbx_ptnr1_label_alt_id 
_struct_conn.pdbx_ptnr1_PDB_ins_code 
_struct_conn.pdbx_ptnr1_standard_comp_id 
_struct_conn.ptnr1_symmetry 
_struct_conn.ptnr2_label_asym_id 
_struct_conn.ptnr2_label_comp_id 
_struct_conn.ptnr2_label_seq_id 
_struct_conn.ptnr2_label_atom_id 
_struct_conn.pdbx_ptnr2_label_alt_id 
_struct_conn.pdbx_ptnr2_PDB_ins_code 
_struct_conn.ptnr1_auth_asym_id 
_struct_conn.ptnr1_auth_comp_id 
_struct_conn.ptnr1_auth_seq_id 
_struct_conn.ptnr2_auth_asym_id 
_struct_conn.ptnr2_auth_comp_id 
_struct_conn.ptnr2_auth_seq_id 
_struct_conn.ptnr2_symmetry 
_struct_conn.pdbx_ptnr3_label_atom_id 
_struct_conn.pdbx_ptnr3_label_seq_id 
_struct_conn.pdbx_ptnr3_label_comp_id 
_struct_conn.pdbx_ptnr3_label_asym_id 
_struct_conn.pdbx_ptnr3_label_alt_id 
_struct_conn.pdbx_ptnr3_PDB_ins_code 
_struct_conn.details 
_struct_conn.pdbx_dist_value 
_struct_conn.pdbx_value_order 
_struct_conn.pdbx_role 
metalc1  metalc ? ? F HOH .  O  ? ? ? 1_555 E K   .  K  ? ? A HOH 203 B K   102 1_555 ? ? ? ? ? ? ?             3.195 ? ? 
metalc2  metalc ? ? F HOH .  O  ? ? ? 1_555 E K   .  K  ? ? A HOH 213 B K   102 1_555 ? ? ? ? ? ? ?             3.229 ? ? 
metalc3  metalc ? ? F HOH .  O  ? ? ? 1_555 E K   .  K  ? ? A HOH 220 B K   102 1_555 ? ? ? ? ? ? ?             3.142 ? ? 
metalc4  metalc ? ? B G   14 O6 ? ? ? 1_555 E K   .  K  ? ? B G   37  B K   102 1_555 ? ? ? ? ? ? ?             3.232 ? ? 
metalc5  metalc ? ? E K   .  K  ? ? ? 1_555 G HOH .  O  ? ? B K   102 B HOH 229 1_555 ? ? ? ? ? ? ?             3.127 ? ? 
hydrog1  hydrog ? ? A G   3  N1 ? ? ? 1_555 B C   23 N3 ? ? A G   3   B C   46  1_555 ? ? ? ? ? ? WATSON-CRICK  ?     ? ? 
hydrog2  hydrog ? ? A G   3  N2 ? ? ? 1_555 B C   23 O2 ? ? A G   3   B C   46  1_555 ? ? ? ? ? ? WATSON-CRICK  ?     ? ? 
hydrog3  hydrog ? ? A G   3  O6 ? ? ? 1_555 B C   23 N4 ? ? A G   3   B C   46  1_555 ? ? ? ? ? ? WATSON-CRICK  ?     ? ? 
hydrog4  hydrog ? ? A C   4  N3 ? ? ? 1_555 B G   22 N1 ? ? A C   4   B G   45  1_555 ? ? ? ? ? ? WATSON-CRICK  ?     ? ? 
hydrog5  hydrog ? ? A C   4  N4 ? ? ? 1_555 B G   22 O6 ? ? A C   4   B G   45  1_555 ? ? ? ? ? ? WATSON-CRICK  ?     ? ? 
hydrog6  hydrog ? ? A C   4  O2 ? ? ? 1_555 B G   22 N2 ? ? A C   4   B G   45  1_555 ? ? ? ? ? ? WATSON-CRICK  ?     ? ? 
hydrog7  hydrog ? ? A G   5  N1 ? ? ? 1_555 B C   21 N3 ? ? A G   5   B C   44  1_555 ? ? ? ? ? ? WATSON-CRICK  ?     ? ? 
hydrog8  hydrog ? ? A G   5  N2 ? ? ? 1_555 B C   21 O2 ? ? A G   5   B C   44  1_555 ? ? ? ? ? ? WATSON-CRICK  ?     ? ? 
hydrog9  hydrog ? ? A G   5  O6 ? ? ? 1_555 B C   21 N4 ? ? A G   5   B C   44  1_555 ? ? ? ? ? ? WATSON-CRICK  ?     ? ? 
hydrog10 hydrog ? ? A U   6  O4 ? ? ? 1_555 B U   20 N3 ? ? A U   6   B U   43  1_555 ? ? ? ? ? ? 'U-U MISPAIR' ?     ? ? 
hydrog11 hydrog ? ? A C   7  N3 ? ? ? 1_555 B G   19 N1 ? ? A C   7   B G   42  1_555 ? ? ? ? ? ? WATSON-CRICK  ?     ? ? 
hydrog12 hydrog ? ? A C   7  N4 ? ? ? 1_555 B G   19 O6 ? ? A C   7   B G   42  1_555 ? ? ? ? ? ? WATSON-CRICK  ?     ? ? 
hydrog13 hydrog ? ? A C   7  O2 ? ? ? 1_555 B G   19 N2 ? ? A C   7   B G   42  1_555 ? ? ? ? ? ? WATSON-CRICK  ?     ? ? 
hydrog14 hydrog ? ? A C   9  N3 ? ? ? 1_555 B G   16 N1 ? ? A C   9   B G   39  1_555 ? ? ? ? ? ? WATSON-CRICK  ?     ? ? 
hydrog15 hydrog ? ? A C   9  N4 ? ? ? 1_555 B G   16 O6 ? ? A C   9   B G   39  1_555 ? ? ? ? ? ? WATSON-CRICK  ?     ? ? 
hydrog16 hydrog ? ? A C   9  O2 ? ? ? 1_555 B G   16 N2 ? ? A C   9   B G   39  1_555 ? ? ? ? ? ? WATSON-CRICK  ?     ? ? 
hydrog17 hydrog ? ? A G   10 N1 ? ? ? 1_555 B C   15 N3 ? ? A G   10  B C   38  1_555 ? ? ? ? ? ? WATSON-CRICK  ?     ? ? 
hydrog18 hydrog ? ? A G   10 N2 ? ? ? 1_555 B C   15 O2 ? ? A G   10  B C   38  1_555 ? ? ? ? ? ? WATSON-CRICK  ?     ? ? 
hydrog19 hydrog ? ? A G   10 O6 ? ? ? 1_555 B C   15 N4 ? ? A G   10  B C   38  1_555 ? ? ? ? ? ? WATSON-CRICK  ?     ? ? 
hydrog20 hydrog ? ? A C   11 N3 ? ? ? 1_555 B G   14 N1 ? ? A C   11  B G   37  1_555 ? ? ? ? ? ? WATSON-CRICK  ?     ? ? 
hydrog21 hydrog ? ? A C   11 N4 ? ? ? 1_555 B G   14 O6 ? ? A C   11  B G   37  1_555 ? ? ? ? ? ? WATSON-CRICK  ?     ? ? 
hydrog22 hydrog ? ? A C   11 O2 ? ? ? 1_555 B G   14 N2 ? ? A C   11  B G   37  1_555 ? ? ? ? ? ? WATSON-CRICK  ?     ? ? 
hydrog23 hydrog ? ? A C   12 N3 ? ? ? 1_555 B G   13 N1 ? ? A C   12  B G   36  1_555 ? ? ? ? ? ? WATSON-CRICK  ?     ? ? 
hydrog24 hydrog ? ? A C   12 N4 ? ? ? 1_555 B G   13 O6 ? ? A C   12  B G   36  1_555 ? ? ? ? ? ? WATSON-CRICK  ?     ? ? 
hydrog25 hydrog ? ? A C   12 O2 ? ? ? 1_555 B G   13 N2 ? ? A C   12  B G   36  1_555 ? ? ? ? ? ? WATSON-CRICK  ?     ? ? 
hydrog26 hydrog ? ? A G   13 N1 ? ? ? 1_555 B C   12 N3 ? ? A G   13  B C   35  1_555 ? ? ? ? ? ? WATSON-CRICK  ?     ? ? 
hydrog27 hydrog ? ? A G   13 N2 ? ? ? 1_555 B C   12 O2 ? ? A G   13  B C   35  1_555 ? ? ? ? ? ? WATSON-CRICK  ?     ? ? 
hydrog28 hydrog ? ? A G   13 O6 ? ? ? 1_555 B C   12 N4 ? ? A G   13  B C   35  1_555 ? ? ? ? ? ? WATSON-CRICK  ?     ? ? 
hydrog29 hydrog ? ? A G   14 N1 ? ? ? 1_555 B C   11 N3 ? ? A G   14  B C   34  1_555 ? ? ? ? ? ? WATSON-CRICK  ?     ? ? 
hydrog30 hydrog ? ? A G   14 N2 ? ? ? 1_555 B C   11 O2 ? ? A G   14  B C   34  1_555 ? ? ? ? ? ? WATSON-CRICK  ?     ? ? 
hydrog31 hydrog ? ? A G   14 O6 ? ? ? 1_555 B C   11 N4 ? ? A G   14  B C   34  1_555 ? ? ? ? ? ? WATSON-CRICK  ?     ? ? 
hydrog32 hydrog ? ? A C   15 N3 ? ? ? 1_555 B G   10 N1 ? ? A C   15  B G   33  1_555 ? ? ? ? ? ? WATSON-CRICK  ?     ? ? 
hydrog33 hydrog ? ? A C   15 N4 ? ? ? 1_555 B G   10 O6 ? ? A C   15  B G   33  1_555 ? ? ? ? ? ? WATSON-CRICK  ?     ? ? 
hydrog34 hydrog ? ? A C   15 O2 ? ? ? 1_555 B G   10 N2 ? ? A C   15  B G   33  1_555 ? ? ? ? ? ? WATSON-CRICK  ?     ? ? 
hydrog35 hydrog ? ? A G   16 N1 ? ? ? 1_555 B C   9  N3 ? ? A G   16  B C   32  1_555 ? ? ? ? ? ? WATSON-CRICK  ?     ? ? 
hydrog36 hydrog ? ? A G   16 N2 ? ? ? 1_555 B C   9  O2 ? ? A G   16  B C   32  1_555 ? ? ? ? ? ? WATSON-CRICK  ?     ? ? 
hydrog37 hydrog ? ? A G   16 O6 ? ? ? 1_555 B C   9  N4 ? ? A G   16  B C   32  1_555 ? ? ? ? ? ? WATSON-CRICK  ?     ? ? 
hydrog38 hydrog ? ? A G   19 N1 ? ? ? 1_555 B C   7  N3 ? ? A G   19  B C   30  1_555 ? ? ? ? ? ? WATSON-CRICK  ?     ? ? 
hydrog39 hydrog ? ? A G   19 N2 ? ? ? 1_555 B C   7  O2 ? ? A G   19  B C   30  1_555 ? ? ? ? ? ? WATSON-CRICK  ?     ? ? 
hydrog40 hydrog ? ? A G   19 O6 ? ? ? 1_555 B C   7  N4 ? ? A G   19  B C   30  1_555 ? ? ? ? ? ? WATSON-CRICK  ?     ? ? 
hydrog41 hydrog ? ? A U   20 N3 ? ? ? 1_555 B U   6  O4 ? ? A U   20  B U   29  1_555 ? ? ? ? ? ? 'U-U MISPAIR' ?     ? ? 
hydrog42 hydrog ? ? A C   21 N3 ? ? ? 1_555 B G   5  N1 ? ? A C   21  B G   28  1_555 ? ? ? ? ? ? WATSON-CRICK  ?     ? ? 
hydrog43 hydrog ? ? A C   21 N4 ? ? ? 1_555 B G   5  O6 ? ? A C   21  B G   28  1_555 ? ? ? ? ? ? WATSON-CRICK  ?     ? ? 
hydrog44 hydrog ? ? A C   21 O2 ? ? ? 1_555 B G   5  N2 ? ? A C   21  B G   28  1_555 ? ? ? ? ? ? WATSON-CRICK  ?     ? ? 
hydrog45 hydrog ? ? A G   22 N1 ? ? ? 1_555 B C   4  N3 ? ? A G   22  B C   27  1_555 ? ? ? ? ? ? WATSON-CRICK  ?     ? ? 
hydrog46 hydrog ? ? A G   22 N2 ? ? ? 1_555 B C   4  O2 ? ? A G   22  B C   27  1_555 ? ? ? ? ? ? WATSON-CRICK  ?     ? ? 
hydrog47 hydrog ? ? A G   22 O6 ? ? ? 1_555 B C   4  N4 ? ? A G   22  B C   27  1_555 ? ? ? ? ? ? WATSON-CRICK  ?     ? ? 
hydrog48 hydrog ? ? A C   23 N3 ? ? ? 1_555 B G   3  N1 ? ? A C   23  B G   26  1_555 ? ? ? ? ? ? WATSON-CRICK  ?     ? ? 
hydrog49 hydrog ? ? A C   23 N4 ? ? ? 1_555 B G   3  O6 ? ? A C   23  B G   26  1_555 ? ? ? ? ? ? WATSON-CRICK  ?     ? ? 
hydrog50 hydrog ? ? A C   23 O2 ? ? ? 1_555 B G   3  N2 ? ? A C   23  B G   26  1_555 ? ? ? ? ? ? WATSON-CRICK  ?     ? ? 
# 
loop_
_struct_conn_type.id 
_struct_conn_type.criteria 
_struct_conn_type.reference 
metalc ? ? 
hydrog ? ? 
# 
loop_
_pdbx_struct_conn_angle.id 
_pdbx_struct_conn_angle.ptnr1_label_atom_id 
_pdbx_struct_conn_angle.ptnr1_label_alt_id 
_pdbx_struct_conn_angle.ptnr1_label_asym_id 
_pdbx_struct_conn_angle.ptnr1_label_comp_id 
_pdbx_struct_conn_angle.ptnr1_label_seq_id 
_pdbx_struct_conn_angle.ptnr1_auth_atom_id 
_pdbx_struct_conn_angle.ptnr1_auth_asym_id 
_pdbx_struct_conn_angle.ptnr1_auth_comp_id 
_pdbx_struct_conn_angle.ptnr1_auth_seq_id 
_pdbx_struct_conn_angle.ptnr1_PDB_ins_code 
_pdbx_struct_conn_angle.ptnr1_symmetry 
_pdbx_struct_conn_angle.ptnr2_label_atom_id 
_pdbx_struct_conn_angle.ptnr2_label_alt_id 
_pdbx_struct_conn_angle.ptnr2_label_asym_id 
_pdbx_struct_conn_angle.ptnr2_label_comp_id 
_pdbx_struct_conn_angle.ptnr2_label_seq_id 
_pdbx_struct_conn_angle.ptnr2_auth_atom_id 
_pdbx_struct_conn_angle.ptnr2_auth_asym_id 
_pdbx_struct_conn_angle.ptnr2_auth_comp_id 
_pdbx_struct_conn_angle.ptnr2_auth_seq_id 
_pdbx_struct_conn_angle.ptnr2_PDB_ins_code 
_pdbx_struct_conn_angle.ptnr2_symmetry 
_pdbx_struct_conn_angle.ptnr3_label_atom_id 
_pdbx_struct_conn_angle.ptnr3_label_alt_id 
_pdbx_struct_conn_angle.ptnr3_label_asym_id 
_pdbx_struct_conn_angle.ptnr3_label_comp_id 
_pdbx_struct_conn_angle.ptnr3_label_seq_id 
_pdbx_struct_conn_angle.ptnr3_auth_atom_id 
_pdbx_struct_conn_angle.ptnr3_auth_asym_id 
_pdbx_struct_conn_angle.ptnr3_auth_comp_id 
_pdbx_struct_conn_angle.ptnr3_auth_seq_id 
_pdbx_struct_conn_angle.ptnr3_PDB_ins_code 
_pdbx_struct_conn_angle.ptnr3_symmetry 
_pdbx_struct_conn_angle.value 
_pdbx_struct_conn_angle.value_esd 
1  O  ? F HOH .  ? A HOH 203 ? 1_555 K ? E K . ? B K 102 ? 1_555 O  ? F HOH .  ? A HOH 213 ? 1_555 53.7  ? 
2  O  ? F HOH .  ? A HOH 203 ? 1_555 K ? E K . ? B K 102 ? 1_555 O  ? F HOH .  ? A HOH 220 ? 1_555 108.7 ? 
3  O  ? F HOH .  ? A HOH 213 ? 1_555 K ? E K . ? B K 102 ? 1_555 O  ? F HOH .  ? A HOH 220 ? 1_555 70.3  ? 
4  O  ? F HOH .  ? A HOH 203 ? 1_555 K ? E K . ? B K 102 ? 1_555 O6 ? B G   14 ? B G   37  ? 1_555 64.6  ? 
5  O  ? F HOH .  ? A HOH 213 ? 1_555 K ? E K . ? B K 102 ? 1_555 O6 ? B G   14 ? B G   37  ? 1_555 79.4  ? 
6  O  ? F HOH .  ? A HOH 220 ? 1_555 K ? E K . ? B K 102 ? 1_555 O6 ? B G   14 ? B G   37  ? 1_555 144.2 ? 
7  O  ? F HOH .  ? A HOH 203 ? 1_555 K ? E K . ? B K 102 ? 1_555 O  ? G HOH .  ? B HOH 229 ? 1_555 99.9  ? 
8  O  ? F HOH .  ? A HOH 213 ? 1_555 K ? E K . ? B K 102 ? 1_555 O  ? G HOH .  ? B HOH 229 ? 1_555 57.2  ? 
9  O  ? F HOH .  ? A HOH 220 ? 1_555 K ? E K . ? B K 102 ? 1_555 O  ? G HOH .  ? B HOH 229 ? 1_555 79.7  ? 
10 O6 ? B G   14 ? B G   37  ? 1_555 K ? E K . ? B K 102 ? 1_555 O  ? G HOH .  ? B HOH 229 ? 1_555 67.8  ? 
# 
loop_
_struct_site.id 
_struct_site.pdbx_evidence_code 
_struct_site.pdbx_auth_asym_id 
_struct_site.pdbx_auth_comp_id 
_struct_site.pdbx_auth_seq_id 
_struct_site.pdbx_auth_ins_code 
_struct_site.pdbx_num_residues 
_struct_site.details 
AC1 Software A SJP 101 ? 16 'BINDING SITE FOR RESIDUE SJP A 101' 
AC2 Software B SJP 101 ? 19 'BINDING SITE FOR RESIDUE SJP B 101' 
AC3 Software B K   102 ? 1  'BINDING SITE FOR RESIDUE K B 102'   
# 
loop_
_struct_site_gen.id 
_struct_site_gen.site_id 
_struct_site_gen.pdbx_num_res 
_struct_site_gen.label_comp_id 
_struct_site_gen.label_asym_id 
_struct_site_gen.label_seq_id 
_struct_site_gen.pdbx_auth_ins_code 
_struct_site_gen.auth_comp_id 
_struct_site_gen.auth_asym_id 
_struct_site_gen.auth_seq_id 
_struct_site_gen.label_atom_id 
_struct_site_gen.label_alt_id 
_struct_site_gen.symmetry 
_struct_site_gen.details 
1  AC1 16 C   A 15 ? C   A 15  . ? 1_555 ? 
2  AC1 16 G   A 16 ? G   A 16  . ? 1_555 ? 
3  AC1 16 A   A 18 ? A   A 18  . ? 1_555 ? 
4  AC1 16 G   A 19 ? G   A 19  . ? 1_555 ? 
5  AC1 16 U   A 20 ? U   A 20  . ? 1_555 ? 
6  AC1 16 C   A 21 ? C   A 21  . ? 1_555 ? 
7  AC1 16 G   A 22 ? G   A 22  . ? 1_555 ? 
8  AC1 16 C   A 23 ? C   A 23  . ? 1_555 ? 
9  AC1 16 HOH F .  ? HOH A 207 . ? 1_555 ? 
10 AC1 16 HOH F .  ? HOH A 215 . ? 1_555 ? 
11 AC1 16 C   B 4  ? C   B 27  . ? 1_555 ? 
12 AC1 16 G   B 5  ? G   B 28  . ? 1_555 ? 
13 AC1 16 C   B 7  ? C   B 30  . ? 1_555 ? 
14 AC1 16 A   B 8  ? A   B 31  . ? 1_555 ? 
15 AC1 16 HOH G .  ? HOH B 203 . ? 1_555 ? 
16 AC1 16 HOH G .  ? HOH B 227 . ? 1_555 ? 
17 AC2 19 G   A 3  ? G   A 3   . ? 1_555 ? 
18 AC2 19 C   A 4  ? C   A 4   . ? 1_555 ? 
19 AC2 19 G   A 5  ? G   A 5   . ? 1_555 ? 
20 AC2 19 C   A 7  ? C   A 7   . ? 1_555 ? 
21 AC2 19 A   A 8  ? A   A 8   . ? 1_555 ? 
22 AC2 19 HOH F .  ? HOH A 202 . ? 1_555 ? 
23 AC2 19 HOH F .  ? HOH A 206 . ? 1_555 ? 
24 AC2 19 HOH F .  ? HOH A 223 . ? 1_555 ? 
25 AC2 19 C   B 15 ? C   B 38  . ? 1_555 ? 
26 AC2 19 G   B 16 ? G   B 39  . ? 1_555 ? 
27 AC2 19 A   B 18 ? A   B 41  . ? 1_555 ? 
28 AC2 19 G   B 19 ? G   B 42  . ? 1_555 ? 
29 AC2 19 U   B 20 ? U   B 43  . ? 1_555 ? 
30 AC2 19 C   B 21 ? C   B 44  . ? 1_555 ? 
31 AC2 19 G   B 22 ? G   B 45  . ? 1_555 ? 
32 AC2 19 C   B 23 ? C   B 46  . ? 1_555 ? 
33 AC2 19 HOH G .  ? HOH B 204 . ? 1_555 ? 
34 AC2 19 HOH G .  ? HOH B 206 . ? 1_555 ? 
35 AC2 19 HOH G .  ? HOH B 209 . ? 1_555 ? 
36 AC3 1  G   B 14 ? G   B 37  . ? 1_555 ? 
# 
loop_
_pdbx_unobs_or_zero_occ_residues.id 
_pdbx_unobs_or_zero_occ_residues.PDB_model_num 
_pdbx_unobs_or_zero_occ_residues.polymer_flag 
_pdbx_unobs_or_zero_occ_residues.occupancy_flag 
_pdbx_unobs_or_zero_occ_residues.auth_asym_id 
_pdbx_unobs_or_zero_occ_residues.auth_comp_id 
_pdbx_unobs_or_zero_occ_residues.auth_seq_id 
_pdbx_unobs_or_zero_occ_residues.PDB_ins_code 
_pdbx_unobs_or_zero_occ_residues.label_asym_id 
_pdbx_unobs_or_zero_occ_residues.label_comp_id 
_pdbx_unobs_or_zero_occ_residues.label_seq_id 
1 1 Y 1 A U 1  ? A U 1 
2 1 Y 1 A U 2  ? A U 2 
3 1 Y 1 B U 24 ? B U 1 
4 1 Y 1 B U 25 ? B U 2 
# 
loop_
_chem_comp_atom.comp_id 
_chem_comp_atom.atom_id 
_chem_comp_atom.type_symbol 
_chem_comp_atom.pdbx_aromatic_flag 
_chem_comp_atom.pdbx_stereo_config 
_chem_comp_atom.pdbx_ordinal 
A   OP3    O N N 1   
A   P      P N N 2   
A   OP1    O N N 3   
A   OP2    O N N 4   
A   "O5'"  O N N 5   
A   "C5'"  C N N 6   
A   "C4'"  C N R 7   
A   "O4'"  O N N 8   
A   "C3'"  C N S 9   
A   "O3'"  O N N 10  
A   "C2'"  C N R 11  
A   "O2'"  O N N 12  
A   "C1'"  C N R 13  
A   N9     N Y N 14  
A   C8     C Y N 15  
A   N7     N Y N 16  
A   C5     C Y N 17  
A   C6     C Y N 18  
A   N6     N N N 19  
A   N1     N Y N 20  
A   C2     C Y N 21  
A   N3     N Y N 22  
A   C4     C Y N 23  
A   HOP3   H N N 24  
A   HOP2   H N N 25  
A   "H5'"  H N N 26  
A   "H5''" H N N 27  
A   "H4'"  H N N 28  
A   "H3'"  H N N 29  
A   "HO3'" H N N 30  
A   "H2'"  H N N 31  
A   "HO2'" H N N 32  
A   "H1'"  H N N 33  
A   H8     H N N 34  
A   H61    H N N 35  
A   H62    H N N 36  
A   H2     H N N 37  
C   OP3    O N N 38  
C   P      P N N 39  
C   OP1    O N N 40  
C   OP2    O N N 41  
C   "O5'"  O N N 42  
C   "C5'"  C N N 43  
C   "C4'"  C N R 44  
C   "O4'"  O N N 45  
C   "C3'"  C N S 46  
C   "O3'"  O N N 47  
C   "C2'"  C N R 48  
C   "O2'"  O N N 49  
C   "C1'"  C N R 50  
C   N1     N N N 51  
C   C2     C N N 52  
C   O2     O N N 53  
C   N3     N N N 54  
C   C4     C N N 55  
C   N4     N N N 56  
C   C5     C N N 57  
C   C6     C N N 58  
C   HOP3   H N N 59  
C   HOP2   H N N 60  
C   "H5'"  H N N 61  
C   "H5''" H N N 62  
C   "H4'"  H N N 63  
C   "H3'"  H N N 64  
C   "HO3'" H N N 65  
C   "H2'"  H N N 66  
C   "HO2'" H N N 67  
C   "H1'"  H N N 68  
C   H41    H N N 69  
C   H42    H N N 70  
C   H5     H N N 71  
C   H6     H N N 72  
G   OP3    O N N 73  
G   P      P N N 74  
G   OP1    O N N 75  
G   OP2    O N N 76  
G   "O5'"  O N N 77  
G   "C5'"  C N N 78  
G   "C4'"  C N R 79  
G   "O4'"  O N N 80  
G   "C3'"  C N S 81  
G   "O3'"  O N N 82  
G   "C2'"  C N R 83  
G   "O2'"  O N N 84  
G   "C1'"  C N R 85  
G   N9     N Y N 86  
G   C8     C Y N 87  
G   N7     N Y N 88  
G   C5     C Y N 89  
G   C6     C N N 90  
G   O6     O N N 91  
G   N1     N N N 92  
G   C2     C N N 93  
G   N2     N N N 94  
G   N3     N N N 95  
G   C4     C Y N 96  
G   HOP3   H N N 97  
G   HOP2   H N N 98  
G   "H5'"  H N N 99  
G   "H5''" H N N 100 
G   "H4'"  H N N 101 
G   "H3'"  H N N 102 
G   "HO3'" H N N 103 
G   "H2'"  H N N 104 
G   "HO2'" H N N 105 
G   "H1'"  H N N 106 
G   H8     H N N 107 
G   H1     H N N 108 
G   H21    H N N 109 
G   H22    H N N 110 
HOH O      O N N 111 
HOH H1     H N N 112 
HOH H2     H N N 113 
K   K      K N N 114 
SJP C1     C N R 115 
SJP C10    C N R 116 
SJP C11    C N R 117 
SJP C12    C N S 118 
SJP C13    C N S 119 
SJP C14    C N R 120 
SJP C15    C N S 121 
SJP C16    C N R 122 
SJP C17    C N N 123 
SJP C18    C N R 124 
SJP C19    C N R 125 
SJP C2     C N R 126 
SJP C20    C N N 127 
SJP C21    C N N 128 
SJP C22    C N R 129 
SJP C23    C N N 130 
SJP C24    C N R 131 
SJP C26    C N N 132 
SJP C27    C N N 133 
SJP C28    C N R 134 
SJP C3     C N N 135 
SJP C4     C N N 136 
SJP C5     C N S 137 
SJP C6     C N N 138 
SJP C7     C N R 139 
SJP C8     C N N 140 
SJP C9     C N S 141 
SJP F99    F N N 142 
SJP N19    N N N 143 
SJP N2     N N N 144 
SJP N23    N N N 145 
SJP N3     N N N 146 
SJP N6     N N N 147 
SJP N7     N N N 148 
SJP N9     N N N 149 
SJP O1     O N N 150 
SJP O11    O N N 151 
SJP O12    O N N 152 
SJP O14    O N N 153 
SJP O16    O N N 154 
SJP O17    O N N 155 
SJP O18    O N N 156 
SJP O19    O N N 157 
SJP O2     O N N 158 
SJP O22    O N N 159 
SJP O5     O N N 160 
SJP H1     H N N 161 
SJP H2     H N N 162 
SJP H3     H N N 163 
SJP H4     H N N 164 
SJP H5     H N N 165 
SJP H6     H N N 166 
SJP H7     H N N 167 
SJP H8     H N N 168 
SJP H9     H N N 169 
SJP H10    H N N 170 
SJP H11    H N N 171 
SJP H12    H N N 172 
SJP H13    H N N 173 
SJP H14    H N N 174 
SJP H15    H N N 175 
SJP H16    H N N 176 
SJP H17    H N N 177 
SJP H18    H N N 178 
SJP H19    H N N 179 
SJP H20    H N N 180 
SJP H21    H N N 181 
SJP H22    H N N 182 
SJP H23    H N N 183 
SJP H24    H N N 184 
SJP H25    H N N 185 
SJP H26    H N N 186 
SJP H27    H N N 187 
SJP H28    H N N 188 
SJP H29    H N N 189 
SJP H30    H N N 190 
SJP H31    H N N 191 
SJP H32    H N N 192 
SJP H33    H N N 193 
SJP H34    H N N 194 
SJP H35    H N N 195 
SJP H36    H N N 196 
SJP H37    H N N 197 
SJP H39    H N N 198 
SJP H40    H N N 199 
SJP H42    H N N 200 
SJP H43    H N N 201 
SJP H45    H N N 202 
SJP H46    H N N 203 
SJP H48    H N N 204 
SJP H49    H N N 205 
SJP H51    H N N 206 
SJP H52    H N N 207 
SJP H53    H N N 208 
SJP H55    H N N 209 
SJP H56    H N N 210 
SJP H57    H N N 211 
SJP H58    H N N 212 
U   OP3    O N N 213 
U   P      P N N 214 
U   OP1    O N N 215 
U   OP2    O N N 216 
U   "O5'"  O N N 217 
U   "C5'"  C N N 218 
U   "C4'"  C N R 219 
U   "O4'"  O N N 220 
U   "C3'"  C N S 221 
U   "O3'"  O N N 222 
U   "C2'"  C N R 223 
U   "O2'"  O N N 224 
U   "C1'"  C N R 225 
U   N1     N N N 226 
U   C2     C N N 227 
U   O2     O N N 228 
U   N3     N N N 229 
U   C4     C N N 230 
U   O4     O N N 231 
U   C5     C N N 232 
U   C6     C N N 233 
U   HOP3   H N N 234 
U   HOP2   H N N 235 
U   "H5'"  H N N 236 
U   "H5''" H N N 237 
U   "H4'"  H N N 238 
U   "H3'"  H N N 239 
U   "HO3'" H N N 240 
U   "H2'"  H N N 241 
U   "HO2'" H N N 242 
U   "H1'"  H N N 243 
U   H3     H N N 244 
U   H5     H N N 245 
U   H6     H N N 246 
# 
loop_
_chem_comp_bond.comp_id 
_chem_comp_bond.atom_id_1 
_chem_comp_bond.atom_id_2 
_chem_comp_bond.value_order 
_chem_comp_bond.pdbx_aromatic_flag 
_chem_comp_bond.pdbx_stereo_config 
_chem_comp_bond.pdbx_ordinal 
A   OP3   P      sing N N 1   
A   OP3   HOP3   sing N N 2   
A   P     OP1    doub N N 3   
A   P     OP2    sing N N 4   
A   P     "O5'"  sing N N 5   
A   OP2   HOP2   sing N N 6   
A   "O5'" "C5'"  sing N N 7   
A   "C5'" "C4'"  sing N N 8   
A   "C5'" "H5'"  sing N N 9   
A   "C5'" "H5''" sing N N 10  
A   "C4'" "O4'"  sing N N 11  
A   "C4'" "C3'"  sing N N 12  
A   "C4'" "H4'"  sing N N 13  
A   "O4'" "C1'"  sing N N 14  
A   "C3'" "O3'"  sing N N 15  
A   "C3'" "C2'"  sing N N 16  
A   "C3'" "H3'"  sing N N 17  
A   "O3'" "HO3'" sing N N 18  
A   "C2'" "O2'"  sing N N 19  
A   "C2'" "C1'"  sing N N 20  
A   "C2'" "H2'"  sing N N 21  
A   "O2'" "HO2'" sing N N 22  
A   "C1'" N9     sing N N 23  
A   "C1'" "H1'"  sing N N 24  
A   N9    C8     sing Y N 25  
A   N9    C4     sing Y N 26  
A   C8    N7     doub Y N 27  
A   C8    H8     sing N N 28  
A   N7    C5     sing Y N 29  
A   C5    C6     sing Y N 30  
A   C5    C4     doub Y N 31  
A   C6    N6     sing N N 32  
A   C6    N1     doub Y N 33  
A   N6    H61    sing N N 34  
A   N6    H62    sing N N 35  
A   N1    C2     sing Y N 36  
A   C2    N3     doub Y N 37  
A   C2    H2     sing N N 38  
A   N3    C4     sing Y N 39  
C   OP3   P      sing N N 40  
C   OP3   HOP3   sing N N 41  
C   P     OP1    doub N N 42  
C   P     OP2    sing N N 43  
C   P     "O5'"  sing N N 44  
C   OP2   HOP2   sing N N 45  
C   "O5'" "C5'"  sing N N 46  
C   "C5'" "C4'"  sing N N 47  
C   "C5'" "H5'"  sing N N 48  
C   "C5'" "H5''" sing N N 49  
C   "C4'" "O4'"  sing N N 50  
C   "C4'" "C3'"  sing N N 51  
C   "C4'" "H4'"  sing N N 52  
C   "O4'" "C1'"  sing N N 53  
C   "C3'" "O3'"  sing N N 54  
C   "C3'" "C2'"  sing N N 55  
C   "C3'" "H3'"  sing N N 56  
C   "O3'" "HO3'" sing N N 57  
C   "C2'" "O2'"  sing N N 58  
C   "C2'" "C1'"  sing N N 59  
C   "C2'" "H2'"  sing N N 60  
C   "O2'" "HO2'" sing N N 61  
C   "C1'" N1     sing N N 62  
C   "C1'" "H1'"  sing N N 63  
C   N1    C2     sing N N 64  
C   N1    C6     sing N N 65  
C   C2    O2     doub N N 66  
C   C2    N3     sing N N 67  
C   N3    C4     doub N N 68  
C   C4    N4     sing N N 69  
C   C4    C5     sing N N 70  
C   N4    H41    sing N N 71  
C   N4    H42    sing N N 72  
C   C5    C6     doub N N 73  
C   C5    H5     sing N N 74  
C   C6    H6     sing N N 75  
G   OP3   P      sing N N 76  
G   OP3   HOP3   sing N N 77  
G   P     OP1    doub N N 78  
G   P     OP2    sing N N 79  
G   P     "O5'"  sing N N 80  
G   OP2   HOP2   sing N N 81  
G   "O5'" "C5'"  sing N N 82  
G   "C5'" "C4'"  sing N N 83  
G   "C5'" "H5'"  sing N N 84  
G   "C5'" "H5''" sing N N 85  
G   "C4'" "O4'"  sing N N 86  
G   "C4'" "C3'"  sing N N 87  
G   "C4'" "H4'"  sing N N 88  
G   "O4'" "C1'"  sing N N 89  
G   "C3'" "O3'"  sing N N 90  
G   "C3'" "C2'"  sing N N 91  
G   "C3'" "H3'"  sing N N 92  
G   "O3'" "HO3'" sing N N 93  
G   "C2'" "O2'"  sing N N 94  
G   "C2'" "C1'"  sing N N 95  
G   "C2'" "H2'"  sing N N 96  
G   "O2'" "HO2'" sing N N 97  
G   "C1'" N9     sing N N 98  
G   "C1'" "H1'"  sing N N 99  
G   N9    C8     sing Y N 100 
G   N9    C4     sing Y N 101 
G   C8    N7     doub Y N 102 
G   C8    H8     sing N N 103 
G   N7    C5     sing Y N 104 
G   C5    C6     sing N N 105 
G   C5    C4     doub Y N 106 
G   C6    O6     doub N N 107 
G   C6    N1     sing N N 108 
G   N1    C2     sing N N 109 
G   N1    H1     sing N N 110 
G   C2    N2     sing N N 111 
G   C2    N3     doub N N 112 
G   N2    H21    sing N N 113 
G   N2    H22    sing N N 114 
G   N3    C4     sing N N 115 
HOH O     H1     sing N N 116 
HOH O     H2     sing N N 117 
SJP C20   C19    sing N N 118 
SJP C20   C21    sing N N 119 
SJP C19   N23    sing N N 120 
SJP C19   C18    sing N N 121 
SJP C21   C22    sing N N 122 
SJP C18   O18    sing N N 123 
SJP C18   O22    sing N N 124 
SJP C22   O22    sing N N 125 
SJP C22   C23    sing N N 126 
SJP O18   C15    sing N N 127 
SJP O14   C14    sing N N 128 
SJP C23   N19    sing N N 129 
SJP C15   C14    sing N N 130 
SJP C15   C16    sing N N 131 
SJP C14   C13    sing N N 132 
SJP F99   C24    sing N N 133 
SJP N3    C27    sing N N 134 
SJP C16   C17    sing N N 135 
SJP C16   O16    sing N N 136 
SJP C13   O16    sing N N 137 
SJP C13   O11    sing N N 138 
SJP O12   C12    sing N N 139 
SJP C27   C24    sing N N 140 
SJP C17   O17    sing N N 141 
SJP C24   C28    sing N N 142 
SJP O19   C28    sing N N 143 
SJP O11   C11    sing N N 144 
SJP C12   C11    sing N N 145 
SJP C12   C7     sing N N 146 
SJP C28   C26    sing N N 147 
SJP N7    C26    sing N N 148 
SJP N7    C7     sing N N 149 
SJP C11   C10    sing N N 150 
SJP C26   O2     doub N N 151 
SJP C7    C8     sing N N 152 
SJP C10   O1     sing N N 153 
SJP C10   C9     sing N N 154 
SJP C1    O1     sing N N 155 
SJP C1    O5     sing N N 156 
SJP C1    C2     sing N N 157 
SJP N2    C2     sing N N 158 
SJP C8    C9     sing N N 159 
SJP O5    C5     sing N N 160 
SJP C2    C3     sing N N 161 
SJP C9    N9     sing N N 162 
SJP N6    C6     sing N N 163 
SJP C5    C6     sing N N 164 
SJP C5    C4     sing N N 165 
SJP C3    C4     sing N N 166 
SJP C1    H1     sing N N 167 
SJP C10   H2     sing N N 168 
SJP C11   H3     sing N N 169 
SJP C12   H4     sing N N 170 
SJP C13   H5     sing N N 171 
SJP C14   H6     sing N N 172 
SJP C15   H7     sing N N 173 
SJP C16   H8     sing N N 174 
SJP C17   H9     sing N N 175 
SJP C17   H10    sing N N 176 
SJP C18   H11    sing N N 177 
SJP C19   H12    sing N N 178 
SJP C2    H13    sing N N 179 
SJP C20   H14    sing N N 180 
SJP C20   H15    sing N N 181 
SJP C21   H16    sing N N 182 
SJP C21   H17    sing N N 183 
SJP C22   H18    sing N N 184 
SJP C23   H19    sing N N 185 
SJP C23   H20    sing N N 186 
SJP C24   H21    sing N N 187 
SJP C27   H22    sing N N 188 
SJP C27   H23    sing N N 189 
SJP C28   H24    sing N N 190 
SJP C3    H25    sing N N 191 
SJP C3    H26    sing N N 192 
SJP C4    H27    sing N N 193 
SJP C4    H28    sing N N 194 
SJP C5    H29    sing N N 195 
SJP C6    H30    sing N N 196 
SJP C6    H31    sing N N 197 
SJP C7    H32    sing N N 198 
SJP C8    H33    sing N N 199 
SJP C8    H34    sing N N 200 
SJP C9    H35    sing N N 201 
SJP N19   H36    sing N N 202 
SJP N19   H37    sing N N 203 
SJP N2    H39    sing N N 204 
SJP N2    H40    sing N N 205 
SJP N23   H42    sing N N 206 
SJP N23   H43    sing N N 207 
SJP N3    H45    sing N N 208 
SJP N3    H46    sing N N 209 
SJP N6    H48    sing N N 210 
SJP N6    H49    sing N N 211 
SJP N7    H51    sing N N 212 
SJP N9    H52    sing N N 213 
SJP N9    H53    sing N N 214 
SJP O12   H55    sing N N 215 
SJP O14   H56    sing N N 216 
SJP O17   H57    sing N N 217 
SJP O19   H58    sing N N 218 
U   OP3   P      sing N N 219 
U   OP3   HOP3   sing N N 220 
U   P     OP1    doub N N 221 
U   P     OP2    sing N N 222 
U   P     "O5'"  sing N N 223 
U   OP2   HOP2   sing N N 224 
U   "O5'" "C5'"  sing N N 225 
U   "C5'" "C4'"  sing N N 226 
U   "C5'" "H5'"  sing N N 227 
U   "C5'" "H5''" sing N N 228 
U   "C4'" "O4'"  sing N N 229 
U   "C4'" "C3'"  sing N N 230 
U   "C4'" "H4'"  sing N N 231 
U   "O4'" "C1'"  sing N N 232 
U   "C3'" "O3'"  sing N N 233 
U   "C3'" "C2'"  sing N N 234 
U   "C3'" "H3'"  sing N N 235 
U   "O3'" "HO3'" sing N N 236 
U   "C2'" "O2'"  sing N N 237 
U   "C2'" "C1'"  sing N N 238 
U   "C2'" "H2'"  sing N N 239 
U   "O2'" "HO2'" sing N N 240 
U   "C1'" N1     sing N N 241 
U   "C1'" "H1'"  sing N N 242 
U   N1    C2     sing N N 243 
U   N1    C6     sing N N 244 
U   C2    O2     doub N N 245 
U   C2    N3     sing N N 246 
U   N3    C4     sing N N 247 
U   N3    H3     sing N N 248 
U   C4    O4     doub N N 249 
U   C4    C5     sing N N 250 
U   C5    C6     doub N N 251 
U   C5    H5     sing N N 252 
U   C6    H6     sing N N 253 
# 
loop_
_ndb_struct_conf_na.entry_id 
_ndb_struct_conf_na.feature 
3WRU 'double helix'         
3WRU 'a-form double helix'  
3WRU 'mismatched base pair' 
3WRU 'internal loop'        
# 
loop_
_ndb_struct_na_base_pair.model_number 
_ndb_struct_na_base_pair.i_label_asym_id 
_ndb_struct_na_base_pair.i_label_comp_id 
_ndb_struct_na_base_pair.i_label_seq_id 
_ndb_struct_na_base_pair.i_symmetry 
_ndb_struct_na_base_pair.j_label_asym_id 
_ndb_struct_na_base_pair.j_label_comp_id 
_ndb_struct_na_base_pair.j_label_seq_id 
_ndb_struct_na_base_pair.j_symmetry 
_ndb_struct_na_base_pair.shear 
_ndb_struct_na_base_pair.stretch 
_ndb_struct_na_base_pair.stagger 
_ndb_struct_na_base_pair.buckle 
_ndb_struct_na_base_pair.propeller 
_ndb_struct_na_base_pair.opening 
_ndb_struct_na_base_pair.pair_number 
_ndb_struct_na_base_pair.pair_name 
_ndb_struct_na_base_pair.i_auth_asym_id 
_ndb_struct_na_base_pair.i_auth_seq_id 
_ndb_struct_na_base_pair.i_PDB_ins_code 
_ndb_struct_na_base_pair.j_auth_asym_id 
_ndb_struct_na_base_pair.j_auth_seq_id 
_ndb_struct_na_base_pair.j_PDB_ins_code 
_ndb_struct_na_base_pair.hbond_type_28 
_ndb_struct_na_base_pair.hbond_type_12 
1 A G 3  1_555 B C 23 1_555 -0.527 -0.149 0.055  1.286   -6.169  0.311   1  A_G3:C46_B  A 3  ? B 46 ? 19 1 
1 A C 4  1_555 B G 22 1_555 0.123  -0.117 -0.094 6.101   -17.778 2.206   2  A_C4:G45_B  A 4  ? B 45 ? 19 1 
1 A G 5  1_555 B C 21 1_555 0.037  -0.124 -0.137 -4.412  -8.817  -0.864  3  A_G5:C44_B  A 5  ? B 44 ? 19 1 
1 A U 6  1_555 B U 20 1_555 -2.494 -1.179 -1.227 7.189   -11.851 -27.512 4  A_U6:U43_B  A 6  ? B 43 ? ?  ? 
1 A C 7  1_555 B G 19 1_555 0.230  -0.233 -0.711 0.345   3.182   -3.459  5  A_C7:G42_B  A 7  ? B 42 ? 19 1 
1 A C 9  1_555 B G 16 1_555 0.492  -0.207 -0.312 11.119  -22.980 3.367   6  A_C9:G39_B  A 9  ? B 39 ? 19 1 
1 A G 10 1_555 B C 15 1_555 -0.199 -0.081 -0.176 -6.182  -17.050 2.624   7  A_G10:C38_B A 10 ? B 38 ? 19 1 
1 A C 11 1_555 B G 14 1_555 0.607  -0.213 0.106  5.641   -18.659 0.598   8  A_C11:G37_B A 11 ? B 37 ? 19 1 
1 A C 12 1_555 B G 13 1_555 0.344  -0.206 0.289  -2.457  -10.586 -1.069  9  A_C12:G36_B A 12 ? B 36 ? 19 1 
1 A G 13 1_555 B C 12 1_555 -0.039 -0.166 0.161  -4.903  -16.618 0.465   10 A_G13:C35_B A 13 ? B 35 ? 19 1 
1 A G 14 1_555 B C 11 1_555 -0.127 -0.142 0.174  2.006   -15.986 0.877   11 A_G14:C34_B A 14 ? B 34 ? 19 1 
1 A C 15 1_555 B G 10 1_555 0.318  -0.153 0.013  7.212   -14.402 -0.676  12 A_C15:G33_B A 15 ? B 33 ? 19 1 
1 A G 16 1_555 B C 9  1_555 -0.006 -0.048 -0.351 -17.241 -23.002 2.562   13 A_G16:C32_B A 16 ? B 32 ? 19 1 
1 A G 19 1_555 B C 7  1_555 -0.500 -0.176 -0.411 2.565   2.823   -6.522  14 A_G19:C30_B A 19 ? B 30 ? 19 1 
1 A U 20 1_555 B U 6  1_555 1.870  -1.197 -1.494 -0.210  -21.615 -20.656 15 A_U20:U29_B A 20 ? B 29 ? ?  ? 
1 A C 21 1_555 B G 5  1_555 0.096  -0.151 -0.197 5.599   -9.152  -1.839  16 A_C21:G28_B A 21 ? B 28 ? 19 1 
1 A G 22 1_555 B C 4  1_555 0.225  -0.013 -0.014 -5.871  -8.050  0.655   17 A_G22:C27_B A 22 ? B 27 ? 19 1 
1 A C 23 1_555 B G 3  1_555 0.490  -0.171 0.097  -1.850  -1.821  -0.185  18 A_C23:G26_B A 23 ? B 26 ? 19 1 
# 
loop_
_ndb_struct_na_base_pair_step.model_number 
_ndb_struct_na_base_pair_step.i_label_asym_id_1 
_ndb_struct_na_base_pair_step.i_label_comp_id_1 
_ndb_struct_na_base_pair_step.i_label_seq_id_1 
_ndb_struct_na_base_pair_step.i_symmetry_1 
_ndb_struct_na_base_pair_step.j_label_asym_id_1 
_ndb_struct_na_base_pair_step.j_label_comp_id_1 
_ndb_struct_na_base_pair_step.j_label_seq_id_1 
_ndb_struct_na_base_pair_step.j_symmetry_1 
_ndb_struct_na_base_pair_step.i_label_asym_id_2 
_ndb_struct_na_base_pair_step.i_label_comp_id_2 
_ndb_struct_na_base_pair_step.i_label_seq_id_2 
_ndb_struct_na_base_pair_step.i_symmetry_2 
_ndb_struct_na_base_pair_step.j_label_asym_id_2 
_ndb_struct_na_base_pair_step.j_label_comp_id_2 
_ndb_struct_na_base_pair_step.j_label_seq_id_2 
_ndb_struct_na_base_pair_step.j_symmetry_2 
_ndb_struct_na_base_pair_step.shift 
_ndb_struct_na_base_pair_step.slide 
_ndb_struct_na_base_pair_step.rise 
_ndb_struct_na_base_pair_step.tilt 
_ndb_struct_na_base_pair_step.roll 
_ndb_struct_na_base_pair_step.twist 
_ndb_struct_na_base_pair_step.x_displacement 
_ndb_struct_na_base_pair_step.y_displacement 
_ndb_struct_na_base_pair_step.helical_rise 
_ndb_struct_na_base_pair_step.inclination 
_ndb_struct_na_base_pair_step.tip 
_ndb_struct_na_base_pair_step.helical_twist 
_ndb_struct_na_base_pair_step.step_number 
_ndb_struct_na_base_pair_step.step_name 
_ndb_struct_na_base_pair_step.i_auth_asym_id_1 
_ndb_struct_na_base_pair_step.i_auth_seq_id_1 
_ndb_struct_na_base_pair_step.i_PDB_ins_code_1 
_ndb_struct_na_base_pair_step.j_auth_asym_id_1 
_ndb_struct_na_base_pair_step.j_auth_seq_id_1 
_ndb_struct_na_base_pair_step.j_PDB_ins_code_1 
_ndb_struct_na_base_pair_step.i_auth_asym_id_2 
_ndb_struct_na_base_pair_step.i_auth_seq_id_2 
_ndb_struct_na_base_pair_step.i_PDB_ins_code_2 
_ndb_struct_na_base_pair_step.j_auth_asym_id_2 
_ndb_struct_na_base_pair_step.j_auth_seq_id_2 
_ndb_struct_na_base_pair_step.j_PDB_ins_code_2 
1 A G 3  1_555 B C 23 1_555 A C 4  1_555 B G 22 1_555 0.142  -1.610 3.291 4.051  -1.600 35.214 -2.403 0.372  3.353 -2.632 -6.664  
35.473 1  AA_G3C4:G45C46_BB   A 3  ? B 46 ? A 4  ? B 45 ? 
1 A C 4  1_555 B G 22 1_555 A G 5  1_555 B C 21 1_555 -0.379 -1.566 3.455 -0.388 12.260 31.541 -4.624 0.592  2.682 21.561 0.683   
33.786 2  AA_C4G5:C44G45_BB   A 4  ? B 45 ? A 5  ? B 44 ? 
1 A G 5  1_555 B C 21 1_555 A U 6  1_555 B U 20 1_555 -0.667 -2.350 3.014 7.062  10.485 17.046 -9.397 3.838  1.055 30.501 -20.542 
21.194 3  AA_G5U6:U43C44_BB   A 5  ? B 44 ? A 6  ? B 43 ? 
1 A U 6  1_555 B U 20 1_555 A C 7  1_555 B G 19 1_555 2.031  -2.237 3.802 -2.581 0.498  44.524 -3.000 -2.946 3.661 0.656  3.402   
44.597 4  AA_U6C7:G42U43_BB   A 6  ? B 43 ? A 7  ? B 42 ? 
1 A C 7  1_555 B G 19 1_555 A C 9  1_555 B G 16 1_555 1.513  -3.253 6.426 -9.969 19.982 77.844 -3.487 -1.655 5.413 15.606 7.786   
80.492 5  AA_C7C9:G39G42_BB   A 7  ? B 42 ? A 9  ? B 39 ? 
1 A C 9  1_555 B G 16 1_555 A G 10 1_555 B C 15 1_555 -0.212 -1.796 3.538 -2.406 19.143 29.407 -5.665 0.015  2.037 33.546 4.216   
35.054 6  AA_C9G10:C38G39_BB  A 9  ? B 39 ? A 10 ? B 38 ? 
1 A G 10 1_555 B C 15 1_555 A C 11 1_555 B G 14 1_555 0.727  -1.930 2.967 1.244  -0.579 32.180 -3.384 -1.107 3.025 -1.045 -2.243  
32.209 7  AA_G10C11:G37C38_BB A 10 ? B 38 ? A 11 ? B 37 ? 
1 A C 11 1_555 B G 14 1_555 A C 12 1_555 B G 13 1_555 -0.868 -2.106 3.398 -3.161 5.014  29.281 -5.128 1.028  3.077 9.792  6.173   
29.862 8  AA_C11C12:G36G37_BB A 11 ? B 37 ? A 12 ? B 36 ? 
1 A C 12 1_555 B G 13 1_555 A G 13 1_555 B C 12 1_555 -0.096 -1.412 3.072 2.379  9.772  30.226 -4.136 0.555  2.492 18.119 -4.412  
31.819 9  AA_C12G13:C35G36_BB A 12 ? B 36 ? A 13 ? B 35 ? 
1 A G 13 1_555 B C 12 1_555 A G 14 1_555 B C 11 1_555 -0.135 -1.277 3.017 -0.627 6.281  33.262 -3.094 0.143  2.739 10.852 1.084   
33.839 10 AA_G13G14:C34C35_BB A 13 ? B 35 ? A 14 ? B 34 ? 
1 A G 14 1_555 B C 11 1_555 A C 15 1_555 B G 10 1_555 0.611  -1.377 3.117 2.686  1.626  32.534 -2.714 -0.644 3.086 2.894  -4.780  
32.681 11 AA_G14C15:G33C34_BB A 14 ? B 34 ? A 15 ? B 33 ? 
1 A C 15 1_555 B G 10 1_555 A G 16 1_555 B C 9  1_555 0.128  -1.857 3.668 4.856  17.287 32.558 -5.226 0.447  2.409 28.310 -7.953  
37.063 12 AA_C15G16:C32G33_BB A 15 ? B 33 ? A 16 ? B 32 ? 
1 A G 16 1_555 B C 9  1_555 A G 19 1_555 B C 7  1_555 -1.678 -3.546 6.198 8.103  20.707 75.333 -3.839 1.733  5.065 16.602 -6.496  
78.077 13 AA_G16G19:C30C32_BB A 16 ? B 32 ? A 19 ? B 30 ? 
1 A G 19 1_555 B C 7  1_555 A U 20 1_555 B U 6  1_555 -1.577 -2.364 3.618 5.184  3.416  42.248 -3.609 2.714  3.220 4.709  -7.145  
42.681 14 AA_G19U20:U29C30_BB A 19 ? B 30 ? A 20 ? B 29 ? 
1 A U 20 1_555 B U 6  1_555 A C 21 1_555 B G 5  1_555 0.512  -2.240 3.195 -8.063 7.363  23.384 -6.778 -3.071 2.114 17.026 18.647  
25.776 15 AA_U20C21:G28U29_BB A 20 ? B 29 ? A 21 ? B 28 ? 
1 A C 21 1_555 B G 5  1_555 A G 22 1_555 B C 4  1_555 0.330  -1.911 3.523 -1.316 9.394  31.323 -5.008 -0.812 2.831 16.919 2.371   
32.693 16 AA_C21G22:C27G28_BB A 21 ? B 28 ? A 22 ? B 27 ? 
1 A G 22 1_555 B C 4  1_555 A C 23 1_555 B G 3  1_555 0.287  -2.090 3.262 -0.164 -2.359 32.482 -3.307 -0.541 3.400 -4.211 0.292   
32.566 17 AA_G22C23:G26C27_BB A 22 ? B 27 ? A 23 ? B 26 ? 
# 
_atom_sites.entry_id                    3WRU 
_atom_sites.fract_transf_matrix[1][1]   -0.00393029 
_atom_sites.fract_transf_matrix[1][2]   -0.01932122 
_atom_sites.fract_transf_matrix[1][3]   -0.01114840 
_atom_sites.fract_transf_matrix[2][1]   -0.01125075 
_atom_sites.fract_transf_matrix[2][2]   -0.01250970 
_atom_sites.fract_transf_matrix[2][3]   0.02564685 
_atom_sites.fract_transf_matrix[3][1]   -0.01890619 
_atom_sites.fract_transf_matrix[3][2]   0.00078208 
_atom_sites.fract_transf_matrix[3][3]   -0.00791229 
_atom_sites.fract_transf_vector[1]      0.096436 
_atom_sites.fract_transf_vector[2]      -0.112691 
_atom_sites.fract_transf_vector[3]      0.259889 
# 
loop_
_atom_type.symbol 
C 
F 
K 
N 
O 
P 
# 
loop_
_atom_site.group_PDB 
_atom_site.id 
_atom_site.type_symbol 
_atom_site.label_atom_id 
_atom_site.label_alt_id 
_atom_site.label_comp_id 
_atom_site.label_asym_id 
_atom_site.label_entity_id 
_atom_site.label_seq_id 
_atom_site.pdbx_PDB_ins_code 
_atom_site.Cartn_x 
_atom_site.Cartn_y 
_atom_site.Cartn_z 
_atom_site.occupancy 
_atom_site.B_iso_or_equiv 
_atom_site.pdbx_formal_charge 
_atom_site.auth_seq_id 
_atom_site.auth_comp_id 
_atom_site.auth_asym_id 
_atom_site.auth_atom_id 
_atom_site.pdbx_PDB_model_num 
ATOM   1    P P     . G   A 1 3  ? -12.017 19.205  12.999  1.00 71.40 ? 3   G   A P     1 
ATOM   2    O OP1   . G   A 1 3  ? -12.560 17.866  13.468  1.00 71.24 ? 3   G   A OP1   1 
ATOM   3    O OP2   . G   A 1 3  ? -11.807 19.262  11.494  1.00 71.54 ? 3   G   A OP2   1 
ATOM   4    O "O5'" . G   A 1 3  ? -10.535 19.344  13.666  1.00 68.12 ? 3   G   A "O5'" 1 
ATOM   5    C "C5'" . G   A 1 3  ? -9.783  20.565  13.544  1.00 64.05 ? 3   G   A "C5'" 1 
ATOM   6    C "C4'" . G   A 1 3  ? -8.584  20.541  14.462  1.00 60.46 ? 3   G   A "C4'" 1 
ATOM   7    O "O4'" . G   A 1 3  ? -9.022  20.346  15.833  1.00 58.79 ? 3   G   A "O4'" 1 
ATOM   8    C "C3'" . G   A 1 3  ? -7.602  19.401  14.243  1.00 59.12 ? 3   G   A "C3'" 1 
ATOM   9    O "O3'" . G   A 1 3  ? -6.705  19.649  13.164  1.00 58.56 ? 3   G   A "O3'" 1 
ATOM   10   C "C2'" . G   A 1 3  ? -6.879  19.346  15.582  1.00 57.31 ? 3   G   A "C2'" 1 
ATOM   11   O "O2'" . G   A 1 3  ? -5.880  20.337  15.719  1.00 57.35 ? 3   G   A "O2'" 1 
ATOM   12   C "C1'" . G   A 1 3  ? -8.028  19.632  16.553  1.00 56.62 ? 3   G   A "C1'" 1 
ATOM   13   N N9    . G   A 1 3  ? -8.621  18.412  17.100  1.00 55.63 ? 3   G   A N9    1 
ATOM   14   C C8    . G   A 1 3  ? -9.834  17.851  16.777  1.00 54.15 ? 3   G   A C8    1 
ATOM   15   N N7    . G   A 1 3  ? -10.080 16.749  17.433  1.00 53.00 ? 3   G   A N7    1 
ATOM   16   C C5    . G   A 1 3  ? -8.963  16.572  18.239  1.00 52.96 ? 3   G   A C5    1 
ATOM   17   C C6    . G   A 1 3  ? -8.654  15.546  19.171  1.00 52.49 ? 3   G   A C6    1 
ATOM   18   O O6    . G   A 1 3  ? -9.329  14.556  19.480  1.00 50.95 ? 3   G   A O6    1 
ATOM   19   N N1    . G   A 1 3  ? -7.416  15.754  19.768  1.00 51.94 ? 3   G   A N1    1 
ATOM   20   C C2    . G   A 1 3  ? -6.580  16.811  19.506  1.00 52.40 ? 3   G   A C2    1 
ATOM   21   N N2    . G   A 1 3  ? -5.425  16.837  20.187  1.00 52.64 ? 3   G   A N2    1 
ATOM   22   N N3    . G   A 1 3  ? -6.855  17.772  18.641  1.00 52.75 ? 3   G   A N3    1 
ATOM   23   C C4    . G   A 1 3  ? -8.054  17.590  18.048  1.00 53.72 ? 3   G   A C4    1 
ATOM   24   P P     . C   A 1 4  ? -5.983  18.413  12.430  1.00 58.65 ? 4   C   A P     1 
ATOM   25   O OP1   . C   A 1 4  ? -5.192  18.947  11.292  1.00 60.07 ? 4   C   A OP1   1 
ATOM   26   O OP2   . C   A 1 4  ? -7.013  17.370  12.181  1.00 58.61 ? 4   C   A OP2   1 
ATOM   27   O "O5'" . C   A 1 4  ? -4.972  17.853  13.527  1.00 56.93 ? 4   C   A "O5'" 1 
ATOM   28   C "C5'" . C   A 1 4  ? -3.924  18.673  14.038  1.00 53.55 ? 4   C   A "C5'" 1 
ATOM   29   C "C4'" . C   A 1 4  ? -3.120  17.923  15.075  1.00 51.62 ? 4   C   A "C4'" 1 
ATOM   30   O "O4'" . C   A 1 4  ? -3.949  17.658  16.241  1.00 51.56 ? 4   C   A "O4'" 1 
ATOM   31   C "C3'" . C   A 1 4  ? -2.611  16.539  14.678  1.00 50.74 ? 4   C   A "C3'" 1 
ATOM   32   O "O3'" . C   A 1 4  ? -1.452  16.524  13.852  1.00 49.66 ? 4   C   A "O3'" 1 
ATOM   33   C "C2'" . C   A 1 4  ? -2.357  15.909  16.040  1.00 51.31 ? 4   C   A "C2'" 1 
ATOM   34   O "O2'" . C   A 1 4  ? -1.159  16.352  16.648  1.00 50.06 ? 4   C   A "O2'" 1 
ATOM   35   C "C1'" . C   A 1 4  ? -3.563  16.421  16.829  1.00 50.78 ? 4   C   A "C1'" 1 
ATOM   36   N N1    . C   A 1 4  ? -4.703  15.482  16.765  1.00 50.87 ? 4   C   A N1    1 
ATOM   37   C C2    . C   A 1 4  ? -4.803  14.473  17.737  1.00 50.92 ? 4   C   A C2    1 
ATOM   38   O O2    . C   A 1 4  ? -3.949  14.411  18.637  1.00 51.88 ? 4   C   A O2    1 
ATOM   39   N N3    . C   A 1 4  ? -5.828  13.594  17.672  1.00 50.19 ? 4   C   A N3    1 
ATOM   40   C C4    . C   A 1 4  ? -6.732  13.692  16.693  1.00 51.13 ? 4   C   A C4    1 
ATOM   41   N N4    . C   A 1 4  ? -7.721  12.797  16.665  1.00 50.30 ? 4   C   A N4    1 
ATOM   42   C C5    . C   A 1 4  ? -6.660  14.711  15.700  1.00 50.71 ? 4   C   A C5    1 
ATOM   43   C C6    . C   A 1 4  ? -5.641  15.577  15.774  1.00 50.72 ? 4   C   A C6    1 
ATOM   44   P P     . G   A 1 5  ? -1.085  15.192  13.032  1.00 49.00 ? 5   G   A P     1 
ATOM   45   O OP1   . G   A 1 5  ? 0.134   15.475  12.232  1.00 51.86 ? 5   G   A OP1   1 
ATOM   46   O OP2   . G   A 1 5  ? -2.312  14.703  12.350  1.00 50.03 ? 5   G   A OP2   1 
ATOM   47   O "O5'" . G   A 1 5  ? -0.704  14.146  14.171  1.00 46.54 ? 5   G   A "O5'" 1 
ATOM   48   C "C5'" . G   A 1 5  ? 0.429   14.359  15.009  1.00 43.28 ? 5   G   A "C5'" 1 
ATOM   49   C "C4'" . G   A 1 5  ? 0.699   13.134  15.850  1.00 41.66 ? 5   G   A "C4'" 1 
ATOM   50   O "O4'" . G   A 1 5  ? -0.321  12.998  16.877  1.00 40.55 ? 5   G   A "O4'" 1 
ATOM   51   C "C3'" . G   A 1 5  ? 0.650   11.815  15.096  1.00 41.23 ? 5   G   A "C3'" 1 
ATOM   52   O "O3'" . G   A 1 5  ? 1.887   11.564  14.441  1.00 42.04 ? 5   G   A "O3'" 1 
ATOM   53   C "C2'" . G   A 1 5  ? 0.360   10.824  16.213  1.00 41.17 ? 5   G   A "C2'" 1 
ATOM   54   O "O2'" . G   A 1 5  ? 1.504   10.503  16.977  1.00 41.44 ? 5   G   A "O2'" 1 
ATOM   55   C "C1'" . G   A 1 5  ? -0.630  11.623  17.063  1.00 39.77 ? 5   G   A "C1'" 1 
ATOM   56   N N9    . G   A 1 5  ? -2.015  11.403  16.654  1.00 38.65 ? 5   G   A N9    1 
ATOM   57   C C8    . G   A 1 5  ? -2.753  12.164  15.777  1.00 37.78 ? 5   G   A C8    1 
ATOM   58   N N7    . G   A 1 5  ? -3.962  11.709  15.595  1.00 35.61 ? 5   G   A N7    1 
ATOM   59   C C5    . G   A 1 5  ? -4.032  10.582  16.402  1.00 35.11 ? 5   G   A C5    1 
ATOM   60   C C6    . G   A 1 5  ? -5.098  9.672   16.616  1.00 35.70 ? 5   G   A C6    1 
ATOM   61   O O6    . G   A 1 5  ? -6.230  9.678   16.118  1.00 36.81 ? 5   G   A O6    1 
ATOM   62   N N1    . G   A 1 5  ? -4.742  8.671   17.515  1.00 34.10 ? 5   G   A N1    1 
ATOM   63   C C2    . G   A 1 5  ? -3.519  8.558   18.128  1.00 34.65 ? 5   G   A C2    1 
ATOM   64   N N2    . G   A 1 5  ? -3.371  7.521   18.966  1.00 32.91 ? 5   G   A N2    1 
ATOM   65   N N3    . G   A 1 5  ? -2.516  9.398   17.935  1.00 35.19 ? 5   G   A N3    1 
ATOM   66   C C4    . G   A 1 5  ? -2.840  10.380  17.066  1.00 35.56 ? 5   G   A C4    1 
ATOM   67   P P     . U   A 1 6  ? 1.925   10.556  13.192  1.00 43.41 ? 6   U   A P     1 
ATOM   68   O OP1   . U   A 1 6  ? 3.310   10.570  12.655  1.00 43.65 ? 6   U   A OP1   1 
ATOM   69   O OP2   . U   A 1 6  ? 0.786   10.877  12.293  1.00 42.20 ? 6   U   A OP2   1 
ATOM   70   O "O5'" . U   A 1 6  ? 1.657   9.136   13.865  1.00 42.84 ? 6   U   A "O5'" 1 
ATOM   71   C "C5'" . U   A 1 6  ? 0.821   8.167   13.240  1.00 40.88 ? 6   U   A "C5'" 1 
ATOM   72   C "C4'" . U   A 1 6  ? 0.722   6.936   14.111  1.00 40.22 ? 6   U   A "C4'" 1 
ATOM   73   O "O4'" . U   A 1 6  ? -0.137  7.214   15.255  1.00 39.98 ? 6   U   A "O4'" 1 
ATOM   74   C "C3'" . U   A 1 6  ? 0.074   5.700   13.509  1.00 40.02 ? 6   U   A "C3'" 1 
ATOM   75   O "O3'" . U   A 1 6  ? 0.857   4.953   12.588  1.00 37.94 ? 6   U   A "O3'" 1 
ATOM   76   C "C2'" . U   A 1 6  ? -0.256  4.900   14.760  1.00 39.86 ? 6   U   A "C2'" 1 
ATOM   77   O "O2'" . U   A 1 6  ? 0.870   4.264   15.333  1.00 41.81 ? 6   U   A "O2'" 1 
ATOM   78   C "C1'" . U   A 1 6  ? -0.762  6.009   15.684  1.00 39.87 ? 6   U   A "C1'" 1 
ATOM   79   N N1    . U   A 1 6  ? -2.235  6.155   15.579  1.00 40.95 ? 6   U   A N1    1 
ATOM   80   C C2    . U   A 1 6  ? -3.005  5.254   16.284  1.00 39.81 ? 6   U   A C2    1 
ATOM   81   O O2    . U   A 1 6  ? -2.526  4.404   17.012  1.00 38.76 ? 6   U   A O2    1 
ATOM   82   N N3    . U   A 1 6  ? -4.369  5.382   16.108  1.00 38.44 ? 6   U   A N3    1 
ATOM   83   C C4    . U   A 1 6  ? -5.012  6.302   15.312  1.00 38.18 ? 6   U   A C4    1 
ATOM   84   O O4    . U   A 1 6  ? -6.247  6.319   15.233  1.00 38.82 ? 6   U   A O4    1 
ATOM   85   C C5    . U   A 1 6  ? -4.126  7.198   14.610  1.00 39.40 ? 6   U   A C5    1 
ATOM   86   C C6    . U   A 1 6  ? -2.789  7.109   14.762  1.00 39.23 ? 6   U   A C6    1 
ATOM   87   P P     . C   A 1 7  ? 0.142   4.263   11.325  1.00 40.66 ? 7   C   A P     1 
ATOM   88   O OP1   . C   A 1 7  ? 1.173   3.483   10.594  1.00 41.78 ? 7   C   A OP1   1 
ATOM   89   O OP2   . C   A 1 7  ? -0.636  5.305   10.606  1.00 40.72 ? 7   C   A OP2   1 
ATOM   90   O "O5'" . C   A 1 7  ? -0.891  3.241   11.981  1.00 38.71 ? 7   C   A "O5'" 1 
ATOM   91   C "C5'" . C   A 1 7  ? -0.451  2.241   12.898  1.00 37.33 ? 7   C   A "C5'" 1 
ATOM   92   C "C4'" . C   A 1 7  ? -1.619  1.402   13.365  1.00 35.44 ? 7   C   A "C4'" 1 
ATOM   93   O "O4'" . C   A 1 7  ? -2.559  2.232   14.102  1.00 34.47 ? 7   C   A "O4'" 1 
ATOM   94   C "C3'" . C   A 1 7  ? -2.459  0.789   12.251  1.00 35.92 ? 7   C   A "C3'" 1 
ATOM   95   O "O3'" . C   A 1 7  ? -1.914  -0.400  11.695  1.00 36.89 ? 7   C   A "O3'" 1 
ATOM   96   C "C2'" . C   A 1 7  ? -3.787  0.554   12.957  1.00 35.51 ? 7   C   A "C2'" 1 
ATOM   97   O "O2'" . C   A 1 7  ? -3.787  -0.597  13.779  1.00 34.80 ? 7   C   A "O2'" 1 
ATOM   98   C "C1'" . C   A 1 7  ? -3.889  1.813   13.820  1.00 33.95 ? 7   C   A "C1'" 1 
ATOM   99   N N1    . C   A 1 7  ? -4.603  2.911   13.136  1.00 32.71 ? 7   C   A N1    1 
ATOM   100  C C2    . C   A 1 7  ? -6.006  2.859   13.046  1.00 32.76 ? 7   C   A C2    1 
ATOM   101  O O2    . C   A 1 7  ? -6.611  1.899   13.550  1.00 34.31 ? 7   C   A O2    1 
ATOM   102  N N3    . C   A 1 7  ? -6.663  3.856   12.409  1.00 33.06 ? 7   C   A N3    1 
ATOM   103  C C4    . C   A 1 7  ? -5.982  4.873   11.877  1.00 32.69 ? 7   C   A C4    1 
ATOM   104  N N4    . C   A 1 7  ? -6.673  5.829   11.256  1.00 32.32 ? 7   C   A N4    1 
ATOM   105  C C5    . C   A 1 7  ? -4.561  4.955   11.960  1.00 31.60 ? 7   C   A C5    1 
ATOM   106  C C6    . C   A 1 7  ? -3.919  3.965   12.590  1.00 33.19 ? 7   C   A C6    1 
ATOM   107  P P     . A   A 1 8  ? -2.219  -0.768  10.160  1.00 37.09 ? 8   A   A P     1 
ATOM   108  O OP1   . A   A 1 8  ? -1.392  -1.950  9.809   1.00 41.17 ? 8   A   A OP1   1 
ATOM   109  O OP2   . A   A 1 8  ? -2.107  0.473   9.350   1.00 38.57 ? 8   A   A OP2   1 
ATOM   110  O "O5'" . A   A 1 8  ? -3.749  -1.213  10.176  1.00 38.37 ? 8   A   A "O5'" 1 
ATOM   111  C "C5'" . A   A 1 8  ? -4.209  -2.212  11.083  1.00 36.81 ? 8   A   A "C5'" 1 
ATOM   112  C "C4'" . A   A 1 8  ? -5.718  -2.264  11.089  1.00 36.52 ? 8   A   A "C4'" 1 
ATOM   113  O "O4'" . A   A 1 8  ? -6.254  -0.988  11.530  1.00 34.23 ? 8   A   A "O4'" 1 
ATOM   114  C "C3'" . A   A 1 8  ? -6.361  -2.476  9.722   1.00 36.97 ? 8   A   A "C3'" 1 
ATOM   115  O "O3'" . A   A 1 8  ? -6.368  -3.845  9.334   1.00 38.19 ? 8   A   A "O3'" 1 
ATOM   116  C "C2'" . A   A 1 8  ? -7.763  -1.928  9.952   1.00 36.35 ? 8   A   A "C2'" 1 
ATOM   117  O "O2'" . A   A 1 8  ? -8.610  -2.835  10.630  1.00 37.05 ? 8   A   A "O2'" 1 
ATOM   118  C "C1'" . A   A 1 8  ? -7.471  -0.721  10.849  1.00 34.04 ? 8   A   A "C1'" 1 
ATOM   119  N N9    . A   A 1 8  ? -7.328  0.534   10.107  1.00 32.68 ? 8   A   A N9    1 
ATOM   120  C C8    . A   A 1 8  ? -6.187  1.269   9.889   1.00 31.01 ? 8   A   A C8    1 
ATOM   121  N N7    . A   A 1 8  ? -6.383  2.354   9.179   1.00 30.36 ? 8   A   A N7    1 
ATOM   122  C C5    . A   A 1 8  ? -7.745  2.335   8.912   1.00 30.71 ? 8   A   A C5    1 
ATOM   123  C C6    . A   A 1 8  ? -8.581  3.212   8.196   1.00 28.62 ? 8   A   A C6    1 
ATOM   124  N N6    . A   A 1 8  ? -8.151  4.324   7.596   1.00 24.23 ? 8   A   A N6    1 
ATOM   125  N N1    . A   A 1 8  ? -9.894  2.902   8.117   1.00 30.93 ? 8   A   A N1    1 
ATOM   126  C C2    . A   A 1 8  ? -10.326 1.787   8.718   1.00 32.61 ? 8   A   A C2    1 
ATOM   127  N N3    . A   A 1 8  ? -9.641  0.886   9.417   1.00 33.13 ? 8   A   A N3    1 
ATOM   128  C C4    . A   A 1 8  ? -8.340  1.222   9.477   1.00 31.90 ? 8   A   A C4    1 
ATOM   129  P P     . C   A 1 9  ? -5.954  -4.245  7.833   1.00 38.59 ? 9   C   A P     1 
ATOM   130  O OP1   . C   A 1 9  ? -5.879  -5.727  7.772   1.00 40.55 ? 9   C   A OP1   1 
ATOM   131  O OP2   . C   A 1 9  ? -4.772  -3.436  7.438   1.00 38.77 ? 9   C   A OP2   1 
ATOM   132  O "O5'" . C   A 1 9  ? -7.197  -3.767  6.960   1.00 38.14 ? 9   C   A "O5'" 1 
ATOM   133  C "C5'" . C   A 1 9  ? -8.504  -4.281  7.208   1.00 36.34 ? 9   C   A "C5'" 1 
ATOM   134  C "C4'" . C   A 1 9  ? -9.535  -3.495  6.435   1.00 36.06 ? 9   C   A "C4'" 1 
ATOM   135  O "O4'" . C   A 1 9  ? -9.694  -2.175  7.022   1.00 35.47 ? 9   C   A "O4'" 1 
ATOM   136  C "C3'" . C   A 1 9  ? -9.234  -3.207  4.967   1.00 35.38 ? 9   C   A "C3'" 1 
ATOM   137  O "O3'" . C   A 1 9  ? -9.511  -4.319  4.126   1.00 37.02 ? 9   C   A "O3'" 1 
ATOM   138  C "C2'" . C   A 1 9  ? -10.149 -2.020  4.697   1.00 36.07 ? 9   C   A "C2'" 1 
ATOM   139  O "O2'" . C   A 1 9  ? -11.499 -2.395  4.508   1.00 35.01 ? 9   C   A "O2'" 1 
ATOM   140  C "C1'" . C   A 1 9  ? -10.003 -1.233  6.001   1.00 35.69 ? 9   C   A "C1'" 1 
ATOM   141  N N1    . C   A 1 9  ? -8.922  -0.229  5.935   1.00 34.97 ? 9   C   A N1    1 
ATOM   142  C C2    . C   A 1 9  ? -9.204  1.036   5.391   1.00 35.52 ? 9   C   A C2    1 
ATOM   143  O O2    . C   A 1 9  ? -10.358 1.284   5.001   1.00 35.26 ? 9   C   A O2    1 
ATOM   144  N N3    . C   A 1 9  ? -8.215  1.954   5.305   1.00 33.63 ? 9   C   A N3    1 
ATOM   145  C C4    . C   A 1 9  ? -6.987  1.655   5.737   1.00 34.41 ? 9   C   A C4    1 
ATOM   146  N N4    . C   A 1 9  ? -6.042  2.591   5.627   1.00 34.70 ? 9   C   A N4    1 
ATOM   147  C C5    . C   A 1 9  ? -6.674  0.385   6.302   1.00 34.62 ? 9   C   A C5    1 
ATOM   148  C C6    . C   A 1 9  ? -7.660  -0.517  6.382   1.00 34.65 ? 9   C   A C6    1 
ATOM   149  P P     . G   A 1 10 ? -8.519  -4.656  2.907   1.00 41.80 ? 10  G   A P     1 
ATOM   150  O OP1   . G   A 1 10 ? -8.838  -6.029  2.440   1.00 42.50 ? 10  G   A OP1   1 
ATOM   151  O OP2   . G   A 1 10 ? -7.130  -4.329  3.326   1.00 39.08 ? 10  G   A OP2   1 
ATOM   152  O "O5'" . G   A 1 10 ? -8.948  -3.623  1.771   1.00 42.05 ? 10  G   A "O5'" 1 
ATOM   153  C "C5'" . G   A 1 10 ? -10.275 -3.624  1.251   1.00 41.68 ? 10  G   A "C5'" 1 
ATOM   154  C "C4'" . G   A 1 10 ? -10.501 -2.420  0.365   1.00 42.17 ? 10  G   A "C4'" 1 
ATOM   155  O "O4'" . G   A 1 10 ? -10.527 -1.212  1.172   1.00 41.14 ? 10  G   A "O4'" 1 
ATOM   156  C "C3'" . G   A 1 10 ? -9.448  -2.126  -0.688  1.00 40.97 ? 10  G   A "C3'" 1 
ATOM   157  O "O3'" . G   A 1 10 ? -9.616  -2.943  -1.840  1.00 41.76 ? 10  G   A "O3'" 1 
ATOM   158  C "C2'" . G   A 1 10 ? -9.715  -0.657  -0.991  1.00 39.92 ? 10  G   A "C2'" 1 
ATOM   159  O "O2'" . G   A 1 10 ? -10.819 -0.455  -1.851  1.00 37.97 ? 10  G   A "O2'" 1 
ATOM   160  C "C1'" . G   A 1 10 ? -10.038 -0.120  0.406   1.00 39.47 ? 10  G   A "C1'" 1 
ATOM   161  N N9    . G   A 1 10 ? -8.859  0.436   1.065   1.00 35.91 ? 10  G   A N9    1 
ATOM   162  C C8    . G   A 1 10 ? -8.096  -0.142  2.054   1.00 34.08 ? 10  G   A C8    1 
ATOM   163  N N7    . G   A 1 10 ? -7.090  0.601   2.426   1.00 32.95 ? 10  G   A N7    1 
ATOM   164  C C5    . G   A 1 10 ? -7.196  1.741   1.641   1.00 33.06 ? 10  G   A C5    1 
ATOM   165  C C6    . G   A 1 10 ? -6.383  2.904   1.592   1.00 32.26 ? 10  G   A C6    1 
ATOM   166  O O6    . G   A 1 10 ? -5.374  3.168   2.254   1.00 31.04 ? 10  G   A O6    1 
ATOM   167  N N1    . G   A 1 10 ? -6.852  3.815   0.650   1.00 31.75 ? 10  G   A N1    1 
ATOM   168  C C2    . G   A 1 10 ? -7.956  3.634   -0.144  1.00 32.98 ? 10  G   A C2    1 
ATOM   169  N N2    . G   A 1 10 ? -8.248  4.631   -0.991  1.00 34.49 ? 10  G   A N2    1 
ATOM   170  N N3    . G   A 1 10 ? -8.718  2.556   -0.111  1.00 33.09 ? 10  G   A N3    1 
ATOM   171  C C4    . G   A 1 10 ? -8.283  1.656   0.798   1.00 35.17 ? 10  G   A C4    1 
ATOM   172  P P     . C   A 1 11 ? -8.322  -3.428  -2.665  1.00 45.25 ? 11  C   A P     1 
ATOM   173  O OP1   . C   A 1 11 ? -8.794  -4.238  -3.818  1.00 46.57 ? 11  C   A OP1   1 
ATOM   174  O OP2   . C   A 1 11 ? -7.371  -4.025  -1.692  1.00 46.40 ? 11  C   A OP2   1 
ATOM   175  O "O5'" . C   A 1 11 ? -7.686  -2.075  -3.224  1.00 45.19 ? 11  C   A "O5'" 1 
ATOM   176  C "C5'" . C   A 1 11 ? -8.429  -1.244  -4.111  1.00 41.61 ? 11  C   A "C5'" 1 
ATOM   177  C "C4'" . C   A 1 11 ? -7.772  0.112   -4.277  1.00 38.75 ? 11  C   A "C4'" 1 
ATOM   178  O "O4'" . C   A 1 11 ? -7.591  0.749   -2.984  1.00 38.04 ? 11  C   A "O4'" 1 
ATOM   179  C "C3'" . C   A 1 11 ? -6.372  0.282   -4.900  1.00 36.50 ? 11  C   A "C3'" 1 
ATOM   180  O "O3'" . C   A 1 11 ? -6.341  0.106   -6.315  1.00 35.08 ? 11  C   A "O3'" 1 
ATOM   181  C "C2'" . C   A 1 11 ? -6.078  1.733   -4.533  1.00 35.55 ? 11  C   A "C2'" 1 
ATOM   182  O "O2'" . C   A 1 11 ? -6.739  2.658   -5.374  1.00 34.63 ? 11  C   A "O2'" 1 
ATOM   183  C "C1'" . C   A 1 11 ? -6.667  1.821   -3.123  1.00 34.83 ? 11  C   A "C1'" 1 
ATOM   184  N N1    . C   A 1 11 ? -5.629  1.741   -2.075  1.00 33.04 ? 11  C   A N1    1 
ATOM   185  C C2    . C   A 1 11 ? -4.895  2.902   -1.771  1.00 29.85 ? 11  C   A C2    1 
ATOM   186  O O2    . C   A 1 11 ? -5.161  3.960   -2.367  1.00 25.70 ? 11  C   A O2    1 
ATOM   187  N N3    . C   A 1 11 ? -3.920  2.842   -0.838  1.00 30.38 ? 11  C   A N3    1 
ATOM   188  C C4    . C   A 1 11 ? -3.664  1.693   -0.212  1.00 31.99 ? 11  C   A C4    1 
ATOM   189  N N4    . C   A 1 11 ? -2.685  1.681   0.696   1.00 30.60 ? 11  C   A N4    1 
ATOM   190  C C5    . C   A 1 11 ? -4.398  0.501   -0.490  1.00 31.66 ? 11  C   A C5    1 
ATOM   191  C C6    . C   A 1 11 ? -5.364  0.570   -1.419  1.00 30.66 ? 11  C   A C6    1 
ATOM   192  P P     . C   A 1 12 ? -4.927  -0.046  -7.069  1.00 31.62 ? 12  C   A P     1 
ATOM   193  O OP1   . C   A 1 12 ? -5.217  -0.399  -8.483  1.00 35.19 ? 12  C   A OP1   1 
ATOM   194  O OP2   . C   A 1 12 ? -4.049  -0.931  -6.260  1.00 37.01 ? 12  C   A OP2   1 
ATOM   195  O "O5'" . C   A 1 12 ? -4.309  1.425   -7.040  1.00 36.35 ? 12  C   A "O5'" 1 
ATOM   196  C "C5'" . C   A 1 12 ? -4.911  2.487   -7.780  1.00 32.76 ? 12  C   A "C5'" 1 
ATOM   197  C "C4'" . C   A 1 12 ? -4.059  3.735   -7.709  1.00 32.39 ? 12  C   A "C4'" 1 
ATOM   198  O "O4'" . C   A 1 12 ? -4.028  4.233   -6.345  1.00 30.52 ? 12  C   A "O4'" 1 
ATOM   199  C "C3'" . C   A 1 12 ? -2.583  3.575   -8.076  1.00 31.37 ? 12  C   A "C3'" 1 
ATOM   200  O "O3'" . C   A 1 12 ? -2.409  3.622   -9.488  1.00 32.52 ? 12  C   A "O3'" 1 
ATOM   201  C "C2'" . C   A 1 12 ? -1.962  4.785   -7.390  1.00 31.68 ? 12  C   A "C2'" 1 
ATOM   202  O "O2'" . C   A 1 12 ? -2.137  5.984   -8.119  1.00 31.17 ? 12  C   A "O2'" 1 
ATOM   203  C "C1'" . C   A 1 12 ? -2.770  4.845   -6.091  1.00 32.28 ? 12  C   A "C1'" 1 
ATOM   204  N N1    . C   A 1 12 ? -2.113  4.150   -4.964  1.00 31.55 ? 12  C   A N1    1 
ATOM   205  C C2    . C   A 1 12 ? -1.070  4.801   -4.283  1.00 31.04 ? 12  C   A C2    1 
ATOM   206  O O2    . C   A 1 12 ? -0.731  5.942   -4.641  1.00 28.92 ? 12  C   A O2    1 
ATOM   207  N N3    . C   A 1 12 ? -0.459  4.171   -3.254  1.00 29.75 ? 12  C   A N3    1 
ATOM   208  C C4    . C   A 1 12 ? -0.850  2.946   -2.895  1.00 30.04 ? 12  C   A C4    1 
ATOM   209  N N4    . C   A 1 12 ? -0.218  2.364   -1.873  1.00 27.42 ? 12  C   A N4    1 
ATOM   210  C C5    . C   A 1 12 ? -1.905  2.263   -3.565  1.00 28.03 ? 12  C   A C5    1 
ATOM   211  C C6    . C   A 1 12 ? -2.503  2.894   -4.584  1.00 30.96 ? 12  C   A C6    1 
ATOM   212  P P     . G   A 1 13 ? -1.112  2.944   -10.154 1.00 33.42 ? 13  G   A P     1 
ATOM   213  O OP1   . G   A 1 13 ? -1.261  3.068   -11.628 1.00 37.06 ? 13  G   A OP1   1 
ATOM   214  O OP2   . G   A 1 13 ? -0.918  1.601   -9.548  1.00 30.68 ? 13  G   A OP2   1 
ATOM   215  O "O5'" . G   A 1 13 ? 0.094   3.879   -9.691  1.00 33.37 ? 13  G   A "O5'" 1 
ATOM   216  C "C5'" . G   A 1 13 ? 0.231   5.203   -10.202 1.00 32.20 ? 13  G   A "C5'" 1 
ATOM   217  C "C4'" . G   A 1 13 ? 1.367   5.925   -9.514  1.00 33.45 ? 13  G   A "C4'" 1 
ATOM   218  O "O4'" . G   A 1 13 ? 1.070   6.065   -8.098  1.00 33.44 ? 13  G   A "O4'" 1 
ATOM   219  C "C3'" . G   A 1 13 ? 2.715   5.214   -9.521  1.00 31.90 ? 13  G   A "C3'" 1 
ATOM   220  O "O3'" . G   A 1 13 ? 3.445   5.348   -10.735 1.00 35.54 ? 13  G   A "O3'" 1 
ATOM   221  C "C2'" . G   A 1 13 ? 3.427   5.891   -8.357  1.00 32.00 ? 13  G   A "C2'" 1 
ATOM   222  O "O2'" . G   A 1 13 ? 3.949   7.163   -8.686  1.00 31.38 ? 13  G   A "O2'" 1 
ATOM   223  C "C1'" . G   A 1 13 ? 2.281   6.041   -7.354  1.00 32.47 ? 13  G   A "C1'" 1 
ATOM   224  N N9    . G   A 1 13 ? 2.230   4.934   -6.402  1.00 33.08 ? 13  G   A N9    1 
ATOM   225  C C8    . G   A 1 13 ? 1.422   3.822   -6.451  1.00 33.08 ? 13  G   A C8    1 
ATOM   226  N N7    . G   A 1 13 ? 1.621   2.999   -5.456  1.00 31.87 ? 13  G   A N7    1 
ATOM   227  C C5    . G   A 1 13 ? 2.619   3.605   -4.704  1.00 32.89 ? 13  G   A C5    1 
ATOM   228  C C6    . G   A 1 13 ? 3.253   3.181   -3.507  1.00 32.62 ? 13  G   A C6    1 
ATOM   229  O O6    . G   A 1 13 ? 3.054   2.151   -2.852  1.00 33.20 ? 13  G   A O6    1 
ATOM   230  N N1    . G   A 1 13 ? 4.211   4.098   -3.085  1.00 32.92 ? 13  G   A N1    1 
ATOM   231  C C2    . G   A 1 13 ? 4.520   5.271   -3.727  1.00 36.27 ? 13  G   A C2    1 
ATOM   232  N N2    . G   A 1 13 ? 5.473   6.024   -3.162  1.00 35.14 ? 13  G   A N2    1 
ATOM   233  N N3    . G   A 1 13 ? 3.937   5.676   -4.843  1.00 36.25 ? 13  G   A N3    1 
ATOM   234  C C4    . G   A 1 13 ? 3.003   4.800   -5.272  1.00 33.92 ? 13  G   A C4    1 
ATOM   235  P P     . G   A 1 14 ? 4.618   4.301   -11.078 1.00 37.11 ? 14  G   A P     1 
ATOM   236  O OP1   . G   A 1 14 ? 5.104   4.610   -12.447 1.00 40.09 ? 14  G   A OP1   1 
ATOM   237  O OP2   . G   A 1 14 ? 4.132   2.933   -10.764 1.00 36.40 ? 14  G   A OP2   1 
ATOM   238  O "O5'" . G   A 1 14 ? 5.773   4.665   -10.040 1.00 36.59 ? 14  G   A "O5'" 1 
ATOM   239  C "C5'" . G   A 1 14 ? 6.518   5.874   -10.168 1.00 38.78 ? 14  G   A "C5'" 1 
ATOM   240  C "C4'" . G   A 1 14 ? 7.596   5.948   -9.108  1.00 39.82 ? 14  G   A "C4'" 1 
ATOM   241  O "O4'" . G   A 1 14 ? 6.977   6.024   -7.793  1.00 38.59 ? 14  G   A "O4'" 1 
ATOM   242  C "C3'" . G   A 1 14 ? 8.540   4.752   -9.004  1.00 41.15 ? 14  G   A "C3'" 1 
ATOM   243  O "O3'" . G   A 1 14 ? 9.600   4.760   -9.953  1.00 43.73 ? 14  G   A "O3'" 1 
ATOM   244  C "C2'" . G   A 1 14 ? 9.047   4.885   -7.576  1.00 39.97 ? 14  G   A "C2'" 1 
ATOM   245  O "O2'" . G   A 1 14 ? 10.043  5.878   -7.426  1.00 42.22 ? 14  G   A "O2'" 1 
ATOM   246  C "C1'" . G   A 1 14 ? 7.768   5.311   -6.851  1.00 38.92 ? 14  G   A "C1'" 1 
ATOM   247  N N9    . G   A 1 14 ? 7.005   4.160   -6.377  1.00 37.46 ? 14  G   A N9    1 
ATOM   248  C C8    . G   A 1 14 ? 5.996   3.499   -7.038  1.00 35.04 ? 14  G   A C8    1 
ATOM   249  N N7    . G   A 1 14 ? 5.519   2.487   -6.365  1.00 35.23 ? 14  G   A N7    1 
ATOM   250  C C5    . G   A 1 14 ? 6.252   2.481   -5.187  1.00 35.30 ? 14  G   A C5    1 
ATOM   251  C C6    . G   A 1 14 ? 6.186   1.612   -4.068  1.00 35.23 ? 14  G   A C6    1 
ATOM   252  O O6    . G   A 1 14 ? 5.442   0.640   -3.890  1.00 35.41 ? 14  G   A O6    1 
ATOM   253  N N1    . G   A 1 14 ? 7.110   1.967   -3.091  1.00 34.55 ? 14  G   A N1    1 
ATOM   254  C C2    . G   A 1 14 ? 7.985   3.019   -3.176  1.00 35.42 ? 14  G   A C2    1 
ATOM   255  N N2    . G   A 1 14 ? 8.801   3.198   -2.127  1.00 34.28 ? 14  G   A N2    1 
ATOM   256  N N3    . G   A 1 14 ? 8.059   3.836   -4.213  1.00 35.76 ? 14  G   A N3    1 
ATOM   257  C C4    . G   A 1 14 ? 7.169   3.511   -5.176  1.00 35.96 ? 14  G   A C4    1 
ATOM   258  P P     . C   A 1 15 ? 10.170  3.365   -10.518 1.00 45.35 ? 15  C   A P     1 
ATOM   259  O OP1   . C   A 1 15 ? 11.128  3.687   -11.605 1.00 45.73 ? 15  C   A OP1   1 
ATOM   260  O OP2   . C   A 1 15 ? 9.017   2.471   -10.797 1.00 44.18 ? 15  C   A OP2   1 
ATOM   261  O "O5'" . C   A 1 15 ? 10.988  2.755   -9.292  1.00 43.99 ? 15  C   A "O5'" 1 
ATOM   262  C "C5'" . C   A 1 15 ? 12.103  3.454   -8.742  1.00 41.76 ? 15  C   A "C5'" 1 
ATOM   263  C "C4'" . C   A 1 15 ? 12.425  2.943   -7.353  1.00 40.28 ? 15  C   A "C4'" 1 
ATOM   264  O "O4'" . C   A 1 15 ? 11.240  3.034   -6.515  1.00 39.53 ? 15  C   A "O4'" 1 
ATOM   265  C "C3'" . C   A 1 15 ? 12.846  1.484   -7.200  1.00 40.11 ? 15  C   A "C3'" 1 
ATOM   266  O "O3'" . C   A 1 15 ? 14.206  1.230   -7.537  1.00 39.61 ? 15  C   A "O3'" 1 
ATOM   267  C "C2'" . C   A 1 15 ? 12.592  1.254   -5.715  1.00 39.52 ? 15  C   A "C2'" 1 
ATOM   268  O "O2'" . C   A 1 15 ? 13.598  1.802   -4.886  1.00 41.20 ? 15  C   A "O2'" 1 
ATOM   269  C "C1'" . C   A 1 15 ? 11.283  2.020   -5.518  1.00 40.26 ? 15  C   A "C1'" 1 
ATOM   270  N N1    . C   A 1 15 ? 10.106  1.139   -5.664  1.00 38.72 ? 15  C   A N1    1 
ATOM   271  C C2    . C   A 1 15 ? 9.721   0.344   -4.570  1.00 37.80 ? 15  C   A C2    1 
ATOM   272  O O2    . C   A 1 15 ? 10.357  0.425   -3.507  1.00 39.58 ? 15  C   A O2    1 
ATOM   273  N N3    . C   A 1 15 ? 8.665   -0.491  -4.703  1.00 36.01 ? 15  C   A N3    1 
ATOM   274  C C4    . C   A 1 15 ? 8.000   -0.551  -5.858  1.00 36.70 ? 15  C   A C4    1 
ATOM   275  N N4    . C   A 1 15 ? 6.971   -1.397  -5.943  1.00 36.17 ? 15  C   A N4    1 
ATOM   276  C C5    . C   A 1 15 ? 8.361   0.253   -6.979  1.00 36.54 ? 15  C   A C5    1 
ATOM   277  C C6    . C   A 1 15 ? 9.407   1.076   -6.839  1.00 36.33 ? 15  C   A C6    1 
ATOM   278  P P     . G   A 1 16 ? 14.657  -0.260  -7.943  1.00 40.41 ? 16  G   A P     1 
ATOM   279  O OP1   . G   A 1 16 ? 16.104  -0.214  -8.273  1.00 41.09 ? 16  G   A OP1   1 
ATOM   280  O OP2   . G   A 1 16 ? 13.693  -0.784  -8.946  1.00 41.26 ? 16  G   A OP2   1 
ATOM   281  O "O5'" . G   A 1 16 ? 14.475  -1.100  -6.599  1.00 41.32 ? 16  G   A "O5'" 1 
ATOM   282  C "C5'" . G   A 1 16 ? 15.279  -0.828  -5.452  1.00 42.31 ? 16  G   A "C5'" 1 
ATOM   283  C "C4'" . G   A 1 16 ? 14.991  -1.827  -4.352  1.00 43.28 ? 16  G   A "C4'" 1 
ATOM   284  O "O4'" . G   A 1 16 ? 13.656  -1.612  -3.823  1.00 43.65 ? 16  G   A "O4'" 1 
ATOM   285  C "C3'" . G   A 1 16 ? 15.009  -3.303  -4.735  1.00 43.84 ? 16  G   A "C3'" 1 
ATOM   286  O "O3'" . G   A 1 16 ? 16.328  -3.834  -4.791  1.00 47.87 ? 16  G   A "O3'" 1 
ATOM   287  C "C2'" . G   A 1 16 ? 14.180  -3.921  -3.616  1.00 43.45 ? 16  G   A "C2'" 1 
ATOM   288  O "O2'" . G   A 1 16 ? 14.904  -4.093  -2.413  1.00 45.39 ? 16  G   A "O2'" 1 
ATOM   289  C "C1'" . G   A 1 16 ? 13.097  -2.856  -3.421  1.00 43.09 ? 16  G   A "C1'" 1 
ATOM   290  N N9    . G   A 1 16 ? 11.902  -3.111  -4.221  1.00 41.60 ? 16  G   A N9    1 
ATOM   291  C C8    . G   A 1 16 ? 11.556  -2.524  -5.416  1.00 40.55 ? 16  G   A C8    1 
ATOM   292  N N7    . G   A 1 16 ? 10.431  -2.972  -5.901  1.00 41.79 ? 16  G   A N7    1 
ATOM   293  C C5    . G   A 1 16 ? 10.004  -3.911  -4.971  1.00 41.29 ? 16  G   A C5    1 
ATOM   294  C C6    . G   A 1 16 ? 8.847   -4.732  -4.959  1.00 40.62 ? 16  G   A C6    1 
ATOM   295  O O6    . G   A 1 16 ? 7.938   -4.796  -5.796  1.00 42.96 ? 16  G   A O6    1 
ATOM   296  N N1    . G   A 1 16 ? 8.806   -5.538  -3.827  1.00 39.88 ? 16  G   A N1    1 
ATOM   297  C C2    . G   A 1 16 ? 9.754   -5.558  -2.835  1.00 41.42 ? 16  G   A C2    1 
ATOM   298  N N2    . G   A 1 16 ? 9.533   -6.407  -1.821  1.00 39.81 ? 16  G   A N2    1 
ATOM   299  N N3    . G   A 1 16 ? 10.837  -4.799  -2.835  1.00 39.81 ? 16  G   A N3    1 
ATOM   300  C C4    . G   A 1 16 ? 10.898  -4.006  -3.926  1.00 40.37 ? 16  G   A C4    1 
ATOM   301  P P     . A   A 1 17 ? 16.941  -4.305  -6.204  1.00 48.36 ? 17  A   A P     1 
ATOM   302  O OP1   . A   A 1 17 ? 18.366  -3.883  -6.210  1.00 51.88 ? 17  A   A OP1   1 
ATOM   303  O OP2   . A   A 1 17 ? 16.043  -3.859  -7.300  1.00 50.00 ? 17  A   A OP2   1 
ATOM   304  O "O5'" . A   A 1 17 ? 16.899  -5.897  -6.140  1.00 49.69 ? 17  A   A "O5'" 1 
ATOM   305  C "C5'" . A   A 1 17 ? 17.494  -6.589  -5.046  1.00 47.96 ? 17  A   A "C5'" 1 
ATOM   306  C "C4'" . A   A 1 17 ? 18.145  -7.873  -5.510  1.00 48.51 ? 17  A   A "C4'" 1 
ATOM   307  O "O4'" . A   A 1 17 ? 19.195  -8.209  -4.568  1.00 48.22 ? 17  A   A "O4'" 1 
ATOM   308  C "C3'" . A   A 1 17 ? 17.251  -9.108  -5.584  1.00 48.77 ? 17  A   A "C3'" 1 
ATOM   309  O "O3'" . A   A 1 17 ? 16.624  -9.255  -6.859  1.00 50.91 ? 17  A   A "O3'" 1 
ATOM   310  C "C2'" . A   A 1 17 ? 18.233  -10.242 -5.321  1.00 47.86 ? 17  A   A "C2'" 1 
ATOM   311  O "O2'" . A   A 1 17 ? 18.959  -10.624 -6.475  1.00 47.60 ? 17  A   A "O2'" 1 
ATOM   312  C "C1'" . A   A 1 17 ? 19.181  -9.600  -4.307  1.00 47.15 ? 17  A   A "C1'" 1 
ATOM   313  N N9    . A   A 1 17 ? 18.787  -9.794  -2.909  1.00 45.09 ? 17  A   A N9    1 
ATOM   314  C C8    . A   A 1 17 ? 18.118  -8.915  -2.092  1.00 44.47 ? 17  A   A C8    1 
ATOM   315  N N7    . A   A 1 17 ? 17.918  -9.366  -0.879  1.00 44.88 ? 17  A   A N7    1 
ATOM   316  C C5    . A   A 1 17 ? 18.491  -10.631 -0.896  1.00 44.19 ? 17  A   A C5    1 
ATOM   317  C C6    . A   A 1 17 ? 18.613  -11.626 0.088   1.00 45.13 ? 17  A   A C6    1 
ATOM   318  N N6    . A   A 1 17 ? 18.148  -11.497 1.333   1.00 45.65 ? 17  A   A N6    1 
ATOM   319  N N1    . A   A 1 17 ? 19.236  -12.774 -0.254  1.00 45.06 ? 17  A   A N1    1 
ATOM   320  C C2    . A   A 1 17 ? 19.704  -12.901 -1.501  1.00 44.47 ? 17  A   A C2    1 
ATOM   321  N N3    . A   A 1 17 ? 19.654  -12.039 -2.513  1.00 43.46 ? 17  A   A N3    1 
ATOM   322  C C4    . A   A 1 17 ? 19.026  -10.909 -2.142  1.00 44.05 ? 17  A   A C4    1 
ATOM   323  P P     . A   A 1 18 ? 15.326  -10.197 -7.011  1.00 51.70 ? 18  A   A P     1 
ATOM   324  O OP1   . A   A 1 18 ? 15.001  -10.274 -8.460  1.00 52.11 ? 18  A   A OP1   1 
ATOM   325  O OP2   . A   A 1 18 ? 14.294  -9.721  -6.056  1.00 51.59 ? 18  A   A OP2   1 
ATOM   326  O "O5'" . A   A 1 18 ? 15.809  -11.638 -6.527  1.00 52.75 ? 18  A   A "O5'" 1 
ATOM   327  C "C5'" . A   A 1 18 ? 16.517  -12.524 -7.399  1.00 53.90 ? 18  A   A "C5'" 1 
ATOM   328  C "C4'" . A   A 1 18 ? 16.661  -13.885 -6.752  1.00 54.90 ? 18  A   A "C4'" 1 
ATOM   329  O "O4'" . A   A 1 18 ? 17.356  -13.724 -5.489  1.00 55.82 ? 18  A   A "O4'" 1 
ATOM   330  C "C3'" . A   A 1 18 ? 15.337  -14.560 -6.403  1.00 55.92 ? 18  A   A "C3'" 1 
ATOM   331  O "O3'" . A   A 1 18 ? 14.904  -15.377 -7.489  1.00 57.33 ? 18  A   A "O3'" 1 
ATOM   332  C "C2'" . A   A 1 18 ? 15.707  -15.410 -5.192  1.00 56.38 ? 18  A   A "C2'" 1 
ATOM   333  O "O2'" . A   A 1 18 ? 16.303  -16.644 -5.539  1.00 57.14 ? 18  A   A "O2'" 1 
ATOM   334  C "C1'" . A   A 1 18 ? 16.738  -14.520 -4.493  1.00 56.39 ? 18  A   A "C1'" 1 
ATOM   335  N N9    . A   A 1 18 ? 16.172  -13.623 -3.483  1.00 56.82 ? 18  A   A N9    1 
ATOM   336  C C8    . A   A 1 18 ? 15.540  -12.420 -3.686  1.00 57.04 ? 18  A   A C8    1 
ATOM   337  N N7    . A   A 1 18 ? 15.150  -11.834 -2.582  1.00 56.16 ? 18  A   A N7    1 
ATOM   338  C C5    . A   A 1 18 ? 15.546  -12.709 -1.581  1.00 56.10 ? 18  A   A C5    1 
ATOM   339  C C6    . A   A 1 18 ? 15.426  -12.662 -0.182  1.00 56.14 ? 18  A   A C6    1 
ATOM   340  N N6    . A   A 1 18 ? 14.847  -11.656 0.477   1.00 55.60 ? 18  A   A N6    1 
ATOM   341  N N1    . A   A 1 18 ? 15.926  -13.697 0.527   1.00 56.42 ? 18  A   A N1    1 
ATOM   342  C C2    . A   A 1 18 ? 16.509  -14.705 -0.135  1.00 57.88 ? 18  A   A C2    1 
ATOM   343  N N3    . A   A 1 18 ? 16.685  -14.862 -1.445  1.00 57.05 ? 18  A   A N3    1 
ATOM   344  C C4    . A   A 1 18 ? 16.176  -13.818 -2.121  1.00 56.47 ? 18  A   A C4    1 
ATOM   345  P P     . G   A 1 19 ? 13.510  -15.062 -8.231  1.00 57.02 ? 19  G   A P     1 
ATOM   346  O OP1   . G   A 1 19 ? 13.407  -15.995 -9.382  1.00 56.91 ? 19  G   A OP1   1 
ATOM   347  O OP2   . G   A 1 19 ? 13.430  -13.599 -8.468  1.00 56.99 ? 19  G   A OP2   1 
ATOM   348  O "O5'" . G   A 1 19 ? 12.386  -15.460 -7.174  1.00 56.88 ? 19  G   A "O5'" 1 
ATOM   349  C "C5'" . G   A 1 19 ? 12.393  -16.732 -6.527  1.00 57.27 ? 19  G   A "C5'" 1 
ATOM   350  C "C4'" . G   A 1 19 ? 10.993  -17.113 -6.096  1.00 57.78 ? 19  G   A "C4'" 1 
ATOM   351  O "O4'" . G   A 1 19 ? 10.464  -16.057 -5.243  1.00 57.95 ? 19  G   A "O4'" 1 
ATOM   352  C "C3'" . G   A 1 19 ? 9.940   -17.277 -7.192  1.00 58.28 ? 19  G   A "C3'" 1 
ATOM   353  O "O3'" . G   A 1 19 ? 9.933   -18.577 -7.773  1.00 58.61 ? 19  G   A "O3'" 1 
ATOM   354  C "C2'" . G   A 1 19 ? 8.651   -16.997 -6.434  1.00 58.02 ? 19  G   A "C2'" 1 
ATOM   355  O "O2'" . G   A 1 19 ? 8.220   -18.091 -5.648  1.00 58.91 ? 19  G   A "O2'" 1 
ATOM   356  C "C1'" . G   A 1 19 ? 9.090   -15.843 -5.534  1.00 56.79 ? 19  G   A "C1'" 1 
ATOM   357  N N9    . G   A 1 19 ? 8.956   -14.549 -6.202  1.00 56.19 ? 19  G   A N9    1 
ATOM   358  C C8    . G   A 1 19 ? 9.964   -13.668 -6.518  1.00 55.23 ? 19  G   A C8    1 
ATOM   359  N N7    . G   A 1 19 ? 9.538   -12.604 -7.143  1.00 55.02 ? 19  G   A N7    1 
ATOM   360  C C5    . G   A 1 19 ? 8.166   -12.789 -7.242  1.00 54.85 ? 19  G   A C5    1 
ATOM   361  C C6    . G   A 1 19 ? 7.170   -11.967 -7.829  1.00 54.49 ? 19  G   A C6    1 
ATOM   362  O O6    . G   A 1 19 ? 7.306   -10.881 -8.403  1.00 55.34 ? 19  G   A O6    1 
ATOM   363  N N1    . G   A 1 19 ? 5.904   -12.530 -7.703  1.00 54.68 ? 19  G   A N1    1 
ATOM   364  C C2    . G   A 1 19 ? 5.630   -13.730 -7.094  1.00 54.83 ? 19  G   A C2    1 
ATOM   365  N N2    . G   A 1 19 ? 4.342   -14.101 -7.071  1.00 54.80 ? 19  G   A N2    1 
ATOM   366  N N3    . G   A 1 19 ? 6.551   -14.508 -6.548  1.00 56.09 ? 19  G   A N3    1 
ATOM   367  C C4    . G   A 1 19 ? 7.788   -13.979 -6.658  1.00 55.27 ? 19  G   A C4    1 
ATOM   368  P P     . U   A 1 20 ? 9.378   -18.780 -9.270  1.00 59.33 ? 20  U   A P     1 
ATOM   369  O OP1   . U   A 1 20 ? 9.463   -20.229 -9.580  1.00 59.26 ? 20  U   A OP1   1 
ATOM   370  O OP2   . U   A 1 20 ? 10.057  -17.800 -10.157 1.00 58.09 ? 20  U   A OP2   1 
ATOM   371  O "O5'" . U   A 1 20 ? 7.836   -18.377 -9.179  1.00 58.92 ? 20  U   A "O5'" 1 
ATOM   372  C "C5'" . U   A 1 20 ? 6.900   -19.200 -8.482  1.00 60.10 ? 20  U   A "C5'" 1 
ATOM   373  C "C4'" . U   A 1 20 ? 5.482   -18.783 -8.811  1.00 59.94 ? 20  U   A "C4'" 1 
ATOM   374  O "O4'" . U   A 1 20 ? 5.267   -17.415 -8.368  1.00 59.24 ? 20  U   A "O4'" 1 
ATOM   375  C "C3'" . U   A 1 20 ? 5.103   -18.770 -10.282 1.00 60.96 ? 20  U   A "C3'" 1 
ATOM   376  O "O3'" . U   A 1 20 ? 4.707   -20.056 -10.752 1.00 62.74 ? 20  U   A "O3'" 1 
ATOM   377  C "C2'" . U   A 1 20 ? 3.947   -17.778 -10.312 1.00 59.52 ? 20  U   A "C2'" 1 
ATOM   378  O "O2'" . U   A 1 20 ? 2.716   -18.342 -9.908  1.00 60.55 ? 20  U   A "O2'" 1 
ATOM   379  C "C1'" . U   A 1 20 ? 4.410   -16.745 -9.282  1.00 59.18 ? 20  U   A "C1'" 1 
ATOM   380  N N1    . U   A 1 20 ? 5.147   -15.619 -9.883  1.00 58.19 ? 20  U   A N1    1 
ATOM   381  C C2    . U   A 1 20 ? 4.410   -14.548 -10.369 1.00 57.87 ? 20  U   A C2    1 
ATOM   382  O O2    . U   A 1 20 ? 3.191   -14.497 -10.317 1.00 58.21 ? 20  U   A O2    1 
ATOM   383  N N3    . U   A 1 20 ? 5.156   -13.537 -10.924 1.00 56.66 ? 20  U   A N3    1 
ATOM   384  C C4    . U   A 1 20 ? 6.529   -13.484 -11.041 1.00 56.25 ? 20  U   A C4    1 
ATOM   385  O O4    . U   A 1 20 ? 7.052   -12.507 -11.577 1.00 52.44 ? 20  U   A O4    1 
ATOM   386  C C5    . U   A 1 20 ? 7.218   -14.621 -10.513 1.00 56.16 ? 20  U   A C5    1 
ATOM   387  C C6    . U   A 1 20 ? 6.524   -15.623 -9.967  1.00 56.53 ? 20  U   A C6    1 
ATOM   388  P P     . C   A 1 21 ? 4.878   -20.422 -12.309 1.00 64.84 ? 21  C   A P     1 
ATOM   389  O OP1   . C   A 1 21 ? 4.501   -21.852 -12.466 1.00 64.84 ? 21  C   A OP1   1 
ATOM   390  O OP2   . C   A 1 21 ? 6.218   -19.965 -12.758 1.00 62.96 ? 21  C   A OP2   1 
ATOM   391  O "O5'" . C   A 1 21 ? 3.777   -19.530 -13.042 1.00 63.51 ? 21  C   A "O5'" 1 
ATOM   392  C "C5'" . C   A 1 21 ? 2.385   -19.791 -12.865 1.00 62.08 ? 21  C   A "C5'" 1 
ATOM   393  C "C4'" . C   A 1 21 ? 1.555   -18.836 -13.695 1.00 62.34 ? 21  C   A "C4'" 1 
ATOM   394  O "O4'" . C   A 1 21 ? 1.711   -17.486 -13.181 1.00 61.78 ? 21  C   A "O4'" 1 
ATOM   395  C "C3'" . C   A 1 21 ? 1.898   -18.714 -15.169 1.00 63.03 ? 21  C   A "C3'" 1 
ATOM   396  O "O3'" . C   A 1 21 ? 1.322   -19.750 -15.959 1.00 64.81 ? 21  C   A "O3'" 1 
ATOM   397  C "C2'" . C   A 1 21 ? 1.317   -17.351 -15.521 1.00 62.64 ? 21  C   A "C2'" 1 
ATOM   398  O "O2'" . C   A 1 21 ? -0.080  -17.378 -15.738 1.00 62.68 ? 21  C   A "O2'" 1 
ATOM   399  C "C1'" . C   A 1 21 ? 1.633   -16.555 -14.252 1.00 61.31 ? 21  C   A "C1'" 1 
ATOM   400  N N1    . C   A 1 21 ? 2.911   -15.822 -14.347 1.00 61.08 ? 21  C   A N1    1 
ATOM   401  C C2    . C   A 1 21 ? 2.933   -14.578 -15.001 1.00 60.36 ? 21  C   A C2    1 
ATOM   402  O O2    . C   A 1 21 ? 1.876   -14.121 -15.469 1.00 60.47 ? 21  C   A O2    1 
ATOM   403  N N3    . C   A 1 21 ? 4.102   -13.908 -15.106 1.00 59.70 ? 21  C   A N3    1 
ATOM   404  C C4    . C   A 1 21 ? 5.219   -14.428 -14.591 1.00 59.82 ? 21  C   A C4    1 
ATOM   405  N N4    . C   A 1 21 ? 6.350   -13.733 -14.725 1.00 59.16 ? 21  C   A N4    1 
ATOM   406  C C5    . C   A 1 21 ? 5.226   -15.683 -13.917 1.00 59.70 ? 21  C   A C5    1 
ATOM   407  C C6    . C   A 1 21 ? 4.064   -16.339 -13.817 1.00 60.65 ? 21  C   A C6    1 
ATOM   408  P P     . G   A 1 22 ? 2.014   -20.169 -17.350 1.00 65.72 ? 22  G   A P     1 
ATOM   409  O OP1   . G   A 1 22 ? 1.197   -21.265 -17.933 1.00 66.70 ? 22  G   A OP1   1 
ATOM   410  O OP2   . G   A 1 22 ? 3.463   -20.386 -17.106 1.00 65.18 ? 22  G   A OP2   1 
ATOM   411  O "O5'" . G   A 1 22 ? 1.851   -18.877 -18.272 1.00 63.54 ? 22  G   A "O5'" 1 
ATOM   412  C "C5'" . G   A 1 22 ? 0.572   -18.498 -18.776 1.00 62.09 ? 22  G   A "C5'" 1 
ATOM   413  C "C4'" . G   A 1 22 ? 0.661   -17.192 -19.536 1.00 60.35 ? 22  G   A "C4'" 1 
ATOM   414  O "O4'" . G   A 1 22 ? 1.143   -16.143 -18.653 1.00 59.87 ? 22  G   A "O4'" 1 
ATOM   415  C "C3'" . G   A 1 22 ? 1.626   -17.125 -20.716 1.00 60.59 ? 22  G   A "C3'" 1 
ATOM   416  O "O3'" . G   A 1 22 ? 1.147   -17.721 -21.917 1.00 62.42 ? 22  G   A "O3'" 1 
ATOM   417  C "C2'" . G   A 1 22 ? 1.805   -15.620 -20.874 1.00 60.54 ? 22  G   A "C2'" 1 
ATOM   418  O "O2'" . G   A 1 22 ? 0.724   -14.995 -21.537 1.00 60.96 ? 22  G   A "O2'" 1 
ATOM   419  C "C1'" . G   A 1 22 ? 1.847   -15.170 -19.412 1.00 59.06 ? 22  G   A "C1'" 1 
ATOM   420  N N9    . G   A 1 22 ? 3.216   -15.069 -18.910 1.00 56.20 ? 22  G   A N9    1 
ATOM   421  C C8    . G   A 1 22 ? 3.851   -15.907 -18.023 1.00 55.96 ? 22  G   A C8    1 
ATOM   422  N N7    . G   A 1 22 ? 5.088   -15.561 -17.788 1.00 55.06 ? 22  G   A N7    1 
ATOM   423  C C5    . G   A 1 22 ? 5.281   -14.424 -18.561 1.00 53.63 ? 22  G   A C5    1 
ATOM   424  C C6    . G   A 1 22 ? 6.429   -13.603 -18.722 1.00 52.31 ? 22  G   A C6    1 
ATOM   425  O O6    . G   A 1 22 ? 7.542   -13.722 -18.195 1.00 50.95 ? 22  G   A O6    1 
ATOM   426  N N1    . G   A 1 22 ? 6.186   -12.554 -19.602 1.00 51.92 ? 22  G   A N1    1 
ATOM   427  C C2    . G   A 1 22 ? 4.998   -12.320 -20.246 1.00 51.82 ? 22  G   A C2    1 
ATOM   428  N N2    . G   A 1 22 ? 4.960   -11.254 -21.057 1.00 49.35 ? 22  G   A N2    1 
ATOM   429  N N3    . G   A 1 22 ? 3.923   -13.077 -20.106 1.00 52.51 ? 22  G   A N3    1 
ATOM   430  C C4    . G   A 1 22 ? 4.134   -14.104 -19.255 1.00 54.02 ? 22  G   A C4    1 
ATOM   431  P P     . C   A 1 23 ? 2.197   -18.303 -22.990 1.00 61.82 ? 23  C   A P     1 
ATOM   432  O OP1   . C   A 1 23 ? 1.416   -19.004 -24.041 1.00 63.16 ? 23  C   A OP1   1 
ATOM   433  O OP2   . C   A 1 23 ? 3.260   -19.036 -22.255 1.00 62.94 ? 23  C   A OP2   1 
ATOM   434  O "O5'" . C   A 1 23 ? 2.853   -17.002 -23.640 1.00 60.16 ? 23  C   A "O5'" 1 
ATOM   435  C "C5'" . C   A 1 23 ? 2.052   -16.049 -24.338 1.00 58.53 ? 23  C   A "C5'" 1 
ATOM   436  C "C4'" . C   A 1 23 ? 2.874   -14.835 -24.714 1.00 57.71 ? 23  C   A "C4'" 1 
ATOM   437  O "O4'" . C   A 1 23 ? 3.449   -14.244 -23.520 1.00 57.20 ? 23  C   A "O4'" 1 
ATOM   438  C "C3'" . C   A 1 23 ? 4.072   -15.045 -25.618 1.00 57.21 ? 23  C   A "C3'" 1 
ATOM   439  O "O3'" . C   A 1 23 ? 3.731   -15.259 -26.992 1.00 58.04 ? 23  C   A "O3'" 1 
ATOM   440  C "C2'" . C   A 1 23 ? 4.898   -13.792 -25.356 1.00 55.73 ? 23  C   A "C2'" 1 
ATOM   441  O "O2'" . C   A 1 23 ? 4.429   -12.662 -26.065 1.00 55.13 ? 23  C   A "O2'" 1 
ATOM   442  C "C1'" . C   A 1 23 ? 4.665   -13.587 -23.856 1.00 53.77 ? 23  C   A "C1'" 1 
ATOM   443  N N1    . C   A 1 23 ? 5.754   -14.117 -23.008 1.00 49.67 ? 23  C   A N1    1 
ATOM   444  C C2    . C   A 1 23 ? 6.970   -13.416 -22.952 1.00 47.68 ? 23  C   A C2    1 
ATOM   445  O O2    . C   A 1 23 ? 7.100   -12.374 -23.616 1.00 46.17 ? 23  C   A O2    1 
ATOM   446  N N3    . C   A 1 23 ? 7.971   -13.892 -22.177 1.00 46.75 ? 23  C   A N3    1 
ATOM   447  C C4    . C   A 1 23 ? 7.799   -15.014 -21.477 1.00 46.75 ? 23  C   A C4    1 
ATOM   448  N N4    . C   A 1 23 ? 8.814   -15.444 -20.725 1.00 44.69 ? 23  C   A N4    1 
ATOM   449  C C5    . C   A 1 23 ? 6.577   -15.748 -21.516 1.00 46.87 ? 23  C   A C5    1 
ATOM   450  C C6    . C   A 1 23 ? 5.591   -15.269 -22.287 1.00 48.53 ? 23  C   A C6    1 
ATOM   451  P P     . G   B 1 3  ? 17.232  -8.690  -18.654 1.00 80.51 ? 26  G   B P     1 
ATOM   452  O OP1   . G   B 1 3  ? 17.482  -10.165 -18.384 1.00 79.07 ? 26  G   B OP1   1 
ATOM   453  O OP2   . G   B 1 3  ? 18.434  -7.820  -18.323 1.00 78.86 ? 26  G   B OP2   1 
ATOM   454  O "O5'" . G   B 1 3  ? 17.008  -8.566  -20.264 1.00 76.45 ? 26  G   B "O5'" 1 
ATOM   455  C "C5'" . G   B 1 3  ? 16.863  -7.281  -20.897 1.00 71.95 ? 26  G   B "C5'" 1 
ATOM   456  C "C4'" . G   B 1 3  ? 15.668  -7.281  -21.823 1.00 68.50 ? 26  G   B "C4'" 1 
ATOM   457  O "O4'" . G   B 1 3  ? 15.491  -8.612  -22.380 1.00 67.46 ? 26  G   B "O4'" 1 
ATOM   458  C "C3'" . G   B 1 3  ? 14.309  -6.992  -21.205 1.00 67.51 ? 26  G   B "C3'" 1 
ATOM   459  O "O3'" . G   B 1 3  ? 14.089  -5.595  -21.022 1.00 68.32 ? 26  G   B "O3'" 1 
ATOM   460  C "C2'" . G   B 1 3  ? 13.355  -7.574  -22.241 1.00 66.49 ? 26  G   B "C2'" 1 
ATOM   461  O "O2'" . G   B 1 3  ? 13.137  -6.716  -23.344 1.00 67.08 ? 26  G   B "O2'" 1 
ATOM   462  C "C1'" . G   B 1 3  ? 14.122  -8.817  -22.696 1.00 64.53 ? 26  G   B "C1'" 1 
ATOM   463  N N9    . G   B 1 3  ? 13.658  -10.043 -22.050 1.00 61.32 ? 26  G   B N9    1 
ATOM   464  C C8    . G   B 1 3  ? 14.330  -10.825 -21.140 1.00 60.33 ? 26  G   B C8    1 
ATOM   465  N N7    . G   B 1 3  ? 13.639  -11.858 -20.741 1.00 58.27 ? 26  G   B N7    1 
ATOM   466  C C5    . G   B 1 3  ? 12.437  -11.754 -21.430 1.00 58.18 ? 26  G   B C5    1 
ATOM   467  C C6    . G   B 1 3  ? 11.287  -12.588 -21.409 1.00 56.92 ? 26  G   B C6    1 
ATOM   468  O O6    . G   B 1 3  ? 11.095  -13.621 -20.756 1.00 54.60 ? 26  G   B O6    1 
ATOM   469  N N1    . G   B 1 3  ? 10.296  -12.111 -22.260 1.00 55.56 ? 26  G   B N1    1 
ATOM   470  C C2    . G   B 1 3  ? 10.393  -10.981 -23.031 1.00 56.43 ? 26  G   B C2    1 
ATOM   471  N N2    . G   B 1 3  ? 9.328   -10.686 -23.790 1.00 55.12 ? 26  G   B N2    1 
ATOM   472  N N3    . G   B 1 3  ? 11.456  -10.197 -23.061 1.00 58.32 ? 26  G   B N3    1 
ATOM   473  C C4    . G   B 1 3  ? 12.433  -10.641 -22.242 1.00 59.36 ? 26  G   B C4    1 
ATOM   474  P P     . C   B 1 4  ? 13.001  -5.091  -19.950 1.00 68.36 ? 27  C   B P     1 
ATOM   475  O OP1   . C   B 1 4  ? 13.106  -3.612  -19.852 1.00 68.41 ? 27  C   B OP1   1 
ATOM   476  O OP2   . C   B 1 4  ? 13.155  -5.918  -18.725 1.00 67.76 ? 27  C   B OP2   1 
ATOM   477  O "O5'" . C   B 1 4  ? 11.597  -5.453  -20.615 1.00 67.93 ? 27  C   B "O5'" 1 
ATOM   478  C "C5'" . C   B 1 4  ? 11.142  -4.769  -21.782 1.00 67.87 ? 27  C   B "C5'" 1 
ATOM   479  C "C4'" . C   B 1 4  ? 9.775   -5.272  -22.198 1.00 68.14 ? 27  C   B "C4'" 1 
ATOM   480  O "O4'" . C   B 1 4  ? 9.867   -6.676  -22.565 1.00 67.47 ? 27  C   B "O4'" 1 
ATOM   481  C "C3'" . C   B 1 4  ? 8.656   -5.244  -21.165 1.00 68.33 ? 27  C   B "C3'" 1 
ATOM   482  O "O3'" . C   B 1 4  ? 8.047   -3.966  -21.018 1.00 70.04 ? 27  C   B "O3'" 1 
ATOM   483  C "C2'" . C   B 1 4  ? 7.679   -6.260  -21.740 1.00 67.42 ? 27  C   B "C2'" 1 
ATOM   484  O "O2'" . C   B 1 4  ? 6.894   -5.744  -22.797 1.00 67.85 ? 27  C   B "O2'" 1 
ATOM   485  C "C1'" . C   B 1 4  ? 8.637   -7.326  -22.275 1.00 66.59 ? 27  C   B "C1'" 1 
ATOM   486  N N1    . C   B 1 4  ? 8.879   -8.406  -21.296 1.00 64.97 ? 27  C   B N1    1 
ATOM   487  C C2    . C   B 1 4  ? 7.912   -9.416  -21.151 1.00 63.61 ? 27  C   B C2    1 
ATOM   488  O O2    . C   B 1 4  ? 6.892   -9.384  -21.860 1.00 63.31 ? 27  C   B O2    1 
ATOM   489  N N3    . C   B 1 4  ? 8.114   -10.397 -20.245 1.00 62.71 ? 27  C   B N3    1 
ATOM   490  C C4    . C   B 1 4  ? 9.223   -10.403 -19.501 1.00 62.98 ? 27  C   B C4    1 
ATOM   491  N N4    . C   B 1 4  ? 9.376   -11.389 -18.614 1.00 61.22 ? 27  C   B N4    1 
ATOM   492  C C5    . C   B 1 4  ? 10.224  -9.396  -19.632 1.00 63.29 ? 27  C   B C5    1 
ATOM   493  C C6    . C   B 1 4  ? 10.014  -8.427  -20.532 1.00 64.50 ? 27  C   B C6    1 
ATOM   494  P P     . G   B 1 5  ? 7.274   -3.603  -19.653 1.00 72.78 ? 28  G   B P     1 
ATOM   495  O OP1   . G   B 1 5  ? 6.812   -2.197  -19.773 1.00 72.74 ? 28  G   B OP1   1 
ATOM   496  O OP2   . G   B 1 5  ? 8.139   -3.993  -18.509 1.00 72.31 ? 28  G   B OP2   1 
ATOM   497  O "O5'" . G   B 1 5  ? 5.995   -4.557  -19.658 1.00 69.23 ? 28  G   B "O5'" 1 
ATOM   498  C "C5'" . G   B 1 5  ? 4.888   -4.289  -20.517 1.00 68.89 ? 28  G   B "C5'" 1 
ATOM   499  C "C4'" . G   B 1 5  ? 3.768   -5.281  -20.281 1.00 67.68 ? 28  G   B "C4'" 1 
ATOM   500  O "O4'" . G   B 1 5  ? 4.219   -6.622  -20.618 1.00 66.84 ? 28  G   B "O4'" 1 
ATOM   501  C "C3'" . G   B 1 5  ? 3.227   -5.441  -18.870 1.00 68.19 ? 28  G   B "C3'" 1 
ATOM   502  O "O3'" . G   B 1 5  ? 2.329   -4.421  -18.449 1.00 70.04 ? 28  G   B "O3'" 1 
ATOM   503  C "C2'" . G   B 1 5  ? 2.526   -6.787  -18.966 1.00 67.15 ? 28  G   B "C2'" 1 
ATOM   504  O "O2'" . G   B 1 5  ? 1.271   -6.723  -19.616 1.00 67.66 ? 28  G   B "O2'" 1 
ATOM   505  C "C1'" . G   B 1 5  ? 3.520   -7.572  -19.821 1.00 65.58 ? 28  G   B "C1'" 1 
ATOM   506  N N9    . G   B 1 5  ? 4.477   -8.284  -18.977 1.00 62.38 ? 28  G   B N9    1 
ATOM   507  C C8    . G   B 1 5  ? 5.778   -7.934  -18.697 1.00 60.42 ? 28  G   B C8    1 
ATOM   508  N N7    . G   B 1 5  ? 6.363   -8.756  -17.870 1.00 58.54 ? 28  G   B N7    1 
ATOM   509  C C5    . G   B 1 5  ? 5.394   -9.711  -17.591 1.00 58.63 ? 28  G   B C5    1 
ATOM   510  C C6    . G   B 1 5  ? 5.443   -10.852 -16.749 1.00 58.02 ? 28  G   B C6    1 
ATOM   511  O O6    . G   B 1 5  ? 6.381   -11.259 -16.055 1.00 56.89 ? 28  G   B O6    1 
ATOM   512  N N1    . G   B 1 5  ? 4.236   -11.547 -16.761 1.00 57.09 ? 28  G   B N1    1 
ATOM   513  C C2    . G   B 1 5  ? 3.126   -11.191 -17.485 1.00 57.64 ? 28  G   B C2    1 
ATOM   514  N N2    . G   B 1 5  ? 2.058   -11.994 -17.366 1.00 56.19 ? 28  G   B N2    1 
ATOM   515  N N3    . G   B 1 5  ? 3.066   -10.128 -18.267 1.00 57.98 ? 28  G   B N3    1 
ATOM   516  C C4    . G   B 1 5  ? 4.228   -9.440  -18.274 1.00 59.83 ? 28  G   B C4    1 
ATOM   517  P P     . U   B 1 6  ? 2.225   -4.052  -16.883 1.00 71.35 ? 29  U   B P     1 
ATOM   518  O OP1   . U   B 1 6  ? 1.296   -2.898  -16.774 1.00 71.12 ? 29  U   B OP1   1 
ATOM   519  O OP2   . U   B 1 6  ? 3.602   -3.937  -16.340 1.00 71.43 ? 29  U   B OP2   1 
ATOM   520  O "O5'" . U   B 1 6  ? 1.527   -5.327  -16.219 1.00 69.81 ? 29  U   B "O5'" 1 
ATOM   521  C "C5'" . U   B 1 6  ? 0.185   -5.669  -16.558 1.00 67.53 ? 29  U   B "C5'" 1 
ATOM   522  C "C4'" . U   B 1 6  ? -0.271  -6.929  -15.842 1.00 65.57 ? 29  U   B "C4'" 1 
ATOM   523  O "O4'" . U   B 1 6  ? 0.541   -8.071  -16.231 1.00 64.58 ? 29  U   B "O4'" 1 
ATOM   524  C "C3'" . U   B 1 6  ? -0.278  -7.094  -14.322 1.00 64.14 ? 29  U   B "C3'" 1 
ATOM   525  O "O3'" . U   B 1 6  ? -1.238  -6.346  -13.584 1.00 63.16 ? 29  U   B "O3'" 1 
ATOM   526  C "C2'" . U   B 1 6  ? -0.581  -8.583  -14.205 1.00 64.94 ? 29  U   B "C2'" 1 
ATOM   527  O "O2'" . U   B 1 6  ? -1.945  -8.895  -14.419 1.00 65.74 ? 29  U   B "O2'" 1 
ATOM   528  C "C1'" . U   B 1 6  ? 0.266   -9.151  -15.344 1.00 64.41 ? 29  U   B "C1'" 1 
ATOM   529  N N1    . U   B 1 6  ? 1.529   -9.717  -14.813 1.00 64.24 ? 29  U   B N1    1 
ATOM   530  C C2    . U   B 1 6  ? 1.469   -11.011 -14.339 1.00 64.27 ? 29  U   B C2    1 
ATOM   531  O O2    . U   B 1 6  ? 0.464   -11.696 -14.416 1.00 65.03 ? 29  U   B O2    1 
ATOM   532  N N3    . U   B 1 6  ? 2.634   -11.483 -13.767 1.00 64.03 ? 29  U   B N3    1 
ATOM   533  C C4    . U   B 1 6  ? 3.817   -10.796 -13.628 1.00 63.79 ? 29  U   B C4    1 
ATOM   534  O O4    . U   B 1 6  ? 4.799   -11.326 -13.095 1.00 65.82 ? 29  U   B O4    1 
ATOM   535  C C5    . U   B 1 6  ? 3.785   -9.450  -14.147 1.00 63.29 ? 29  U   B C5    1 
ATOM   536  C C6    . U   B 1 6  ? 2.668   -8.956  -14.718 1.00 62.58 ? 29  U   B C6    1 
ATOM   537  P P     . C   B 1 7  ? -0.952  -5.999  -12.036 1.00 61.21 ? 30  C   B P     1 
ATOM   538  O OP1   . C   B 1 7  ? -2.168  -5.364  -11.469 1.00 62.91 ? 30  C   B OP1   1 
ATOM   539  O OP2   . C   B 1 7  ? 0.345   -5.277  -11.979 1.00 62.32 ? 30  C   B OP2   1 
ATOM   540  O "O5'" . C   B 1 7  ? -0.749  -7.419  -11.331 1.00 59.60 ? 30  C   B "O5'" 1 
ATOM   541  C "C5'" . C   B 1 7  ? -1.851  -8.306  -11.140 1.00 58.31 ? 30  C   B "C5'" 1 
ATOM   542  C "C4'" . C   B 1 7  ? -1.445  -9.505  -10.304 1.00 58.42 ? 30  C   B "C4'" 1 
ATOM   543  O "O4'" . C   B 1 7  ? -0.353  -10.217 -10.947 1.00 58.91 ? 30  C   B "O4'" 1 
ATOM   544  C "C3'" . C   B 1 7  ? -0.916  -9.257  -8.897  1.00 59.22 ? 30  C   B "C3'" 1 
ATOM   545  O "O3'" . C   B 1 7  ? -1.924  -8.989  -7.928  1.00 59.96 ? 30  C   B "O3'" 1 
ATOM   546  C "C2'" . C   B 1 7  ? -0.209  -10.574 -8.601  1.00 58.70 ? 30  C   B "C2'" 1 
ATOM   547  O "O2'" . C   B 1 7  ? -1.095  -11.614 -8.229  1.00 59.67 ? 30  C   B "O2'" 1 
ATOM   548  C "C1'" . C   B 1 7  ? 0.417   -10.894 -9.959  1.00 58.37 ? 30  C   B "C1'" 1 
ATOM   549  N N1    . C   B 1 7  ? 1.826   -10.453 -10.040 1.00 57.49 ? 30  C   B N1    1 
ATOM   550  C C2    . C   B 1 7  ? 2.812   -11.230 -9.405  1.00 57.06 ? 30  C   B C2    1 
ATOM   551  O O2    . C   B 1 7  ? 2.477   -12.271 -8.813  1.00 57.46 ? 30  C   B O2    1 
ATOM   552  N N3    . C   B 1 7  ? 4.101   -10.828 -9.452  1.00 55.90 ? 30  C   B N3    1 
ATOM   553  C C4    . C   B 1 7  ? 4.427   -9.706  -10.096 1.00 55.16 ? 30  C   B C4    1 
ATOM   554  N N4    . C   B 1 7  ? 5.711   -9.345  -10.106 1.00 51.99 ? 30  C   B N4    1 
ATOM   555  C C5    . C   B 1 7  ? 3.451   -8.903  -10.755 1.00 54.97 ? 30  C   B C5    1 
ATOM   556  C C6    . C   B 1 7  ? 2.176   -9.309  -10.704 1.00 56.30 ? 30  C   B C6    1 
ATOM   557  P P     . A   B 1 8  ? -1.553  -8.149  -6.606  1.00 60.84 ? 31  A   B P     1 
ATOM   558  O OP1   . A   B 1 8  ? -2.802  -7.987  -5.818  1.00 62.27 ? 31  A   B OP1   1 
ATOM   559  O OP2   . A   B 1 8  ? -0.785  -6.947  -7.018  1.00 60.37 ? 31  A   B OP2   1 
ATOM   560  O "O5'" . A   B 1 8  ? -0.571  -9.111  -5.795  1.00 59.95 ? 31  A   B "O5'" 1 
ATOM   561  C "C5'" . A   B 1 8  ? -1.005  -10.394 -5.348  1.00 60.34 ? 31  A   B "C5'" 1 
ATOM   562  C "C4'" . A   B 1 8  ? 0.146   -11.165 -4.740  1.00 60.34 ? 31  A   B "C4'" 1 
ATOM   563  O "O4'" . A   B 1 8  ? 1.182   -11.369 -5.738  1.00 59.88 ? 31  A   B "O4'" 1 
ATOM   564  C "C3'" . A   B 1 8  ? 0.881   -10.493 -3.586  1.00 60.62 ? 31  A   B "C3'" 1 
ATOM   565  O "O3'" . A   B 1 8  ? 0.202   -10.655 -2.345  1.00 62.72 ? 31  A   B "O3'" 1 
ATOM   566  C "C2'" . A   B 1 8  ? 2.219   -11.224 -3.599  1.00 60.22 ? 31  A   B "C2'" 1 
ATOM   567  O "O2'" . A   B 1 8  ? 2.172   -12.489 -2.967  1.00 59.52 ? 31  A   B "O2'" 1 
ATOM   568  C "C1'" . A   B 1 8  ? 2.451   -11.408 -5.102  1.00 59.43 ? 31  A   B "C1'" 1 
ATOM   569  N N9    . A   B 1 8  ? 3.308   -10.374 -5.686  1.00 57.60 ? 31  A   B N9    1 
ATOM   570  C C8    . A   B 1 8  ? 2.949   -9.320  -6.495  1.00 56.65 ? 31  A   B C8    1 
ATOM   571  N N7    . A   B 1 8  ? 3.957   -8.563  -6.855  1.00 54.51 ? 31  A   B N7    1 
ATOM   572  C C5    . A   B 1 8  ? 5.054   -9.155  -6.244  1.00 54.89 ? 31  A   B C5    1 
ATOM   573  C C6    . A   B 1 8  ? 6.422   -8.828  -6.234  1.00 53.08 ? 31  A   B C6    1 
ATOM   574  N N6    . A   B 1 8  ? 6.939   -7.783  -6.883  1.00 53.16 ? 31  A   B N6    1 
ATOM   575  N N1    . A   B 1 8  ? 7.251   -9.623  -5.523  1.00 52.36 ? 31  A   B N1    1 
ATOM   576  C C2    . A   B 1 8  ? 6.733   -10.671 -4.872  1.00 52.55 ? 31  A   B C2    1 
ATOM   577  N N3    . A   B 1 8  ? 5.469   -11.081 -4.806  1.00 53.56 ? 31  A   B N3    1 
ATOM   578  C C4    . A   B 1 8  ? 4.670   -10.270 -5.522  1.00 55.40 ? 31  A   B C4    1 
ATOM   579  P P     . C   B 1 9  ? 0.195   -9.453  -1.277  1.00 63.67 ? 32  C   B P     1 
ATOM   580  O OP1   . C   B 1 9  ? -0.774  -9.816  -0.212  1.00 64.67 ? 32  C   B OP1   1 
ATOM   581  O OP2   . C   B 1 9  ? 0.028   -8.173  -2.013  1.00 61.96 ? 32  C   B OP2   1 
ATOM   582  O "O5'" . C   B 1 9  ? 1.661   -9.481  -0.655  1.00 61.48 ? 32  C   B "O5'" 1 
ATOM   583  C "C5'" . C   B 1 9  ? 2.085   -10.560 0.175   1.00 59.91 ? 32  C   B "C5'" 1 
ATOM   584  C "C4'" . C   B 1 9  ? 3.557   -10.433 0.497   1.00 60.44 ? 32  C   B "C4'" 1 
ATOM   585  O "O4'" . C   B 1 9  ? 4.334   -10.563 -0.724  1.00 59.49 ? 32  C   B "O4'" 1 
ATOM   586  C "C3'" . C   B 1 9  ? 3.986   -9.088  1.059   1.00 59.86 ? 32  C   B "C3'" 1 
ATOM   587  O "O3'" . C   B 1 9  ? 3.742   -8.955  2.454   1.00 60.60 ? 32  C   B "O3'" 1 
ATOM   588  C "C2'" . C   B 1 9  ? 5.473   -9.068  0.729   1.00 59.33 ? 32  C   B "C2'" 1 
ATOM   589  O "O2'" . C   B 1 9  ? 6.256   -9.828  1.628   1.00 60.97 ? 32  C   B "O2'" 1 
ATOM   590  C "C1'" . C   B 1 9  ? 5.479   -9.724  -0.653  1.00 57.92 ? 32  C   B "C1'" 1 
ATOM   591  N N1    . C   B 1 9  ? 5.415   -8.736  -1.750  1.00 55.62 ? 32  C   B N1    1 
ATOM   592  C C2    . C   B 1 9  ? 6.614   -8.206  -2.255  1.00 53.57 ? 32  C   B C2    1 
ATOM   593  O O2    . C   B 1 9  ? 7.696   -8.594  -1.784  1.00 53.61 ? 32  C   B O2    1 
ATOM   594  N N3    . C   B 1 9  ? 6.562   -7.285  -3.245  1.00 51.86 ? 32  C   B N3    1 
ATOM   595  C C4    . C   B 1 9  ? 5.382   -6.892  -3.731  1.00 50.54 ? 32  C   B C4    1 
ATOM   596  N N4    . C   B 1 9  ? 5.380   -5.977  -4.703  1.00 48.71 ? 32  C   B N4    1 
ATOM   597  C C5    . C   B 1 9  ? 4.151   -7.419  -3.243  1.00 51.40 ? 32  C   B C5    1 
ATOM   598  C C6    . C   B 1 9  ? 4.213   -8.330  -2.264  1.00 53.77 ? 32  C   B C6    1 
ATOM   599  P P     . G   B 1 10 ? 3.429   -7.503  3.070   1.00 60.65 ? 33  G   B P     1 
ATOM   600  O OP1   . G   B 1 10 ? 3.084   -7.693  4.503   1.00 62.15 ? 33  G   B OP1   1 
ATOM   601  O OP2   . G   B 1 10 ? 2.471   -6.808  2.172   1.00 59.85 ? 33  G   B OP2   1 
ATOM   602  O "O5'" . G   B 1 10 ? 4.829   -6.744  2.986   1.00 58.11 ? 33  G   B "O5'" 1 
ATOM   603  C "C5'" . G   B 1 10 ? 5.970   -7.240  3.682   1.00 55.74 ? 33  G   B "C5'" 1 
ATOM   604  C "C4'" . G   B 1 10 ? 7.183   -6.383  3.396   1.00 53.93 ? 33  G   B "C4'" 1 
ATOM   605  O "O4'" . G   B 1 10 ? 7.621   -6.588  2.026   1.00 53.09 ? 33  G   B "O4'" 1 
ATOM   606  C "C3'" . G   B 1 10 ? 7.047   -4.873  3.522   1.00 53.28 ? 33  G   B "C3'" 1 
ATOM   607  O "O3'" . G   B 1 10 ? 7.148   -4.455  4.879   1.00 53.49 ? 33  G   B "O3'" 1 
ATOM   608  C "C2'" . G   B 1 10 ? 8.218   -4.380  2.680   1.00 53.70 ? 33  G   B "C2'" 1 
ATOM   609  O "O2'" . G   B 1 10 ? 9.454   -4.424  3.366   1.00 55.45 ? 33  G   B "O2'" 1 
ATOM   610  C "C1'" . G   B 1 10 ? 8.224   -5.399  1.539   1.00 52.03 ? 33  G   B "C1'" 1 
ATOM   611  N N9    . G   B 1 10 ? 7.489   -4.948  0.358   1.00 50.55 ? 33  G   B N9    1 
ATOM   612  C C8    . G   B 1 10 ? 6.271   -5.398  -0.093  1.00 49.31 ? 33  G   B C8    1 
ATOM   613  N N7    . G   B 1 10 ? 5.872   -4.797  -1.181  1.00 47.65 ? 33  G   B N7    1 
ATOM   614  C C5    . G   B 1 10 ? 6.888   -3.895  -1.468  1.00 47.86 ? 33  G   B C5    1 
ATOM   615  C C6    . G   B 1 10 ? 7.017   -2.965  -2.532  1.00 46.07 ? 33  G   B C6    1 
ATOM   616  O O6    . G   B 1 10 ? 6.233   -2.743  -3.463  1.00 44.97 ? 33  G   B O6    1 
ATOM   617  N N1    . G   B 1 10 ? 8.206   -2.248  -2.442  1.00 45.24 ? 33  G   B N1    1 
ATOM   618  C C2    . G   B 1 10 ? 9.151   -2.405  -1.458  1.00 45.85 ? 33  G   B C2    1 
ATOM   619  N N2    . G   B 1 10 ? 10.233  -1.619  -1.546  1.00 44.77 ? 33  G   B N2    1 
ATOM   620  N N3    . G   B 1 10 ? 9.043   -3.268  -0.463  1.00 47.49 ? 33  G   B N3    1 
ATOM   621  C C4    . G   B 1 10 ? 7.894   -3.976  -0.530  1.00 48.48 ? 33  G   B C4    1 
ATOM   622  P P     . C   B 1 11 ? 6.467   -3.072  5.339   1.00 53.95 ? 34  C   B P     1 
ATOM   623  O OP1   . C   B 1 11 ? 6.535   -3.018  6.822   1.00 56.34 ? 34  C   B OP1   1 
ATOM   624  O OP2   . C   B 1 11 ? 5.151   -2.943  4.661   1.00 54.17 ? 34  C   B OP2   1 
ATOM   625  O "O5'" . C   B 1 11 ? 7.440   -1.954  4.753   1.00 52.42 ? 34  C   B "O5'" 1 
ATOM   626  C "C5'" . C   B 1 11 ? 8.799   -1.871  5.177   1.00 50.54 ? 34  C   B "C5'" 1 
ATOM   627  C "C4'" . C   B 1 11 ? 9.537   -0.818  4.384   1.00 50.34 ? 34  C   B "C4'" 1 
ATOM   628  O "O4'" . C   B 1 11 ? 9.639   -1.236  2.996   1.00 51.03 ? 34  C   B "O4'" 1 
ATOM   629  C "C3'" . C   B 1 11 ? 8.874   0.547   4.315   1.00 50.39 ? 34  C   B "C3'" 1 
ATOM   630  O "O3'" . C   B 1 11 ? 9.123   1.354   5.460   1.00 49.84 ? 34  C   B "O3'" 1 
ATOM   631  C "C2'" . C   B 1 11 ? 9.482   1.135   3.048   1.00 49.01 ? 34  C   B "C2'" 1 
ATOM   632  O "O2'" . C   B 1 11 ? 10.780  1.659   3.243   1.00 48.58 ? 34  C   B "O2'" 1 
ATOM   633  C "C1'" . C   B 1 11 ? 9.549   -0.100  2.147   1.00 50.13 ? 34  C   B "C1'" 1 
ATOM   634  N N1    . C   B 1 11 ? 8.362   -0.246  1.280   1.00 48.88 ? 34  C   B N1    1 
ATOM   635  C C2    . C   B 1 11 ? 8.292   0.508   0.095   1.00 49.37 ? 34  C   B C2    1 
ATOM   636  O O2    . C   B 1 11 ? 9.230   1.268   -0.197  1.00 50.53 ? 34  C   B O2    1 
ATOM   637  N N3    . C   B 1 11 ? 7.205   0.387   -0.700  1.00 47.48 ? 34  C   B N3    1 
ATOM   638  C C4    . C   B 1 11 ? 6.215   -0.441  -0.358  1.00 46.36 ? 34  C   B C4    1 
ATOM   639  N N4    . C   B 1 11 ? 5.161   -0.524  -1.173  1.00 46.11 ? 34  C   B N4    1 
ATOM   640  C C5    . C   B 1 11 ? 6.260   -1.219  0.835   1.00 46.86 ? 34  C   B C5    1 
ATOM   641  C C6    . C   B 1 11 ? 7.340   -1.092  1.616   1.00 46.61 ? 34  C   B C6    1 
ATOM   642  P P     . C   B 1 12 ? 8.039   2.454   5.907   1.00 49.51 ? 35  C   B P     1 
ATOM   643  O OP1   . C   B 1 12 ? 8.480   3.008   7.213   1.00 51.09 ? 35  C   B OP1   1 
ATOM   644  O OP2   . C   B 1 12 ? 6.683   1.858   5.784   1.00 48.30 ? 35  C   B OP2   1 
ATOM   645  O "O5'" . C   B 1 12 ? 8.181   3.595   4.804   1.00 49.59 ? 35  C   B "O5'" 1 
ATOM   646  C "C5'" . C   B 1 12 ? 9.404   4.309   4.645   1.00 50.51 ? 35  C   B "C5'" 1 
ATOM   647  C "C4'" . C   B 1 12 ? 9.333   5.219   3.441   1.00 50.78 ? 35  C   B "C4'" 1 
ATOM   648  O "O4'" . C   B 1 12 ? 9.201   4.422   2.233   1.00 50.61 ? 35  C   B "O4'" 1 
ATOM   649  C "C3'" . C   B 1 12 ? 8.138   6.151   3.394   1.00 50.86 ? 35  C   B "C3'" 1 
ATOM   650  O "O3'" . C   B 1 12 ? 8.333   7.318   4.184   1.00 51.89 ? 35  C   B "O3'" 1 
ATOM   651  C "C2'" . C   B 1 12 ? 8.037   6.470   1.908   1.00 50.45 ? 35  C   B "C2'" 1 
ATOM   652  O "O2'" . C   B 1 12 ? 8.954   7.461   1.485   1.00 51.85 ? 35  C   B "O2'" 1 
ATOM   653  C "C1'" . C   B 1 12 ? 8.404   5.120   1.287   1.00 50.00 ? 35  C   B "C1'" 1 
ATOM   654  N N1    . C   B 1 12 ? 7.222   4.298   0.957   1.00 47.46 ? 35  C   B N1    1 
ATOM   655  C C2    . C   B 1 12 ? 6.613   4.461   -0.298  1.00 46.99 ? 35  C   B C2    1 
ATOM   656  O O2    . C   B 1 12 ? 7.090   5.281   -1.100  1.00 44.55 ? 35  C   B O2    1 
ATOM   657  N N3    . C   B 1 12 ? 5.521   3.723   -0.602  1.00 46.39 ? 35  C   B N3    1 
ATOM   658  C C4    . C   B 1 12 ? 5.034   2.851   0.284   1.00 45.95 ? 35  C   B C4    1 
ATOM   659  N N4    . C   B 1 12 ? 3.953   2.149   -0.059  1.00 44.63 ? 35  C   B N4    1 
ATOM   660  C C5    . C   B 1 12 ? 5.635   2.661   1.562   1.00 45.70 ? 35  C   B C5    1 
ATOM   661  C C6    . C   B 1 12 ? 6.716   3.397   1.855   1.00 47.01 ? 35  C   B C6    1 
ATOM   662  P P     . G   B 1 13 ? 7.060   8.074   4.812   1.00 54.03 ? 36  G   B P     1 
ATOM   663  O OP1   . G   B 1 13 ? 7.557   9.158   5.696   1.00 54.11 ? 36  G   B OP1   1 
ATOM   664  O OP2   . G   B 1 13 ? 6.147   7.039   5.364   1.00 52.83 ? 36  G   B OP2   1 
ATOM   665  O "O5'" . G   B 1 13 ? 6.350   8.734   3.547   1.00 53.00 ? 36  G   B "O5'" 1 
ATOM   666  C "C5'" . G   B 1 13 ? 7.023   9.722   2.772   1.00 52.67 ? 36  G   B "C5'" 1 
ATOM   667  C "C4'" . G   B 1 13 ? 6.255   10.026  1.505   1.00 52.69 ? 36  G   B "C4'" 1 
ATOM   668  O "O4'" . G   B 1 13 ? 6.318   8.889   0.600   1.00 51.59 ? 36  G   B "O4'" 1 
ATOM   669  C "C3'" . G   B 1 13 ? 4.759   10.295  1.615   1.00 52.54 ? 36  G   B "C3'" 1 
ATOM   670  O "O3'" . G   B 1 13 ? 4.391   11.576  2.106   1.00 53.94 ? 36  G   B "O3'" 1 
ATOM   671  C "C2'" . G   B 1 13 ? 4.318   10.092  0.172   1.00 50.88 ? 36  G   B "C2'" 1 
ATOM   672  O "O2'" . G   B 1 13 ? 4.632   11.185  -0.669  1.00 51.22 ? 36  G   B "O2'" 1 
ATOM   673  C "C1'" . G   B 1 13 ? 5.155   8.873   -0.221  1.00 49.95 ? 36  G   B "C1'" 1 
ATOM   674  N N9    . G   B 1 13 ? 4.418   7.634   0.015   1.00 47.56 ? 36  G   B N9    1 
ATOM   675  C C8    . G   B 1 13 ? 4.542   6.770   1.079   1.00 46.21 ? 36  G   B C8    1 
ATOM   676  N N7    . G   B 1 13 ? 3.713   5.762   1.018   1.00 46.40 ? 36  G   B N7    1 
ATOM   677  C C5    . G   B 1 13 ? 3.004   5.968   -0.159  1.00 44.69 ? 36  G   B C5    1 
ATOM   678  C C6    . G   B 1 13 ? 1.964   5.207   -0.752  1.00 43.23 ? 36  G   B C6    1 
ATOM   679  O O6    . G   B 1 13 ? 1.442   4.164   -0.344  1.00 43.30 ? 36  G   B O6    1 
ATOM   680  N N1    . G   B 1 13 ? 1.530   5.778   -1.945  1.00 41.50 ? 36  G   B N1    1 
ATOM   681  C C2    . G   B 1 13 ? 2.027   6.933   -2.496  1.00 43.28 ? 36  G   B C2    1 
ATOM   682  N N2    . G   B 1 13 ? 1.478   7.322   -3.655  1.00 42.25 ? 36  G   B N2    1 
ATOM   683  N N3    . G   B 1 13 ? 2.994   7.652   -1.952  1.00 43.13 ? 36  G   B N3    1 
ATOM   684  C C4    . G   B 1 13 ? 3.433   7.115   -0.793  1.00 45.08 ? 36  G   B C4    1 
ATOM   685  P P     . G   B 1 14 ? 3.018   11.743  2.932   1.00 56.96 ? 37  G   B P     1 
ATOM   686  O OP1   . G   B 1 14 ? 2.943   13.155  3.383   1.00 56.77 ? 37  G   B OP1   1 
ATOM   687  O OP2   . G   B 1 14 ? 2.943   10.648  3.935   1.00 56.20 ? 37  G   B OP2   1 
ATOM   688  O "O5'" . G   B 1 14 ? 1.878   11.502  1.843   1.00 53.77 ? 37  G   B "O5'" 1 
ATOM   689  C "C5'" . G   B 1 14 ? 1.795   12.334  0.689   1.00 46.26 ? 37  G   B "C5'" 1 
ATOM   690  C "C4'" . G   B 1 14 ? 0.859   11.743  -0.346  1.00 40.90 ? 37  G   B "C4'" 1 
ATOM   691  O "O4'" . G   B 1 14 ? 1.263   10.383  -0.665  1.00 38.97 ? 37  G   B "O4'" 1 
ATOM   692  C "C3'" . G   B 1 14 ? -0.635  11.597  -0.051  1.00 38.48 ? 37  G   B "C3'" 1 
ATOM   693  O "O3'" . G   B 1 14 ? -1.369  12.812  -0.148  1.00 37.30 ? 37  G   B "O3'" 1 
ATOM   694  C "C2'" . G   B 1 14 ? -1.051  10.629  -1.150  1.00 37.08 ? 37  G   B "C2'" 1 
ATOM   695  O "O2'" . G   B 1 14 ? -1.184  11.255  -2.410  1.00 37.51 ? 37  G   B "O2'" 1 
ATOM   696  C "C1'" . G   B 1 14 ? 0.142   9.672   -1.175  1.00 36.54 ? 37  G   B "C1'" 1 
ATOM   697  N N9    . G   B 1 14 ? -0.100  8.482   -0.360  1.00 35.60 ? 37  G   B N9    1 
ATOM   698  C C8    . G   B 1 14 ? 0.484   8.138   0.836   1.00 35.10 ? 37  G   B C8    1 
ATOM   699  N N7    . G   B 1 14 ? 0.035   7.009   1.318   1.00 34.79 ? 37  G   B N7    1 
ATOM   700  C C5    . G   B 1 14 ? -0.900  6.582   0.383   1.00 34.38 ? 37  G   B C5    1 
ATOM   701  C C6    . G   B 1 14 ? -1.720  5.420   0.358   1.00 34.88 ? 37  G   B C6    1 
ATOM   702  O O6    . G   B 1 14 ? -1.787  4.503   1.182   1.00 35.21 ? 37  G   B O6    1 
ATOM   703  N N1    . G   B 1 14 ? -2.523  5.385   -0.775  1.00 32.38 ? 37  G   B N1    1 
ATOM   704  C C2    . G   B 1 14 ? -2.541  6.337   -1.760  1.00 34.84 ? 37  G   B C2    1 
ATOM   705  N N2    . G   B 1 14 ? -3.390  6.123   -2.774  1.00 36.78 ? 37  G   B N2    1 
ATOM   706  N N3    . G   B 1 14 ? -1.783  7.420   -1.753  1.00 35.66 ? 37  G   B N3    1 
ATOM   707  C C4    . G   B 1 14 ? -0.993  7.478   -0.660  1.00 35.66 ? 37  G   B C4    1 
ATOM   708  P P     . C   B 1 15 ? -2.738  12.980  0.682   1.00 36.97 ? 38  C   B P     1 
ATOM   709  O OP1   . C   B 1 15 ? -3.125  14.412  0.621   1.00 38.42 ? 38  C   B OP1   1 
ATOM   710  O OP2   . C   B 1 15 ? -2.556  12.326  2.003   1.00 38.49 ? 38  C   B OP2   1 
ATOM   711  O "O5'" . C   B 1 15 ? -3.807  12.130  -0.143  1.00 35.92 ? 38  C   B "O5'" 1 
ATOM   712  C "C5'" . C   B 1 15 ? -4.180  12.508  -1.466  1.00 32.17 ? 38  C   B "C5'" 1 
ATOM   713  C "C4'" . C   B 1 15 ? -5.183  11.529  -2.040  1.00 30.21 ? 38  C   B "C4'" 1 
ATOM   714  O "O4'" . C   B 1 15 ? -4.562  10.224  -2.193  1.00 26.74 ? 38  C   B "O4'" 1 
ATOM   715  C "C3'" . C   B 1 15 ? -6.428  11.239  -1.215  1.00 29.41 ? 38  C   B "C3'" 1 
ATOM   716  O "O3'" . C   B 1 15 ? -7.434  12.235  -1.341  1.00 29.72 ? 38  C   B "O3'" 1 
ATOM   717  C "C2'" . C   B 1 15 ? -6.882  9.907   -1.799  1.00 26.98 ? 38  C   B "C2'" 1 
ATOM   718  O "O2'" . C   B 1 15 ? -7.564  10.039  -3.032  1.00 29.30 ? 38  C   B "O2'" 1 
ATOM   719  C "C1'" . C   B 1 15 ? -5.540  9.206   -2.014  1.00 27.39 ? 38  C   B "C1'" 1 
ATOM   720  N N1    . C   B 1 15 ? -5.164  8.372   -0.855  1.00 25.25 ? 38  C   B N1    1 
ATOM   721  C C2    . C   B 1 15 ? -5.680  7.067   -0.767  1.00 25.73 ? 38  C   B C2    1 
ATOM   722  O O2    . C   B 1 15 ? -6.415  6.644   -1.674  1.00 25.94 ? 38  C   B O2    1 
ATOM   723  N N3    . C   B 1 15 ? -5.365  6.304   0.304   1.00 28.33 ? 38  C   B N3    1 
ATOM   724  C C4    . C   B 1 15 ? -4.569  6.790   1.260   1.00 26.90 ? 38  C   B C4    1 
ATOM   725  N N4    . C   B 1 15 ? -4.291  6.003   2.300   1.00 27.92 ? 38  C   B N4    1 
ATOM   726  C C5    . C   B 1 15 ? -4.023  8.105   1.190   1.00 27.01 ? 38  C   B C5    1 
ATOM   727  C C6    . C   B 1 15 ? -4.343  8.854   0.127   1.00 26.89 ? 38  C   B C6    1 
ATOM   728  P P     . G   B 1 16 ? -8.465  12.475  -0.130  1.00 31.59 ? 39  G   B P     1 
ATOM   729  O OP1   . G   B 1 16 ? -9.346  13.600  -0.528  1.00 31.97 ? 39  G   B OP1   1 
ATOM   730  O OP2   . G   B 1 16 ? -7.692  12.564  1.135   1.00 33.13 ? 39  G   B OP2   1 
ATOM   731  O "O5'" . G   B 1 16 ? -9.336  11.140  -0.089  1.00 30.46 ? 39  G   B "O5'" 1 
ATOM   732  C "C5'" . G   B 1 16 ? -10.203 10.797  -1.169  1.00 30.00 ? 39  G   B "C5'" 1 
ATOM   733  C "C4'" . G   B 1 16 ? -10.929 9.501   -0.880  1.00 30.48 ? 39  G   B "C4'" 1 
ATOM   734  O "O4'" . G   B 1 16 ? -9.982  8.403   -0.827  1.00 32.21 ? 39  G   B "O4'" 1 
ATOM   735  C "C3'" . G   B 1 16 ? -11.696 9.380   0.440   1.00 31.70 ? 39  G   B "C3'" 1 
ATOM   736  O "O3'" . G   B 1 16 ? -12.970 10.015  0.420   1.00 34.38 ? 39  G   B "O3'" 1 
ATOM   737  C "C2'" . G   B 1 16 ? -11.833 7.866   0.573   1.00 31.80 ? 39  G   B "C2'" 1 
ATOM   738  O "O2'" . G   B 1 16 ? -12.881 7.330   -0.210  1.00 32.17 ? 39  G   B "O2'" 1 
ATOM   739  C "C1'" . G   B 1 16 ? -10.487 7.386   0.025   1.00 30.25 ? 39  G   B "C1'" 1 
ATOM   740  N N9    . G   B 1 16 ? -9.503  7.107   1.068   1.00 28.23 ? 39  G   B N9    1 
ATOM   741  C C8    . G   B 1 16 ? -8.479  7.921   1.492   1.00 27.12 ? 39  G   B C8    1 
ATOM   742  N N7    . G   B 1 16 ? -7.767  7.393   2.450   1.00 27.11 ? 39  G   B N7    1 
ATOM   743  C C5    . G   B 1 16 ? -8.355  6.155   2.675   1.00 25.90 ? 39  G   B C5    1 
ATOM   744  C C6    . G   B 1 16 ? -8.021  5.132   3.600   1.00 27.26 ? 39  G   B C6    1 
ATOM   745  O O6    . G   B 1 16 ? -7.108  5.115   4.434   1.00 27.74 ? 39  G   B O6    1 
ATOM   746  N N1    . G   B 1 16 ? -8.878  4.043   3.488   1.00 25.97 ? 39  G   B N1    1 
ATOM   747  C C2    . G   B 1 16 ? -9.923  3.947   2.603   1.00 26.67 ? 39  G   B C2    1 
ATOM   748  N N2    . G   B 1 16 ? -10.635 2.812   2.648   1.00 25.11 ? 39  G   B N2    1 
ATOM   749  N N3    . G   B 1 16 ? -10.247 4.894   1.738   1.00 26.23 ? 39  G   B N3    1 
ATOM   750  C C4    . G   B 1 16 ? -9.427  5.962   1.829   1.00 25.71 ? 39  G   B C4    1 
ATOM   751  P P     . A   B 1 17 ? -13.202 11.368  1.256   1.00 37.78 ? 40  A   B P     1 
ATOM   752  O OP1   . A   B 1 17 ? -13.166 12.490  0.284   1.00 40.58 ? 40  A   B OP1   1 
ATOM   753  O OP2   . A   B 1 17 ? -12.284 11.383  2.425   1.00 38.73 ? 40  A   B OP2   1 
ATOM   754  O "O5'" . A   B 1 17 ? -14.695 11.232  1.796   1.00 39.61 ? 40  A   B "O5'" 1 
ATOM   755  C "C5'" . A   B 1 17 ? -15.104 10.069  2.511   1.00 36.43 ? 40  A   B "C5'" 1 
ATOM   756  C "C4'" . A   B 1 17 ? -16.333 10.363  3.336   1.00 37.33 ? 40  A   B "C4'" 1 
ATOM   757  O "O4'" . A   B 1 17 ? -17.501 10.403  2.477   1.00 35.44 ? 40  A   B "O4'" 1 
ATOM   758  C "C3'" . A   B 1 17 ? -16.662 9.321   4.390   1.00 36.41 ? 40  A   B "C3'" 1 
ATOM   759  O "O3'" . A   B 1 17 ? -15.925 9.684   5.553   1.00 32.30 ? 40  A   B "O3'" 1 
ATOM   760  C "C2'" . A   B 1 17 ? -18.163 9.510   4.587   1.00 35.46 ? 40  A   B "C2'" 1 
ATOM   761  O "O2'" . A   B 1 17 ? -18.475 10.566  5.473   1.00 36.83 ? 40  A   B "O2'" 1 
ATOM   762  C "C1'" . A   B 1 17 ? -18.619 9.874   3.171   1.00 35.27 ? 40  A   B "C1'" 1 
ATOM   763  N N9    . A   B 1 17 ? -19.160 8.751   2.400   1.00 32.62 ? 40  A   B N9    1 
ATOM   764  C C8    . A   B 1 17 ? -18.477 7.859   1.607   1.00 31.65 ? 40  A   B C8    1 
ATOM   765  N N7    . A   B 1 17 ? -19.247 6.968   1.031   1.00 32.01 ? 40  A   B N7    1 
ATOM   766  C C5    . A   B 1 17 ? -20.521 7.290   1.475   1.00 31.34 ? 40  A   B C5    1 
ATOM   767  C C6    . A   B 1 17 ? -21.784 6.722   1.221   1.00 30.51 ? 40  A   B C6    1 
ATOM   768  N N6    . A   B 1 17 ? -21.976 5.667   0.425   1.00 32.10 ? 40  A   B N6    1 
ATOM   769  N N1    . A   B 1 17 ? -22.856 7.282   1.822   1.00 31.92 ? 40  A   B N1    1 
ATOM   770  C C2    . A   B 1 17 ? -22.663 8.340   2.619   1.00 30.16 ? 40  A   B C2    1 
ATOM   771  N N3    . A   B 1 17 ? -21.531 8.964   2.932   1.00 31.59 ? 40  A   B N3    1 
ATOM   772  C C4    . A   B 1 17 ? -20.483 8.384   2.321   1.00 31.33 ? 40  A   B C4    1 
ATOM   773  P P     . A   B 1 18 ? -15.149 8.560   6.400   1.00 32.40 ? 41  A   B P     1 
ATOM   774  O OP1   . A   B 1 18 ? -14.013 9.235   7.079   1.00 31.06 ? 41  A   B OP1   1 
ATOM   775  O OP2   . A   B 1 18 ? -14.887 7.384   5.529   1.00 30.27 ? 41  A   B OP2   1 
ATOM   776  O "O5'" . A   B 1 18 ? -16.204 8.126   7.512   1.00 30.46 ? 41  A   B "O5'" 1 
ATOM   777  C "C5'" . A   B 1 18 ? -16.839 9.096   8.343   1.00 30.08 ? 41  A   B "C5'" 1 
ATOM   778  C "C4'" . A   B 1 18 ? -18.154 8.556   8.851   1.00 32.45 ? 41  A   B "C4'" 1 
ATOM   779  O "O4'" . A   B 1 18 ? -19.046 8.370   7.724   1.00 30.84 ? 41  A   B "O4'" 1 
ATOM   780  C "C3'" . A   B 1 18 ? -18.066 7.207   9.527   1.00 31.60 ? 41  A   B "C3'" 1 
ATOM   781  O "O3'" . A   B 1 18 ? -17.864 7.443   10.919  1.00 36.37 ? 41  A   B "O3'" 1 
ATOM   782  C "C2'" . A   B 1 18 ? -19.437 6.589   9.265   1.00 32.45 ? 41  A   B "C2'" 1 
ATOM   783  O "O2'" . A   B 1 18 ? -20.409 6.958   10.223  1.00 32.59 ? 41  A   B "O2'" 1 
ATOM   784  C "C1'" . A   B 1 18 ? -19.807 7.193   7.905   1.00 30.87 ? 41  A   B "C1'" 1 
ATOM   785  N N9    . A   B 1 18 ? -19.585 6.328   6.745   1.00 30.66 ? 41  A   B N9    1 
ATOM   786  C C8    . A   B 1 18 ? -18.422 5.721   6.335   1.00 32.37 ? 41  A   B C8    1 
ATOM   787  N N7    . A   B 1 18 ? -18.552 5.019   5.235   1.00 32.04 ? 41  A   B N7    1 
ATOM   788  C C5    . A   B 1 18 ? -19.890 5.171   4.898   1.00 29.49 ? 41  A   B C5    1 
ATOM   789  C C6    . A   B 1 18 ? -20.660 4.678   3.829   1.00 28.60 ? 41  A   B C6    1 
ATOM   790  N N6    . A   B 1 18 ? -20.172 3.900   2.861   1.00 28.30 ? 41  A   B N6    1 
ATOM   791  N N1    . A   B 1 18 ? -21.966 5.018   3.789   1.00 29.11 ? 41  A   B N1    1 
ATOM   792  C C2    . A   B 1 18 ? -22.456 5.801   4.758   1.00 27.42 ? 41  A   B C2    1 
ATOM   793  N N3    . A   B 1 18 ? -21.834 6.327   5.808   1.00 28.36 ? 41  A   B N3    1 
ATOM   794  C C4    . A   B 1 18 ? -20.539 5.971   5.822   1.00 30.37 ? 41  A   B C4    1 
ATOM   795  P P     . G   B 1 19 ? -16.400 7.269   11.565  1.00 39.49 ? 42  G   B P     1 
ATOM   796  O OP1   . G   B 1 19 ? -16.498 7.695   12.984  1.00 36.07 ? 42  G   B OP1   1 
ATOM   797  O OP2   . G   B 1 19 ? -15.404 7.917   10.675  1.00 38.27 ? 42  G   B OP2   1 
ATOM   798  O "O5'" . G   B 1 19 ? -16.140 5.697   11.541  1.00 34.20 ? 42  G   B "O5'" 1 
ATOM   799  C "C5'" . G   B 1 19 ? -17.112 4.779   12.034  1.00 34.61 ? 42  G   B "C5'" 1 
ATOM   800  C "C4'" . G   B 1 19 ? -16.440 3.514   12.516  1.00 33.32 ? 42  G   B "C4'" 1 
ATOM   801  O "O4'" . G   B 1 19 ? -15.694 2.932   11.411  1.00 33.43 ? 42  G   B "O4'" 1 
ATOM   802  C "C3'" . G   B 1 19 ? -15.418 3.632   13.653  1.00 34.32 ? 42  G   B "C3'" 1 
ATOM   803  O "O3'" . G   B 1 19 ? -16.065 3.570   14.922  1.00 35.68 ? 42  G   B "O3'" 1 
ATOM   804  C "C2'" . G   B 1 19 ? -14.529 2.422   13.406  1.00 34.08 ? 42  G   B "C2'" 1 
ATOM   805  O "O2'" . G   B 1 19 ? -15.100 1.210   13.859  1.00 33.57 ? 42  G   B "O2'" 1 
ATOM   806  C "C1'" . G   B 1 19 ? -14.453 2.424   11.879  1.00 32.67 ? 42  G   B "C1'" 1 
ATOM   807  N N9    . G   B 1 19 ? -13.386 3.287   11.374  1.00 32.57 ? 42  G   B N9    1 
ATOM   808  C C8    . G   B 1 19 ? -13.527 4.420   10.607  1.00 31.99 ? 42  G   B C8    1 
ATOM   809  N N7    . G   B 1 19 ? -12.390 4.994   10.326  1.00 29.95 ? 42  G   B N7    1 
ATOM   810  C C5    . G   B 1 19 ? -11.438 4.192   10.941  1.00 29.31 ? 42  G   B C5    1 
ATOM   811  C C6    . G   B 1 19 ? -10.027 4.317   10.989  1.00 26.43 ? 42  G   B C6    1 
ATOM   812  O O6    . G   B 1 19 ? -9.313  5.191   10.485  1.00 23.92 ? 42  G   B O6    1 
ATOM   813  N N1    . G   B 1 19 ? -9.448  3.284   11.718  1.00 29.03 ? 42  G   B N1    1 
ATOM   814  C C2    . G   B 1 19 ? -10.135 2.262   12.323  1.00 27.58 ? 42  G   B C2    1 
ATOM   815  N N2    . G   B 1 19 ? -9.394  1.357   12.978  1.00 27.15 ? 42  G   B N2    1 
ATOM   816  N N3    . G   B 1 19 ? -11.451 2.136   12.290  1.00 30.01 ? 42  G   B N3    1 
ATOM   817  C C4    . G   B 1 19 ? -12.035 3.129   11.585  1.00 31.02 ? 42  G   B C4    1 
ATOM   818  P P     . U   B 1 20 ? -15.380 4.262   16.203  1.00 35.75 ? 43  U   B P     1 
ATOM   819  O OP1   . U   B 1 20 ? -16.311 4.090   17.348  1.00 38.49 ? 43  U   B OP1   1 
ATOM   820  O OP2   . U   B 1 20 ? -14.934 5.627   15.822  1.00 35.32 ? 43  U   B OP2   1 
ATOM   821  O "O5'" . U   B 1 20 ? -14.084 3.376   16.478  1.00 36.00 ? 43  U   B "O5'" 1 
ATOM   822  C "C5'" . U   B 1 20 ? -14.196 2.000   16.839  1.00 31.80 ? 43  U   B "C5'" 1 
ATOM   823  C "C4'" . U   B 1 20 ? -12.831 1.424   17.142  1.00 33.01 ? 43  U   B "C4'" 1 
ATOM   824  O "O4'" . U   B 1 20 ? -12.002 1.504   15.952  1.00 32.02 ? 43  U   B "O4'" 1 
ATOM   825  C "C3'" . U   B 1 20 ? -12.044 2.176   18.208  1.00 34.07 ? 43  U   B "C3'" 1 
ATOM   826  O "O3'" . U   B 1 20 ? -12.399 1.687   19.499  1.00 34.82 ? 43  U   B "O3'" 1 
ATOM   827  C "C2'" . U   B 1 20 ? -10.603 1.836   17.846  1.00 34.37 ? 43  U   B "C2'" 1 
ATOM   828  O "O2'" . U   B 1 20 ? -10.201 0.563   18.310  1.00 35.35 ? 43  U   B "O2'" 1 
ATOM   829  C "C1'" . U   B 1 20 ? -10.670 1.833   16.316  1.00 33.73 ? 43  U   B "C1'" 1 
ATOM   830  N N1    . U   B 1 20 ? -10.318 3.125   15.703  1.00 32.97 ? 43  U   B N1    1 
ATOM   831  C C2    . U   B 1 20 ? -8.972  3.447   15.587  1.00 32.89 ? 43  U   B C2    1 
ATOM   832  O O2    . U   B 1 20 ? -8.075  2.712   15.970  1.00 34.19 ? 43  U   B O2    1 
ATOM   833  N N3    . U   B 1 20 ? -8.716  4.664   15.005  1.00 32.56 ? 43  U   B N3    1 
ATOM   834  C C4    . U   B 1 20 ? -9.641  5.574   14.537  1.00 33.03 ? 43  U   B C4    1 
ATOM   835  O O4    . U   B 1 20 ? -9.251  6.629   14.035  1.00 32.28 ? 43  U   B O4    1 
ATOM   836  C C5    . U   B 1 20 ? -11.004 5.174   14.693  1.00 33.12 ? 43  U   B C5    1 
ATOM   837  C C6    . U   B 1 20 ? -11.291 3.996   15.256  1.00 31.65 ? 43  U   B C6    1 
ATOM   838  P P     . C   B 1 21 ? -12.303 2.660   20.775  1.00 34.88 ? 44  C   B P     1 
ATOM   839  O OP1   . C   B 1 21 ? -12.827 1.902   21.941  1.00 37.42 ? 44  C   B OP1   1 
ATOM   840  O OP2   . C   B 1 21 ? -12.910 3.967   20.419  1.00 36.12 ? 44  C   B OP2   1 
ATOM   841  O "O5'" . C   B 1 21 ? -10.737 2.873   20.978  1.00 34.27 ? 44  C   B "O5'" 1 
ATOM   842  C "C5'" . C   B 1 21 ? -9.900  1.793   21.387  1.00 34.57 ? 44  C   B "C5'" 1 
ATOM   843  C "C4'" . C   B 1 21 ? -8.462  2.247   21.500  1.00 35.64 ? 44  C   B "C4'" 1 
ATOM   844  O "O4'" . C   B 1 21 ? -7.926  2.527   20.180  1.00 32.51 ? 44  C   B "O4'" 1 
ATOM   845  C "C3'" . C   B 1 21 ? -8.208  3.540   22.267  1.00 35.26 ? 44  C   B "C3'" 1 
ATOM   846  O "O3'" . C   B 1 21 ? -8.222  3.376   23.680  1.00 38.53 ? 44  C   B "O3'" 1 
ATOM   847  C "C2'" . C   B 1 21 ? -6.830  3.938   21.752  1.00 34.84 ? 44  C   B "C2'" 1 
ATOM   848  O "O2'" . C   B 1 21 ? -5.778  3.224   22.369  1.00 33.08 ? 44  C   B "O2'" 1 
ATOM   849  C "C1'" . C   B 1 21 ? -6.933  3.540   20.277  1.00 32.66 ? 44  C   B "C1'" 1 
ATOM   850  N N1    . C   B 1 21 ? -7.309  4.671   19.405  1.00 33.03 ? 44  C   B N1    1 
ATOM   851  C C2    . C   B 1 21 ? -6.307  5.565   18.988  1.00 32.13 ? 44  C   B C2    1 
ATOM   852  O O2    . C   B 1 21 ? -5.134  5.373   19.352  1.00 33.28 ? 44  C   B O2    1 
ATOM   853  N N3    . C   B 1 21 ? -6.642  6.612   18.200  1.00 29.75 ? 44  C   B N3    1 
ATOM   854  C C4    . C   B 1 21 ? -7.912  6.786   17.827  1.00 30.11 ? 44  C   B C4    1 
ATOM   855  N N4    . C   B 1 21 ? -8.194  7.834   17.052  1.00 29.82 ? 44  C   B N4    1 
ATOM   856  C C5    . C   B 1 21 ? -8.947  5.894   18.230  1.00 29.27 ? 44  C   B C5    1 
ATOM   857  C C6    . C   B 1 21 ? -8.606  4.861   19.010  1.00 30.20 ? 44  C   B C6    1 
ATOM   858  P P     . G   B 1 22 ? -8.586  4.629   24.622  1.00 40.42 ? 45  G   B P     1 
ATOM   859  O OP1   . G   B 1 22 ? -8.635  4.132   26.020  1.00 44.66 ? 45  G   B OP1   1 
ATOM   860  O OP2   . G   B 1 22 ? -9.770  5.321   24.048  1.00 43.76 ? 45  G   B OP2   1 
ATOM   861  O "O5'" . G   B 1 22 ? -7.327  5.596   24.478  1.00 42.92 ? 45  G   B "O5'" 1 
ATOM   862  C "C5'" . G   B 1 22 ? -6.031  5.171   24.892  1.00 43.22 ? 45  G   B "C5'" 1 
ATOM   863  C "C4'" . G   B 1 22 ? -4.983  6.178   24.476  1.00 43.80 ? 45  G   B "C4'" 1 
ATOM   864  O "O4'" . G   B 1 22 ? -4.952  6.280   23.027  1.00 42.54 ? 45  G   B "O4'" 1 
ATOM   865  C "C3'" . G   B 1 22 ? -5.203  7.618   24.929  1.00 45.60 ? 45  G   B "C3'" 1 
ATOM   866  O "O3'" . G   B 1 22 ? -4.794  7.851   26.274  1.00 47.40 ? 45  G   B "O3'" 1 
ATOM   867  C "C2'" . G   B 1 22 ? -4.338  8.388   23.939  1.00 44.88 ? 45  G   B "C2'" 1 
ATOM   868  O "O2'" . G   B 1 22 ? -2.964  8.361   24.272  1.00 43.97 ? 45  G   B "O2'" 1 
ATOM   869  C "C1'" . G   B 1 22 ? -4.575  7.597   22.652  1.00 42.99 ? 45  G   B "C1'" 1 
ATOM   870  N N9    . G   B 1 22 ? -5.628  8.171   21.815  1.00 40.89 ? 45  G   B N9    1 
ATOM   871  C C8    . G   B 1 22 ? -6.917  7.719   21.660  1.00 40.81 ? 45  G   B C8    1 
ATOM   872  N N7    . G   B 1 22 ? -7.624  8.455   20.845  1.00 38.87 ? 45  G   B N7    1 
ATOM   873  C C5    . G   B 1 22 ? -6.749  9.452   20.435  1.00 39.52 ? 45  G   B C5    1 
ATOM   874  C C6    . G   B 1 22 ? -6.950  10.544  19.550  1.00 39.00 ? 45  G   B C6    1 
ATOM   875  O O6    . G   B 1 22 ? -7.972  10.858  18.930  1.00 40.81 ? 45  G   B O6    1 
ATOM   876  N N1    . G   B 1 22 ? -5.797  11.312  19.418  1.00 37.91 ? 45  G   B N1    1 
ATOM   877  C C2    . G   B 1 22 ? -4.606  11.065  20.053  1.00 37.32 ? 45  G   B C2    1 
ATOM   878  N N2    . G   B 1 22 ? -3.607  11.922  19.797  1.00 35.26 ? 45  G   B N2    1 
ATOM   879  N N3    . G   B 1 22 ? -4.407  10.052  20.880  1.00 38.09 ? 45  G   B N3    1 
ATOM   880  C C4    . G   B 1 22 ? -5.514  9.292   21.023  1.00 39.91 ? 45  G   B C4    1 
ATOM   881  P P     . C   B 1 23 ? -5.402  9.101   27.086  1.00 50.75 ? 46  C   B P     1 
ATOM   882  O OP1   . C   B 1 23 ? -4.887  9.045   28.478  1.00 52.06 ? 46  C   B OP1   1 
ATOM   883  O OP2   . C   B 1 23 ? -6.868  9.122   26.847  1.00 48.72 ? 46  C   B OP2   1 
ATOM   884  O "O5'" . C   B 1 23 ? -4.769  10.375  26.365  1.00 48.71 ? 46  C   B "O5'" 1 
ATOM   885  C "C5'" . C   B 1 23 ? -3.365  10.625  26.415  1.00 46.00 ? 46  C   B "C5'" 1 
ATOM   886  C "C4'" . C   B 1 23 ? -3.019  11.860  25.614  1.00 45.32 ? 46  C   B "C4'" 1 
ATOM   887  O "O4'" . C   B 1 23 ? -3.373  11.654  24.221  1.00 45.21 ? 46  C   B "O4'" 1 
ATOM   888  C "C3'" . C   B 1 23 ? -3.753  13.136  25.991  1.00 45.37 ? 46  C   B "C3'" 1 
ATOM   889  O "O3'" . C   B 1 23 ? -3.283  13.772  27.184  1.00 46.31 ? 46  C   B "O3'" 1 
ATOM   890  C "C2'" . C   B 1 23 ? -3.622  13.968  24.722  1.00 45.47 ? 46  C   B "C2'" 1 
ATOM   891  O "O2'" . C   B 1 23 ? -2.358  14.593  24.601  1.00 44.98 ? 46  C   B "O2'" 1 
ATOM   892  C "C1'" . C   B 1 23 ? -3.765  12.892  23.643  1.00 44.00 ? 46  C   B "C1'" 1 
ATOM   893  N N1    . C   B 1 23 ? -5.140  12.758  23.115  1.00 42.12 ? 46  C   B N1    1 
ATOM   894  C C2    . C   B 1 23 ? -5.599  13.696  22.172  1.00 41.43 ? 46  C   B C2    1 
ATOM   895  O O2    . C   B 1 23 ? -4.843  14.612  21.810  1.00 41.35 ? 46  C   B O2    1 
ATOM   896  N N3    . C   B 1 23 ? -6.854  13.578  21.682  1.00 38.84 ? 46  C   B N3    1 
ATOM   897  C C4    . C   B 1 23 ? -7.641  12.582  22.095  1.00 40.11 ? 46  C   B C4    1 
ATOM   898  N N4    . C   B 1 23 ? -8.871  12.503  21.580  1.00 37.41 ? 46  C   B N4    1 
ATOM   899  C C5    . C   B 1 23 ? -7.203  11.619  23.051  1.00 39.56 ? 46  C   B C5    1 
ATOM   900  C C6    . C   B 1 23 ? -5.959  11.745  23.530  1.00 42.37 ? 46  C   B C6    1 
HETATM 901  C C1    . SJP C 2 .  ? 10.626  -7.486  -7.673  1.00 47.73 ? 101 SJP A C1    1 
HETATM 902  C C10   . SJP C 2 .  ? 10.646  -9.548  -9.142  1.00 50.61 ? 101 SJP A C10   1 
HETATM 903  C C11   . SJP C 2 .  ? 10.176  -9.022  -10.532 1.00 50.98 ? 101 SJP A C11   1 
HETATM 904  C C12   . SJP C 2 .  ? 9.494   -10.238 -11.344 1.00 50.76 ? 101 SJP A C12   1 
HETATM 905  C C13   . SJP C 2 .  ? 8.895   -6.887  -11.019 1.00 51.56 ? 101 SJP A C13   1 
HETATM 906  C C14   . SJP C 2 .  ? 7.439   -6.382  -10.812 1.00 52.47 ? 101 SJP A C14   1 
HETATM 907  C C15   . SJP C 2 .  ? 7.650   -4.953  -11.249 1.00 53.07 ? 101 SJP A C15   1 
HETATM 908  C C16   . SJP C 2 .  ? 8.964   -4.508  -10.530 1.00 53.34 ? 101 SJP A C16   1 
HETATM 909  C C17   . SJP C 2 .  ? 8.832   -4.040  -9.038  1.00 54.19 ? 101 SJP A C17   1 
HETATM 910  C C18   . SJP C 2 .  ? 7.527   -3.710  -13.376 1.00 54.75 ? 101 SJP A C18   1 
HETATM 911  C C19   . SJP C 2 .  ? 7.289   -3.819  -14.853 1.00 55.44 ? 101 SJP A C19   1 
HETATM 912  C C2    . SJP C 2 .  ? 11.553  -6.266  -7.462  1.00 48.36 ? 101 SJP A C2    1 
HETATM 913  C C20   . SJP C 2 .  ? 7.047   -2.378  -15.426 1.00 55.42 ? 101 SJP A C20   1 
HETATM 914  C C21   . SJP C 2 .  ? 8.140   -1.467  -15.241 1.00 55.14 ? 101 SJP A C21   1 
HETATM 915  C C22   . SJP C 2 .  ? 8.377   -1.308  -13.822 1.00 55.56 ? 101 SJP A C22   1 
HETATM 916  C C23   . SJP C 2 .  ? 9.579   -0.320  -13.555 1.00 56.52 ? 101 SJP A C23   1 
HETATM 917  C C24   . SJP C 2 .  ? 10.135  -14.199 -15.112 1.00 55.65 ? 101 SJP A C24   1 
HETATM 918  C C26   . SJP C 2 .  ? 10.936  -13.362 -13.059 1.00 55.04 ? 101 SJP A C26   1 
HETATM 919  C C27   . SJP C 2 .  ? 9.642   -15.264 -15.842 1.00 55.93 ? 101 SJP A C27   1 
HETATM 920  C C28   . SJP C 2 .  ? 10.088  -14.514 -13.793 1.00 55.58 ? 101 SJP A C28   1 
HETATM 921  C C3    . SJP C 2 .  ? 12.780  -6.637  -6.510  1.00 48.01 ? 101 SJP A C3    1 
HETATM 922  C C4    . SJP C 2 .  ? 12.191  -7.155  -5.111  1.00 48.50 ? 101 SJP A C4    1 
HETATM 923  C C5    . SJP C 2 .  ? 11.271  -8.429  -5.406  1.00 48.54 ? 101 SJP A C5    1 
HETATM 924  C C6    . SJP C 2 .  ? 10.647  -8.993  -4.124  1.00 48.69 ? 101 SJP A C6    1 
HETATM 925  C C7    . SJP C 2 .  ? 10.600  -11.357 -11.578 1.00 51.40 ? 101 SJP A C7    1 
HETATM 926  C C8    . SJP C 2 .  ? 11.031  -11.879 -10.106 1.00 51.49 ? 101 SJP A C8    1 
HETATM 927  C C9    . SJP C 2 .  ? 11.674  -10.697 -9.283  1.00 51.95 ? 101 SJP A C9    1 
HETATM 928  F F99   . SJP C 2 .  ? 9.390   -13.004 -15.437 1.00 54.92 ? 101 SJP A F99   1 
HETATM 929  N N19   . SJP C 2 .  ? 9.834   -0.063  -12.042 1.00 57.80 ? 101 SJP A N19   1 
HETATM 930  N N2    . SJP C 2 .  ? 12.009  -5.782  -8.817  1.00 45.49 ? 101 SJP A N2    1 
HETATM 931  N N23   . SJP C 2 .  ? 8.375   -4.326  -15.572 1.00 55.09 ? 101 SJP A N23   1 
HETATM 932  N N3    . SJP C 2 .  ? 9.743   -15.583 -17.216 1.00 54.20 ? 101 SJP A N3    1 
HETATM 933  N N6    . SJP C 2 .  ? 9.847   -10.122 -4.404  1.00 48.21 ? 101 SJP A N6    1 
HETATM 934  N N7    . SJP C 2 .  ? 10.019  -12.483 -12.331 1.00 52.76 ? 101 SJP A N7    1 
HETATM 935  N N9    . SJP C 2 .  ? 12.062  -11.156 -7.931  1.00 51.85 ? 101 SJP A N9    1 
HETATM 936  O O1    . SJP C 2 .  ? 11.291  -8.512  -8.411  1.00 49.76 ? 101 SJP A O1    1 
HETATM 937  O O11   . SJP C 2 .  ? 9.192   -7.920  -10.267 1.00 50.46 ? 101 SJP A O11   1 
HETATM 938  O O12   . SJP C 2 .  ? 9.088   -9.750  -12.566 1.00 49.82 ? 101 SJP A O12   1 
HETATM 939  O O14   . SJP C 2 .  ? 6.598   -7.116  -11.649 1.00 49.08 ? 101 SJP A O14   1 
HETATM 940  O O16   . SJP C 2 .  ? 9.728   -5.692  -10.813 1.00 53.47 ? 101 SJP A O16   1 
HETATM 941  O O17   . SJP C 2 .  ? 9.964   -3.196  -8.751  1.00 54.86 ? 101 SJP A O17   1 
HETATM 942  O O18   . SJP C 2 .  ? 7.802   -4.911  -12.759 1.00 54.25 ? 101 SJP A O18   1 
HETATM 943  O O19   . SJP C 2 .  ? 8.743   -14.538 -13.266 1.00 55.48 ? 101 SJP A O19   1 
HETATM 944  O O2    . SJP C 2 .  ? 12.173  -13.261 -13.102 1.00 56.75 ? 101 SJP A O2    1 
HETATM 945  O O22   . SJP C 2 .  ? 8.638   -2.651  -13.180 1.00 55.05 ? 101 SJP A O22   1 
HETATM 946  O O5    . SJP C 2 .  ? 10.153  -8.046  -6.362  1.00 48.92 ? 101 SJP A O5    1 
HETATM 947  C C1    . SJP D 2 .  ? -9.981  7.524   6.741   1.00 32.61 ? 101 SJP B C1    1 
HETATM 948  C C10   . SJP D 2 .  ? -10.652 8.006   9.123   1.00 31.63 ? 101 SJP B C10   1 
HETATM 949  C C11   . SJP D 2 .  ? -9.507  8.858   9.732   1.00 32.67 ? 101 SJP B C11   1 
HETATM 950  C C12   . SJP D 2 .  ? -9.478  8.611   11.325  1.00 32.00 ? 101 SJP B C12   1 
HETATM 951  C C13   . SJP D 2 .  ? -7.173  9.048   8.827   1.00 34.35 ? 101 SJP B C13   1 
HETATM 952  C C14   . SJP D 2 .  ? -5.899  8.146   8.762   1.00 37.07 ? 101 SJP B C14   1 
HETATM 953  C C15   . SJP D 2 .  ? -5.090  9.007   7.862   1.00 37.93 ? 101 SJP B C15   1 
HETATM 954  C C16   . SJP D 2 .  ? -6.077  9.393   6.714   1.00 38.45 ? 101 SJP B C16   1 
HETATM 955  C C17   . SJP D 2 .  ? -6.286  8.340   5.581   1.00 39.46 ? 101 SJP B C17   1 
HETATM 956  C C18   . SJP D 2 .  ? -3.606  10.966  8.097   1.00 42.80 ? 101 SJP B C18   1 
HETATM 957  C C19   . SJP D 2 .  ? -2.745  11.642  9.097   1.00 42.84 ? 101 SJP B C19   1 
HETATM 958  C C2    . SJP D 2 .  ? -9.965  8.300   5.401   1.00 30.68 ? 101 SJP B C2    1 
HETATM 959  C C20   . SJP D 2 .  ? -1.673  12.507  8.333   1.00 45.49 ? 101 SJP B C20   1 
HETATM 960  C C21   . SJP D 2 .  ? -2.227  13.546  7.513   1.00 46.52 ? 101 SJP B C21   1 
HETATM 961  C C22   . SJP D 2 .  ? -3.064  12.925  6.497   1.00 47.77 ? 101 SJP B C22   1 
HETATM 962  C C23   . SJP D 2 .  ? -3.730  14.012  5.564   1.00 48.98 ? 101 SJP B C23   1 
HETATM 963  C C24   . SJP D 2 .  ? -10.828 10.529  16.324  1.00 39.19 ? 101 SJP B C24   1 
HETATM 964  C C26   . SJP D 2 .  ? -11.517 10.051  14.116  1.00 35.79 ? 101 SJP B C26   1 
HETATM 965  C C27   . SJP D 2 .  ? -11.196 10.484  17.644  1.00 40.39 ? 101 SJP B C27   1 
HETATM 966  C C28   . SJP D 2 .  ? -11.564 9.609   15.671  1.00 38.05 ? 101 SJP B C28   1 
HETATM 967  C C3    . SJP D 2 .  ? -11.402 8.317   4.740   1.00 32.70 ? 101 SJP B C3    1 
HETATM 968  C C4    . SJP D 2 .  ? -11.863 6.804   4.513   1.00 32.11 ? 101 SJP B C4    1 
HETATM 969  C C5    . SJP D 2 .  ? -11.892 6.088   5.930   1.00 31.55 ? 101 SJP B C5    1 
HETATM 970  C C6    . SJP D 2 .  ? -12.322 4.626   5.799   1.00 31.00 ? 101 SJP B C6    1 
HETATM 971  C C7    . SJP D 2 .  ? -10.847 9.147   11.904  1.00 31.43 ? 101 SJP B C7    1 
HETATM 972  C C8    . SJP D 2 .  ? -11.995 8.223   11.261  1.00 31.91 ? 101 SJP B C8    1 
HETATM 973  C C9    . SJP D 2 .  ? -12.015 8.391   9.703   1.00 32.38 ? 101 SJP B C9    1 
HETATM 974  F F99   . SJP D 2 .  ? -9.413  10.297  16.210  1.00 38.37 ? 101 SJP B F99   1 
HETATM 975  N N19   . SJP D 2 .  ? -3.638  13.699  4.087   1.00 50.20 ? 101 SJP B N19   1 
HETATM 976  N N2    . SJP D 2 .  ? -9.455  9.706   5.657   1.00 32.48 ? 101 SJP B N2    1 
HETATM 977  N N23   . SJP D 2 .  ? -3.437  12.531  9.912   1.00 43.31 ? 101 SJP B N23   1 
HETATM 978  N N3    . SJP D 2 .  ? -10.769 11.234  18.769  1.00 41.71 ? 101 SJP B N3    1 
HETATM 979  N N6    . SJP D 2 .  ? -12.343 3.985   7.053   1.00 34.18 ? 101 SJP B N6    1 
HETATM 980  N N7    . SJP D 2 .  ? -10.917 8.963   13.345  1.00 32.19 ? 101 SJP B N7    1 
HETATM 981  N N9    . SJP D 2 .  ? -13.044 7.525   9.095   1.00 33.77 ? 101 SJP B N9    1 
HETATM 982  O O1    . SJP D 2 .  ? -10.758 8.205   7.723   1.00 32.01 ? 101 SJP B O1    1 
HETATM 983  O O11   . SJP D 2 .  ? -8.247  8.382   9.095   1.00 34.83 ? 101 SJP B O11   1 
HETATM 984  O O12   . SJP D 2 .  ? -8.451  9.363   11.841  1.00 27.24 ? 101 SJP B O12   1 
HETATM 985  O O14   . SJP D 2 .  ? -5.367  8.031   10.037  1.00 35.07 ? 101 SJP B O14   1 
HETATM 986  O O16   . SJP D 2 .  ? -7.193  9.735   7.550   1.00 38.39 ? 101 SJP B O16   1 
HETATM 987  O O17   . SJP D 2 .  ? -6.781  9.057   4.447   1.00 40.97 ? 101 SJP B O17   1 
HETATM 988  O O18   . SJP D 2 .  ? -4.620  10.214  8.651   1.00 40.11 ? 101 SJP B O18   1 
HETATM 989  O O19   . SJP D 2 .  ? -11.056 8.246   15.816  1.00 36.70 ? 101 SJP B O19   1 
HETATM 990  O O2    . SJP D 2 .  ? -11.973 11.114  13.661  1.00 36.69 ? 101 SJP B O2    1 
HETATM 991  O O22   . SJP D 2 .  ? -4.119  12.072  7.144   1.00 45.50 ? 101 SJP B O22   1 
HETATM 992  O O5    . SJP D 2 .  ? -10.514 6.143   6.559   1.00 31.92 ? 101 SJP B O5    1 
HETATM 993  K K     . K   E 3 .  ? -0.480  4.343   4.133   1.00 67.00 ? 102 K   B K     1 
HETATM 994  O O     . HOH F 4 .  ? -10.827 -1.414  10.136  1.00 27.42 ? 201 HOH A O     1 
HETATM 995  O O     . HOH F 4 .  ? -6.833  8.468   13.850  1.00 28.19 ? 202 HOH A O     1 
HETATM 996  O O     . HOH F 4 .  ? -3.220  2.741   3.758   1.00 26.66 ? 203 HOH A O     1 
HETATM 997  O O     . HOH F 4 .  ? -5.464  3.135   16.906  1.00 28.15 ? 204 HOH A O     1 
HETATM 998  O O     . HOH F 4 .  ? -6.825  -0.217  15.366  1.00 45.12 ? 205 HOH A O     1 
HETATM 999  O O     . HOH F 4 .  ? -12.848 1.432   5.953   1.00 37.67 ? 206 HOH A O     1 
HETATM 1000 O O     . HOH F 4 .  ? 6.724   -7.222  -14.655 1.00 39.41 ? 207 HOH A O     1 
HETATM 1001 O O     . HOH F 4 .  ? -5.766  12.048  13.654  1.00 33.07 ? 208 HOH A O     1 
HETATM 1002 O O     . HOH F 4 .  ? -13.176 -1.269  2.864   1.00 47.68 ? 209 HOH A O     1 
HETATM 1003 O O     . HOH F 4 .  ? -2.729  17.933  20.520  1.00 44.90 ? 210 HOH A O     1 
HETATM 1004 O O     . HOH F 4 .  ? -2.162  9.705   12.781  1.00 37.96 ? 211 HOH A O     1 
HETATM 1005 O O     . HOH F 4 .  ? -13.708 -1.041  7.360   1.00 35.49 ? 212 HOH A O     1 
HETATM 1006 O O     . HOH F 4 .  ? -0.780  1.202   3.447   1.00 43.37 ? 213 HOH A O     1 
HETATM 1007 O O     . HOH F 4 .  ? -13.929 -1.070  0.344   1.00 44.24 ? 214 HOH A O     1 
HETATM 1008 O O     . HOH F 4 .  ? 13.515  -3.441  -8.255  1.00 44.65 ? 215 HOH A O     1 
HETATM 1009 O O     . HOH F 4 .  ? -5.422  4.848   8.040   1.00 33.54 ? 216 HOH A O     1 
HETATM 1010 O O     . HOH F 4 .  ? -4.125  -3.897  -5.816  1.00 44.22 ? 217 HOH A O     1 
HETATM 1011 O O     . HOH F 4 .  ? -0.892  -0.440  -1.317  1.00 30.63 ? 218 HOH A O     1 
HETATM 1012 O O     . HOH F 4 .  ? 18.224  -2.172  -9.255  1.00 46.46 ? 219 HOH A O     1 
HETATM 1013 O O     . HOH F 4 .  ? 1.418   2.667   5.994   1.00 51.66 ? 220 HOH A O     1 
HETATM 1014 O O     . HOH F 4 .  ? 5.936   -17.258 -4.598  1.00 58.51 ? 221 HOH A O     1 
HETATM 1015 O O     . HOH F 4 .  ? -5.761  -3.194  1.214   1.00 45.25 ? 222 HOH A O     1 
HETATM 1016 O O     . HOH F 4 .  ? -2.381  7.653   10.172  1.00 47.69 ? 223 HOH A O     1 
HETATM 1017 O O     . HOH F 4 .  ? 12.040  -3.554  -12.001 1.00 52.93 ? 224 HOH A O     1 
HETATM 1018 O O     . HOH F 4 .  ? 5.869   8.031   10.716  1.00 41.32 ? 225 HOH A O     1 
HETATM 1019 O O     . HOH G 4 .  ? -2.153  9.151   21.974  1.00 38.17 ? 201 HOH B O     1 
HETATM 1020 O O     . HOH G 4 .  ? -11.951 11.290  6.806   1.00 27.84 ? 202 HOH B O     1 
HETATM 1021 O O     . HOH G 4 .  ? 6.903   -10.122 -13.769 1.00 37.05 ? 203 HOH B O     1 
HETATM 1022 O O     . HOH G 4 .  ? -14.728 5.391   7.578   1.00 30.37 ? 204 HOH B O     1 
HETATM 1023 O O     . HOH G 4 .  ? -12.430 -0.592  12.526  1.00 34.44 ? 205 HOH B O     1 
HETATM 1024 O O     . HOH G 4 .  ? -5.047  10.105  11.969  1.00 35.07 ? 206 HOH B O     1 
HETATM 1025 O O     . HOH G 4 .  ? -7.729  -0.099  18.793  1.00 37.22 ? 207 HOH B O     1 
HETATM 1026 O O     . HOH G 4 .  ? 2.687   9.383   -5.304  1.00 32.42 ? 208 HOH B O     1 
HETATM 1027 O O     . HOH G 4 .  ? -9.386  11.115  3.458   1.00 39.06 ? 209 HOH B O     1 
HETATM 1028 O O     . HOH G 4 .  ? -13.820 11.978  -2.666  1.00 40.57 ? 210 HOH B O     1 
HETATM 1029 O O     . HOH G 4 .  ? -10.115 -1.420  14.263  1.00 38.79 ? 211 HOH B O     1 
HETATM 1030 O O     . HOH G 4 .  ? -0.768  11.832  20.962  1.00 46.54 ? 212 HOH B O     1 
HETATM 1031 O O     . HOH G 4 .  ? -10.959 14.782  0.906   1.00 35.60 ? 213 HOH B O     1 
HETATM 1032 O O     . HOH G 4 .  ? -2.393  15.679  22.014  1.00 40.30 ? 214 HOH B O     1 
HETATM 1033 O O     . HOH G 4 .  ? 2.879   -2.041  -0.772  1.00 46.06 ? 215 HOH B O     1 
HETATM 1034 O O     . HOH G 4 .  ? -7.372  12.505  6.080   1.00 38.38 ? 216 HOH B O     1 
HETATM 1035 O O     . HOH G 4 .  ? -8.368  12.326  -4.528  1.00 46.03 ? 217 HOH B O     1 
HETATM 1036 O O     . HOH G 4 .  ? -16.838 11.964  -0.176  1.00 40.43 ? 218 HOH B O     1 
HETATM 1037 O O     . HOH G 4 .  ? -16.939 4.025   8.874   1.00 37.55 ? 219 HOH B O     1 
HETATM 1038 O O     . HOH G 4 .  ? -12.847 1.570   1.203   1.00 36.20 ? 220 HOH B O     1 
HETATM 1039 O O     . HOH G 4 .  ? -18.986 13.147  2.053   1.00 29.32 ? 221 HOH B O     1 
HETATM 1040 O O     . HOH G 4 .  ? 1.803   14.645  -1.268  1.00 43.54 ? 222 HOH B O     1 
HETATM 1041 O O     . HOH G 4 .  ? -10.335 14.253  -2.772  1.00 47.47 ? 223 HOH B O     1 
HETATM 1042 O O     . HOH G 4 .  ? -20.141 11.133  0.185   1.00 40.37 ? 224 HOH B O     1 
HETATM 1043 O O     . HOH G 4 .  ? -2.591  16.119  -1.875  1.00 40.12 ? 225 HOH B O     1 
HETATM 1044 O O     . HOH G 4 .  ? -15.413 14.112  -0.222  1.00 39.84 ? 226 HOH B O     1 
HETATM 1045 O O     . HOH G 4 .  ? 12.026  -13.843 -18.210 1.00 34.63 ? 227 HOH B O     1 
HETATM 1046 O O     . HOH G 4 .  ? 2.828   -2.165  -4.256  1.00 45.16 ? 228 HOH B O     1 
HETATM 1047 O O     . HOH G 4 .  ? 1.279   2.905   1.985   1.00 58.14 ? 229 HOH B O     1 
# 
